data_6M5I
# 
_entry.id   6M5I 
# 
_audit_conform.dict_name       mmcif_pdbx.dic 
_audit_conform.dict_version    5.398 
_audit_conform.dict_location   http://mmcif.pdb.org/dictionaries/ascii/mmcif_pdbx.dic 
# 
loop_
_database_2.database_id 
_database_2.database_code 
_database_2.pdbx_database_accession 
_database_2.pdbx_DOI 
PDB   6M5I         pdb_00006m5i 10.2210/pdb6m5i/pdb 
WWPDB D_1300016112 ?            ?                   
# 
loop_
_pdbx_audit_revision_history.ordinal 
_pdbx_audit_revision_history.data_content_type 
_pdbx_audit_revision_history.major_revision 
_pdbx_audit_revision_history.minor_revision 
_pdbx_audit_revision_history.revision_date 
1 'Structure model' 1 0 2020-06-17 
2 'Structure model' 1 1 2021-03-10 
3 'Structure model' 1 2 2023-11-29 
4 'Structure model' 1 3 2024-11-20 
# 
_pdbx_audit_revision_details.ordinal             1 
_pdbx_audit_revision_details.revision_ordinal    1 
_pdbx_audit_revision_details.data_content_type   'Structure model' 
_pdbx_audit_revision_details.provider            repository 
_pdbx_audit_revision_details.type                'Initial release' 
_pdbx_audit_revision_details.description         ? 
_pdbx_audit_revision_details.details             ? 
# 
loop_
_pdbx_audit_revision_group.ordinal 
_pdbx_audit_revision_group.revision_ordinal 
_pdbx_audit_revision_group.data_content_type 
_pdbx_audit_revision_group.group 
1 2 'Structure model' 'Structure summary'      
2 3 'Structure model' 'Data collection'        
3 3 'Structure model' 'Database references'    
4 3 'Structure model' 'Refinement description' 
5 4 'Structure model' 'Structure summary'      
# 
loop_
_pdbx_audit_revision_category.ordinal 
_pdbx_audit_revision_category.revision_ordinal 
_pdbx_audit_revision_category.data_content_type 
_pdbx_audit_revision_category.category 
1 2 'Structure model' entity                        
2 2 'Structure model' entity_name_com               
3 3 'Structure model' chem_comp_atom                
4 3 'Structure model' chem_comp_bond                
5 3 'Structure model' database_2                    
6 3 'Structure model' pdbx_initial_refinement_model 
7 4 'Structure model' pdbx_entry_details            
8 4 'Structure model' pdbx_modification_feature     
# 
loop_
_pdbx_audit_revision_item.ordinal 
_pdbx_audit_revision_item.revision_ordinal 
_pdbx_audit_revision_item.data_content_type 
_pdbx_audit_revision_item.item 
1 2 'Structure model' '_entity.pdbx_description'            
2 2 'Structure model' '_entity.pdbx_ec'                     
3 2 'Structure model' '_entity_name_com.name'               
4 3 'Structure model' '_database_2.pdbx_DOI'                
5 3 'Structure model' '_database_2.pdbx_database_accession' 
# 
_pdbx_database_status.status_code                     REL 
_pdbx_database_status.status_code_sf                  REL 
_pdbx_database_status.status_code_mr                  ? 
_pdbx_database_status.entry_id                        6M5I 
_pdbx_database_status.recvd_initial_deposition_date   2020-03-10 
_pdbx_database_status.SG_entry                        N 
_pdbx_database_status.deposit_site                    PDBJ 
_pdbx_database_status.process_site                    PDBJ 
_pdbx_database_status.status_code_cs                  ? 
_pdbx_database_status.status_code_nmr_data            ? 
_pdbx_database_status.methods_development_category    ? 
_pdbx_database_status.pdb_format_compatible           Y 
# 
loop_
_audit_author.name 
_audit_author.pdbx_ordinal 
_audit_author.identifier_ORCID 
'Yan, L.M.' 1 ? 
'Ge, J.'    2 ? 
'Zhao, Y.'  3 ? 
'Lou, Z.Y.' 4 ? 
'Rao, Z.H.' 5 ? 
# 
_citation.abstract                  ? 
_citation.abstract_id_CAS           ? 
_citation.book_id_ISBN              ? 
_citation.book_publisher            ? 
_citation.book_publisher_city       ? 
_citation.book_title                ? 
_citation.coordinate_linkage        ? 
_citation.country                   ? 
_citation.database_id_Medline       ? 
_citation.details                   ? 
_citation.id                        primary 
_citation.journal_abbrev            'To Be Published' 
_citation.journal_id_ASTM           ? 
_citation.journal_id_CSD            0353 
_citation.journal_id_ISSN           ? 
_citation.journal_full              ? 
_citation.journal_issue             ? 
_citation.journal_volume            ? 
_citation.language                  ? 
_citation.page_first                ? 
_citation.page_last                 ? 
_citation.title                     'Crystal structure of 2019-nCoV nsp7-nsp8c complex' 
_citation.year                      ? 
_citation.database_id_CSD           ? 
_citation.pdbx_database_id_DOI      ? 
_citation.pdbx_database_id_PubMed   ? 
_citation.unpublished_flag          ? 
# 
loop_
_citation_author.citation_id 
_citation_author.name 
_citation_author.ordinal 
_citation_author.identifier_ORCID 
primary 'Yan, L.M.' 1 ? 
primary 'Ge, J.'    2 ? 
primary 'Lou, Z.Y.' 3 ? 
primary 'Rao, Z.H.' 4 ? 
# 
loop_
_entity.id 
_entity.type 
_entity.src_method 
_entity.pdbx_description 
_entity.formula_weight 
_entity.pdbx_number_of_molecules 
_entity.pdbx_ec 
_entity.pdbx_mutation 
_entity.pdbx_fragment 
_entity.details 
1 polymer man 'Non-structural protein 8' 21903.047 1  ? ? ? ? 
2 polymer man 'Non-structural protein 7' 9120.675  1  ? ? ? ? 
3 water   nat water                      18.015    33 ? ? ? ? 
# 
loop_
_entity_name_com.entity_id 
_entity_name_com.name 
1 'pp1a,ORF1a polyprotein,nsp8,SARS-CoV-2 nsp8' 
2 'pp1a,ORF1a polyprotein,nsp7,SARS-CoV-2 nsp7' 
# 
loop_
_entity_poly.entity_id 
_entity_poly.type 
_entity_poly.nstd_linkage 
_entity_poly.nstd_monomer 
_entity_poly.pdbx_seq_one_letter_code 
_entity_poly.pdbx_seq_one_letter_code_can 
_entity_poly.pdbx_strand_id 
_entity_poly.pdbx_target_identifier 
1 'polypeptide(L)' no no 
;AIASEFSSLPSYAAFATAQEAYEQAVANGDSEVVLKKLKKSLNVAKSEFDRDAAMQRKLEKMADQAMTQMYKQARSEDKR
AKVTSAMQTMLFTMLRKLDNDALNNIINNARDGCVPLNIIPLTTAAKLMVVIPDYNTYKNTCDGTTFTYASALWEIQQVV
DADSKIVQLSEISMDNSPNLAWPLIVTALRANSAVKLQ
;
;AIASEFSSLPSYAAFATAQEAYEQAVANGDSEVVLKKLKKSLNVAKSEFDRDAAMQRKLEKMADQAMTQMYKQARSEDKR
AKVTSAMQTMLFTMLRKLDNDALNNIINNARDGCVPLNIIPLTTAAKLMVVIPDYNTYKNTCDGTTFTYASALWEIQQVV
DADSKIVQLSEISMDNSPNLAWPLIVTALRANSAVKLQ
;
B ? 
2 'polypeptide(L)' no no 
;SKMSDVKCTSVVLLSVLQQLRVESSSKLWAQCVQLHNDILLAKDTTEAFEKMVSLLSVLLSMQGAVDINKLCEEMLDNRA
TL
;
;SKMSDVKCTSVVLLSVLQQLRVESSSKLWAQCVQLHNDILLAKDTTEAFEKMVSLLSVLLSMQGAVDINKLCEEMLDNRA
TL
;
A ? 
# 
_pdbx_entity_nonpoly.entity_id   3 
_pdbx_entity_nonpoly.name        water 
_pdbx_entity_nonpoly.comp_id     HOH 
# 
loop_
_entity_poly_seq.entity_id 
_entity_poly_seq.num 
_entity_poly_seq.mon_id 
_entity_poly_seq.hetero 
1 1   ALA n 
1 2   ILE n 
1 3   ALA n 
1 4   SER n 
1 5   GLU n 
1 6   PHE n 
1 7   SER n 
1 8   SER n 
1 9   LEU n 
1 10  PRO n 
1 11  SER n 
1 12  TYR n 
1 13  ALA n 
1 14  ALA n 
1 15  PHE n 
1 16  ALA n 
1 17  THR n 
1 18  ALA n 
1 19  GLN n 
1 20  GLU n 
1 21  ALA n 
1 22  TYR n 
1 23  GLU n 
1 24  GLN n 
1 25  ALA n 
1 26  VAL n 
1 27  ALA n 
1 28  ASN n 
1 29  GLY n 
1 30  ASP n 
1 31  SER n 
1 32  GLU n 
1 33  VAL n 
1 34  VAL n 
1 35  LEU n 
1 36  LYS n 
1 37  LYS n 
1 38  LEU n 
1 39  LYS n 
1 40  LYS n 
1 41  SER n 
1 42  LEU n 
1 43  ASN n 
1 44  VAL n 
1 45  ALA n 
1 46  LYS n 
1 47  SER n 
1 48  GLU n 
1 49  PHE n 
1 50  ASP n 
1 51  ARG n 
1 52  ASP n 
1 53  ALA n 
1 54  ALA n 
1 55  MET n 
1 56  GLN n 
1 57  ARG n 
1 58  LYS n 
1 59  LEU n 
1 60  GLU n 
1 61  LYS n 
1 62  MET n 
1 63  ALA n 
1 64  ASP n 
1 65  GLN n 
1 66  ALA n 
1 67  MET n 
1 68  THR n 
1 69  GLN n 
1 70  MET n 
1 71  TYR n 
1 72  LYS n 
1 73  GLN n 
1 74  ALA n 
1 75  ARG n 
1 76  SER n 
1 77  GLU n 
1 78  ASP n 
1 79  LYS n 
1 80  ARG n 
1 81  ALA n 
1 82  LYS n 
1 83  VAL n 
1 84  THR n 
1 85  SER n 
1 86  ALA n 
1 87  MET n 
1 88  GLN n 
1 89  THR n 
1 90  MET n 
1 91  LEU n 
1 92  PHE n 
1 93  THR n 
1 94  MET n 
1 95  LEU n 
1 96  ARG n 
1 97  LYS n 
1 98  LEU n 
1 99  ASP n 
1 100 ASN n 
1 101 ASP n 
1 102 ALA n 
1 103 LEU n 
1 104 ASN n 
1 105 ASN n 
1 106 ILE n 
1 107 ILE n 
1 108 ASN n 
1 109 ASN n 
1 110 ALA n 
1 111 ARG n 
1 112 ASP n 
1 113 GLY n 
1 114 CYS n 
1 115 VAL n 
1 116 PRO n 
1 117 LEU n 
1 118 ASN n 
1 119 ILE n 
1 120 ILE n 
1 121 PRO n 
1 122 LEU n 
1 123 THR n 
1 124 THR n 
1 125 ALA n 
1 126 ALA n 
1 127 LYS n 
1 128 LEU n 
1 129 MET n 
1 130 VAL n 
1 131 VAL n 
1 132 ILE n 
1 133 PRO n 
1 134 ASP n 
1 135 TYR n 
1 136 ASN n 
1 137 THR n 
1 138 TYR n 
1 139 LYS n 
1 140 ASN n 
1 141 THR n 
1 142 CYS n 
1 143 ASP n 
1 144 GLY n 
1 145 THR n 
1 146 THR n 
1 147 PHE n 
1 148 THR n 
1 149 TYR n 
1 150 ALA n 
1 151 SER n 
1 152 ALA n 
1 153 LEU n 
1 154 TRP n 
1 155 GLU n 
1 156 ILE n 
1 157 GLN n 
1 158 GLN n 
1 159 VAL n 
1 160 VAL n 
1 161 ASP n 
1 162 ALA n 
1 163 ASP n 
1 164 SER n 
1 165 LYS n 
1 166 ILE n 
1 167 VAL n 
1 168 GLN n 
1 169 LEU n 
1 170 SER n 
1 171 GLU n 
1 172 ILE n 
1 173 SER n 
1 174 MET n 
1 175 ASP n 
1 176 ASN n 
1 177 SER n 
1 178 PRO n 
1 179 ASN n 
1 180 LEU n 
1 181 ALA n 
1 182 TRP n 
1 183 PRO n 
1 184 LEU n 
1 185 ILE n 
1 186 VAL n 
1 187 THR n 
1 188 ALA n 
1 189 LEU n 
1 190 ARG n 
1 191 ALA n 
1 192 ASN n 
1 193 SER n 
1 194 ALA n 
1 195 VAL n 
1 196 LYS n 
1 197 LEU n 
1 198 GLN n 
2 1   SER n 
2 2   LYS n 
2 3   MET n 
2 4   SER n 
2 5   ASP n 
2 6   VAL n 
2 7   LYS n 
2 8   CYS n 
2 9   THR n 
2 10  SER n 
2 11  VAL n 
2 12  VAL n 
2 13  LEU n 
2 14  LEU n 
2 15  SER n 
2 16  VAL n 
2 17  LEU n 
2 18  GLN n 
2 19  GLN n 
2 20  LEU n 
2 21  ARG n 
2 22  VAL n 
2 23  GLU n 
2 24  SER n 
2 25  SER n 
2 26  SER n 
2 27  LYS n 
2 28  LEU n 
2 29  TRP n 
2 30  ALA n 
2 31  GLN n 
2 32  CYS n 
2 33  VAL n 
2 34  GLN n 
2 35  LEU n 
2 36  HIS n 
2 37  ASN n 
2 38  ASP n 
2 39  ILE n 
2 40  LEU n 
2 41  LEU n 
2 42  ALA n 
2 43  LYS n 
2 44  ASP n 
2 45  THR n 
2 46  THR n 
2 47  GLU n 
2 48  ALA n 
2 49  PHE n 
2 50  GLU n 
2 51  LYS n 
2 52  MET n 
2 53  VAL n 
2 54  SER n 
2 55  LEU n 
2 56  LEU n 
2 57  SER n 
2 58  VAL n 
2 59  LEU n 
2 60  LEU n 
2 61  SER n 
2 62  MET n 
2 63  GLN n 
2 64  GLY n 
2 65  ALA n 
2 66  VAL n 
2 67  ASP n 
2 68  ILE n 
2 69  ASN n 
2 70  LYS n 
2 71  LEU n 
2 72  CYS n 
2 73  GLU n 
2 74  GLU n 
2 75  MET n 
2 76  LEU n 
2 77  ASP n 
2 78  ASN n 
2 79  ARG n 
2 80  ALA n 
2 81  THR n 
2 82  LEU n 
# 
loop_
_entity_src_gen.entity_id 
_entity_src_gen.pdbx_src_id 
_entity_src_gen.pdbx_alt_source_flag 
_entity_src_gen.pdbx_seq_type 
_entity_src_gen.pdbx_beg_seq_num 
_entity_src_gen.pdbx_end_seq_num 
_entity_src_gen.gene_src_common_name 
_entity_src_gen.gene_src_genus 
_entity_src_gen.pdbx_gene_src_gene 
_entity_src_gen.gene_src_species 
_entity_src_gen.gene_src_strain 
_entity_src_gen.gene_src_tissue 
_entity_src_gen.gene_src_tissue_fraction 
_entity_src_gen.gene_src_details 
_entity_src_gen.pdbx_gene_src_fragment 
_entity_src_gen.pdbx_gene_src_scientific_name 
_entity_src_gen.pdbx_gene_src_ncbi_taxonomy_id 
_entity_src_gen.pdbx_gene_src_variant 
_entity_src_gen.pdbx_gene_src_cell_line 
_entity_src_gen.pdbx_gene_src_atcc 
_entity_src_gen.pdbx_gene_src_organ 
_entity_src_gen.pdbx_gene_src_organelle 
_entity_src_gen.pdbx_gene_src_cell 
_entity_src_gen.pdbx_gene_src_cellular_location 
_entity_src_gen.host_org_common_name 
_entity_src_gen.pdbx_host_org_scientific_name 
_entity_src_gen.pdbx_host_org_ncbi_taxonomy_id 
_entity_src_gen.host_org_genus 
_entity_src_gen.pdbx_host_org_gene 
_entity_src_gen.pdbx_host_org_organ 
_entity_src_gen.host_org_species 
_entity_src_gen.pdbx_host_org_tissue 
_entity_src_gen.pdbx_host_org_tissue_fraction 
_entity_src_gen.pdbx_host_org_strain 
_entity_src_gen.pdbx_host_org_variant 
_entity_src_gen.pdbx_host_org_cell_line 
_entity_src_gen.pdbx_host_org_atcc 
_entity_src_gen.pdbx_host_org_culture_collection 
_entity_src_gen.pdbx_host_org_cell 
_entity_src_gen.pdbx_host_org_organelle 
_entity_src_gen.pdbx_host_org_cellular_location 
_entity_src_gen.pdbx_host_org_vector_type 
_entity_src_gen.pdbx_host_org_vector 
_entity_src_gen.host_org_details 
_entity_src_gen.expression_system_id 
_entity_src_gen.plasmid_name 
_entity_src_gen.plasmid_details 
_entity_src_gen.pdbx_description 
1 1 sample 'Biological sequence' 1 198 2019-nCoV ? ? ? ? ? ? ? ? 'Severe acute respiratory syndrome coronavirus 2' 2697049 ? ? ? ? 
? ? ? ? 'Escherichia coli' 562 ? ? ? ? ? ? ? ? ? ? ? ? ? ? ? ? ? ? ? ? ? 
2 1 sample 'Biological sequence' 1 82  2019-nCoV ? ? ? ? ? ? ? ? 'Severe acute respiratory syndrome coronavirus 2' 2697049 ? ? ? ? 
? ? ? ? 'Escherichia coli' 562 ? ? ? ? ? ? ? ? ? ? ? ? ? ? ? ? ? ? ? ? ? 
# 
loop_
_chem_comp.id 
_chem_comp.type 
_chem_comp.mon_nstd_flag 
_chem_comp.name 
_chem_comp.pdbx_synonyms 
_chem_comp.formula 
_chem_comp.formula_weight 
ALA 'L-peptide linking' y ALANINE         ? 'C3 H7 N O2'     89.093  
ARG 'L-peptide linking' y ARGININE        ? 'C6 H15 N4 O2 1' 175.209 
ASN 'L-peptide linking' y ASPARAGINE      ? 'C4 H8 N2 O3'    132.118 
ASP 'L-peptide linking' y 'ASPARTIC ACID' ? 'C4 H7 N O4'     133.103 
CYS 'L-peptide linking' y CYSTEINE        ? 'C3 H7 N O2 S'   121.158 
GLN 'L-peptide linking' y GLUTAMINE       ? 'C5 H10 N2 O3'   146.144 
GLU 'L-peptide linking' y 'GLUTAMIC ACID' ? 'C5 H9 N O4'     147.129 
GLY 'peptide linking'   y GLYCINE         ? 'C2 H5 N O2'     75.067  
HIS 'L-peptide linking' y HISTIDINE       ? 'C6 H10 N3 O2 1' 156.162 
HOH non-polymer         . WATER           ? 'H2 O'           18.015  
ILE 'L-peptide linking' y ISOLEUCINE      ? 'C6 H13 N O2'    131.173 
LEU 'L-peptide linking' y LEUCINE         ? 'C6 H13 N O2'    131.173 
LYS 'L-peptide linking' y LYSINE          ? 'C6 H15 N2 O2 1' 147.195 
MET 'L-peptide linking' y METHIONINE      ? 'C5 H11 N O2 S'  149.211 
PHE 'L-peptide linking' y PHENYLALANINE   ? 'C9 H11 N O2'    165.189 
PRO 'L-peptide linking' y PROLINE         ? 'C5 H9 N O2'     115.130 
SER 'L-peptide linking' y SERINE          ? 'C3 H7 N O3'     105.093 
THR 'L-peptide linking' y THREONINE       ? 'C4 H9 N O3'     119.119 
TRP 'L-peptide linking' y TRYPTOPHAN      ? 'C11 H12 N2 O2'  204.225 
TYR 'L-peptide linking' y TYROSINE        ? 'C9 H11 N O3'    181.189 
VAL 'L-peptide linking' y VALINE          ? 'C5 H11 N O2'    117.146 
# 
loop_
_pdbx_poly_seq_scheme.asym_id 
_pdbx_poly_seq_scheme.entity_id 
_pdbx_poly_seq_scheme.seq_id 
_pdbx_poly_seq_scheme.mon_id 
_pdbx_poly_seq_scheme.ndb_seq_num 
_pdbx_poly_seq_scheme.pdb_seq_num 
_pdbx_poly_seq_scheme.auth_seq_num 
_pdbx_poly_seq_scheme.pdb_mon_id 
_pdbx_poly_seq_scheme.auth_mon_id 
_pdbx_poly_seq_scheme.pdb_strand_id 
_pdbx_poly_seq_scheme.pdb_ins_code 
_pdbx_poly_seq_scheme.hetero 
A 1 1   ALA 1   6   ?   ?   ?   B . n 
A 1 2   ILE 2   7   ?   ?   ?   B . n 
A 1 3   ALA 3   8   ?   ?   ?   B . n 
A 1 4   SER 4   9   ?   ?   ?   B . n 
A 1 5   GLU 5   10  ?   ?   ?   B . n 
A 1 6   PHE 6   11  ?   ?   ?   B . n 
A 1 7   SER 7   12  ?   ?   ?   B . n 
A 1 8   SER 8   13  ?   ?   ?   B . n 
A 1 9   LEU 9   14  ?   ?   ?   B . n 
A 1 10  PRO 10  15  ?   ?   ?   B . n 
A 1 11  SER 11  16  ?   ?   ?   B . n 
A 1 12  TYR 12  17  ?   ?   ?   B . n 
A 1 13  ALA 13  18  ?   ?   ?   B . n 
A 1 14  ALA 14  19  ?   ?   ?   B . n 
A 1 15  PHE 15  20  ?   ?   ?   B . n 
A 1 16  ALA 16  21  ?   ?   ?   B . n 
A 1 17  THR 17  22  ?   ?   ?   B . n 
A 1 18  ALA 18  23  ?   ?   ?   B . n 
A 1 19  GLN 19  24  ?   ?   ?   B . n 
A 1 20  GLU 20  25  ?   ?   ?   B . n 
A 1 21  ALA 21  26  ?   ?   ?   B . n 
A 1 22  TYR 22  27  ?   ?   ?   B . n 
A 1 23  GLU 23  28  ?   ?   ?   B . n 
A 1 24  GLN 24  29  ?   ?   ?   B . n 
A 1 25  ALA 25  30  ?   ?   ?   B . n 
A 1 26  VAL 26  31  ?   ?   ?   B . n 
A 1 27  ALA 27  32  ?   ?   ?   B . n 
A 1 28  ASN 28  33  ?   ?   ?   B . n 
A 1 29  GLY 29  34  ?   ?   ?   B . n 
A 1 30  ASP 30  35  ?   ?   ?   B . n 
A 1 31  SER 31  36  ?   ?   ?   B . n 
A 1 32  GLU 32  37  ?   ?   ?   B . n 
A 1 33  VAL 33  38  ?   ?   ?   B . n 
A 1 34  VAL 34  39  ?   ?   ?   B . n 
A 1 35  LEU 35  40  ?   ?   ?   B . n 
A 1 36  LYS 36  41  ?   ?   ?   B . n 
A 1 37  LYS 37  42  ?   ?   ?   B . n 
A 1 38  LEU 38  43  ?   ?   ?   B . n 
A 1 39  LYS 39  44  ?   ?   ?   B . n 
A 1 40  LYS 40  45  ?   ?   ?   B . n 
A 1 41  SER 41  46  ?   ?   ?   B . n 
A 1 42  LEU 42  47  ?   ?   ?   B . n 
A 1 43  ASN 43  48  ?   ?   ?   B . n 
A 1 44  VAL 44  49  ?   ?   ?   B . n 
A 1 45  ALA 45  50  ?   ?   ?   B . n 
A 1 46  LYS 46  51  ?   ?   ?   B . n 
A 1 47  SER 47  52  ?   ?   ?   B . n 
A 1 48  GLU 48  53  ?   ?   ?   B . n 
A 1 49  PHE 49  54  ?   ?   ?   B . n 
A 1 50  ASP 50  55  ?   ?   ?   B . n 
A 1 51  ARG 51  56  ?   ?   ?   B . n 
A 1 52  ASP 52  57  ?   ?   ?   B . n 
A 1 53  ALA 53  58  ?   ?   ?   B . n 
A 1 54  ALA 54  59  ?   ?   ?   B . n 
A 1 55  MET 55  60  ?   ?   ?   B . n 
A 1 56  GLN 56  61  ?   ?   ?   B . n 
A 1 57  ARG 57  62  ?   ?   ?   B . n 
A 1 58  LYS 58  63  ?   ?   ?   B . n 
A 1 59  LEU 59  64  ?   ?   ?   B . n 
A 1 60  GLU 60  65  ?   ?   ?   B . n 
A 1 61  LYS 61  66  ?   ?   ?   B . n 
A 1 62  MET 62  67  ?   ?   ?   B . n 
A 1 63  ALA 63  68  ?   ?   ?   B . n 
A 1 64  ASP 64  69  ?   ?   ?   B . n 
A 1 65  GLN 65  70  ?   ?   ?   B . n 
A 1 66  ALA 66  71  ?   ?   ?   B . n 
A 1 67  MET 67  72  ?   ?   ?   B . n 
A 1 68  THR 68  73  ?   ?   ?   B . n 
A 1 69  GLN 69  74  ?   ?   ?   B . n 
A 1 70  MET 70  75  ?   ?   ?   B . n 
A 1 71  TYR 71  76  ?   ?   ?   B . n 
A 1 72  LYS 72  77  ?   ?   ?   B . n 
A 1 73  GLN 73  78  ?   ?   ?   B . n 
A 1 74  ALA 74  79  ?   ?   ?   B . n 
A 1 75  ARG 75  80  ?   ?   ?   B . n 
A 1 76  SER 76  81  ?   ?   ?   B . n 
A 1 77  GLU 77  82  82  GLU GLU B . n 
A 1 78  ASP 78  83  83  ASP ASP B . n 
A 1 79  LYS 79  84  84  LYS LYS B . n 
A 1 80  ARG 80  85  85  ARG ARG B . n 
A 1 81  ALA 81  86  86  ALA ALA B . n 
A 1 82  LYS 82  87  87  LYS LYS B . n 
A 1 83  VAL 83  88  88  VAL VAL B . n 
A 1 84  THR 84  89  89  THR THR B . n 
A 1 85  SER 85  90  90  SER SER B . n 
A 1 86  ALA 86  91  91  ALA ALA B . n 
A 1 87  MET 87  92  92  MET MET B . n 
A 1 88  GLN 88  93  93  GLN GLN B . n 
A 1 89  THR 89  94  94  THR THR B . n 
A 1 90  MET 90  95  95  MET MET B . n 
A 1 91  LEU 91  96  96  LEU LEU B . n 
A 1 92  PHE 92  97  97  PHE PHE B . n 
A 1 93  THR 93  98  98  THR THR B . n 
A 1 94  MET 94  99  99  MET MET B . n 
A 1 95  LEU 95  100 100 LEU LEU B . n 
A 1 96  ARG 96  101 101 ARG ARG B . n 
A 1 97  LYS 97  102 102 LYS LYS B . n 
A 1 98  LEU 98  103 103 LEU LEU B . n 
A 1 99  ASP 99  104 104 ASP ASP B . n 
A 1 100 ASN 100 105 105 ASN ASN B . n 
A 1 101 ASP 101 106 106 ASP ASP B . n 
A 1 102 ALA 102 107 107 ALA ALA B . n 
A 1 103 LEU 103 108 108 LEU LEU B . n 
A 1 104 ASN 104 109 109 ASN ASN B . n 
A 1 105 ASN 105 110 110 ASN ASN B . n 
A 1 106 ILE 106 111 111 ILE ILE B . n 
A 1 107 ILE 107 112 112 ILE ILE B . n 
A 1 108 ASN 108 113 113 ASN ASN B . n 
A 1 109 ASN 109 114 114 ASN ASN B . n 
A 1 110 ALA 110 115 115 ALA ALA B . n 
A 1 111 ARG 111 116 116 ARG ARG B . n 
A 1 112 ASP 112 117 117 ASP ASP B . n 
A 1 113 GLY 113 118 118 GLY GLY B . n 
A 1 114 CYS 114 119 119 CYS CYS B . n 
A 1 115 VAL 115 120 120 VAL VAL B . n 
A 1 116 PRO 116 121 121 PRO PRO B . n 
A 1 117 LEU 117 122 122 LEU LEU B . n 
A 1 118 ASN 118 123 123 ASN ASN B . n 
A 1 119 ILE 119 124 124 ILE ILE B . n 
A 1 120 ILE 120 125 125 ILE ILE B . n 
A 1 121 PRO 121 126 126 PRO PRO B . n 
A 1 122 LEU 122 127 127 LEU LEU B . n 
A 1 123 THR 123 128 128 THR THR B . n 
A 1 124 THR 124 129 129 THR THR B . n 
A 1 125 ALA 125 130 130 ALA ALA B . n 
A 1 126 ALA 126 131 131 ALA ALA B . n 
A 1 127 LYS 127 132 132 LYS LYS B . n 
A 1 128 LEU 128 133 133 LEU LEU B . n 
A 1 129 MET 129 134 134 MET MET B . n 
A 1 130 VAL 130 135 135 VAL VAL B . n 
A 1 131 VAL 131 136 136 VAL VAL B . n 
A 1 132 ILE 132 137 137 ILE ILE B . n 
A 1 133 PRO 133 138 138 PRO PRO B . n 
A 1 134 ASP 134 139 139 ASP ASP B . n 
A 1 135 TYR 135 140 140 TYR TYR B . n 
A 1 136 ASN 136 141 141 ASN ASN B . n 
A 1 137 THR 137 142 142 THR THR B . n 
A 1 138 TYR 138 143 143 TYR TYR B . n 
A 1 139 LYS 139 144 144 LYS LYS B . n 
A 1 140 ASN 140 145 145 ASN ASN B . n 
A 1 141 THR 141 146 146 THR THR B . n 
A 1 142 CYS 142 147 147 CYS CYS B . n 
A 1 143 ASP 143 148 148 ASP ASP B . n 
A 1 144 GLY 144 149 149 GLY GLY B . n 
A 1 145 THR 145 150 150 THR THR B . n 
A 1 146 THR 146 151 151 THR THR B . n 
A 1 147 PHE 147 152 152 PHE PHE B . n 
A 1 148 THR 148 153 153 THR THR B . n 
A 1 149 TYR 149 154 154 TYR TYR B . n 
A 1 150 ALA 150 155 155 ALA ALA B . n 
A 1 151 SER 151 156 156 SER SER B . n 
A 1 152 ALA 152 157 157 ALA ALA B . n 
A 1 153 LEU 153 158 158 LEU LEU B . n 
A 1 154 TRP 154 159 159 TRP TRP B . n 
A 1 155 GLU 155 160 160 GLU GLU B . n 
A 1 156 ILE 156 161 161 ILE ILE B . n 
A 1 157 GLN 157 162 162 GLN GLN B . n 
A 1 158 GLN 158 163 163 GLN GLN B . n 
A 1 159 VAL 159 164 164 VAL VAL B . n 
A 1 160 VAL 160 165 165 VAL VAL B . n 
A 1 161 ASP 161 166 166 ASP ASP B . n 
A 1 162 ALA 162 167 167 ALA ALA B . n 
A 1 163 ASP 163 168 168 ASP ASP B . n 
A 1 164 SER 164 169 169 SER SER B . n 
A 1 165 LYS 165 170 170 LYS LYS B . n 
A 1 166 ILE 166 171 171 ILE ILE B . n 
A 1 167 VAL 167 172 172 VAL VAL B . n 
A 1 168 GLN 168 173 173 GLN GLN B . n 
A 1 169 LEU 169 174 174 LEU LEU B . n 
A 1 170 SER 170 175 175 SER SER B . n 
A 1 171 GLU 171 176 176 GLU GLU B . n 
A 1 172 ILE 172 177 177 ILE ILE B . n 
A 1 173 SER 173 178 178 SER SER B . n 
A 1 174 MET 174 179 179 MET MET B . n 
A 1 175 ASP 175 180 180 ASP ASP B . n 
A 1 176 ASN 176 181 181 ASN ASN B . n 
A 1 177 SER 177 182 182 SER SER B . n 
A 1 178 PRO 178 183 183 PRO PRO B . n 
A 1 179 ASN 179 184 184 ASN ASN B . n 
A 1 180 LEU 180 185 185 LEU LEU B . n 
A 1 181 ALA 181 186 186 ALA ALA B . n 
A 1 182 TRP 182 187 187 TRP TRP B . n 
A 1 183 PRO 183 188 188 PRO PRO B . n 
A 1 184 LEU 184 189 189 LEU LEU B . n 
A 1 185 ILE 185 190 190 ILE ILE B . n 
A 1 186 VAL 186 191 191 VAL VAL B . n 
A 1 187 THR 187 192 192 THR THR B . n 
A 1 188 ALA 188 193 193 ALA ALA B . n 
A 1 189 LEU 189 194 194 LEU LEU B . n 
A 1 190 ARG 190 195 195 ARG ARG B . n 
A 1 191 ALA 191 196 196 ALA ALA B . n 
A 1 192 ASN 192 197 ?   ?   ?   B . n 
A 1 193 SER 193 198 ?   ?   ?   B . n 
A 1 194 ALA 194 199 ?   ?   ?   B . n 
A 1 195 VAL 195 200 ?   ?   ?   B . n 
A 1 196 LYS 196 201 ?   ?   ?   B . n 
A 1 197 LEU 197 202 ?   ?   ?   B . n 
A 1 198 GLN 198 203 ?   ?   ?   B . n 
B 2 1   SER 1   1   1   SER SER A . n 
B 2 2   LYS 2   2   2   LYS LYS A . n 
B 2 3   MET 3   3   3   MET MET A . n 
B 2 4   SER 4   4   4   SER SER A . n 
B 2 5   ASP 5   5   5   ASP ASP A . n 
B 2 6   VAL 6   6   6   VAL VAL A . n 
B 2 7   LYS 7   7   7   LYS LYS A . n 
B 2 8   CYS 8   8   8   CYS CYS A . n 
B 2 9   THR 9   9   9   THR THR A . n 
B 2 10  SER 10  10  10  SER SER A . n 
B 2 11  VAL 11  11  11  VAL VAL A . n 
B 2 12  VAL 12  12  12  VAL VAL A . n 
B 2 13  LEU 13  13  13  LEU LEU A . n 
B 2 14  LEU 14  14  14  LEU LEU A . n 
B 2 15  SER 15  15  15  SER SER A . n 
B 2 16  VAL 16  16  16  VAL VAL A . n 
B 2 17  LEU 17  17  17  LEU LEU A . n 
B 2 18  GLN 18  18  18  GLN GLN A . n 
B 2 19  GLN 19  19  19  GLN GLN A . n 
B 2 20  LEU 20  20  20  LEU LEU A . n 
B 2 21  ARG 21  21  21  ARG ARG A . n 
B 2 22  VAL 22  22  22  VAL VAL A . n 
B 2 23  GLU 23  23  23  GLU GLU A . n 
B 2 24  SER 24  24  24  SER SER A . n 
B 2 25  SER 25  25  25  SER SER A . n 
B 2 26  SER 26  26  26  SER SER A . n 
B 2 27  LYS 27  27  27  LYS LYS A . n 
B 2 28  LEU 28  28  28  LEU LEU A . n 
B 2 29  TRP 29  29  29  TRP TRP A . n 
B 2 30  ALA 30  30  30  ALA ALA A . n 
B 2 31  GLN 31  31  31  GLN GLN A . n 
B 2 32  CYS 32  32  32  CYS CYS A . n 
B 2 33  VAL 33  33  33  VAL VAL A . n 
B 2 34  GLN 34  34  34  GLN GLN A . n 
B 2 35  LEU 35  35  35  LEU LEU A . n 
B 2 36  HIS 36  36  36  HIS HIS A . n 
B 2 37  ASN 37  37  37  ASN ASN A . n 
B 2 38  ASP 38  38  38  ASP ASP A . n 
B 2 39  ILE 39  39  39  ILE ILE A . n 
B 2 40  LEU 40  40  40  LEU LEU A . n 
B 2 41  LEU 41  41  41  LEU LEU A . n 
B 2 42  ALA 42  42  42  ALA ALA A . n 
B 2 43  LYS 43  43  43  LYS LYS A . n 
B 2 44  ASP 44  44  44  ASP ASP A . n 
B 2 45  THR 45  45  45  THR THR A . n 
B 2 46  THR 46  46  46  THR THR A . n 
B 2 47  GLU 47  47  47  GLU GLU A . n 
B 2 48  ALA 48  48  48  ALA ALA A . n 
B 2 49  PHE 49  49  49  PHE PHE A . n 
B 2 50  GLU 50  50  50  GLU GLU A . n 
B 2 51  LYS 51  51  51  LYS LYS A . n 
B 2 52  MET 52  52  52  MET MET A . n 
B 2 53  VAL 53  53  53  VAL VAL A . n 
B 2 54  SER 54  54  54  SER SER A . n 
B 2 55  LEU 55  55  55  LEU LEU A . n 
B 2 56  LEU 56  56  56  LEU LEU A . n 
B 2 57  SER 57  57  57  SER SER A . n 
B 2 58  VAL 58  58  58  VAL VAL A . n 
B 2 59  LEU 59  59  59  LEU LEU A . n 
B 2 60  LEU 60  60  60  LEU LEU A . n 
B 2 61  SER 61  61  61  SER SER A . n 
B 2 62  MET 62  62  62  MET MET A . n 
B 2 63  GLN 63  63  63  GLN GLN A . n 
B 2 64  GLY 64  64  64  GLY GLY A . n 
B 2 65  ALA 65  65  65  ALA ALA A . n 
B 2 66  VAL 66  66  66  VAL VAL A . n 
B 2 67  ASP 67  67  67  ASP ASP A . n 
B 2 68  ILE 68  68  68  ILE ILE A . n 
B 2 69  ASN 69  69  69  ASN ASN A . n 
B 2 70  LYS 70  70  70  LYS LYS A . n 
B 2 71  LEU 71  71  71  LEU LEU A . n 
B 2 72  CYS 72  72  72  CYS CYS A . n 
B 2 73  GLU 73  73  73  GLU GLU A . n 
B 2 74  GLU 74  74  74  GLU GLU A . n 
B 2 75  MET 75  75  75  MET MET A . n 
B 2 76  LEU 76  76  76  LEU LEU A . n 
B 2 77  ASP 77  77  77  ASP ASP A . n 
B 2 78  ASN 78  78  78  ASN ASN A . n 
B 2 79  ARG 79  79  79  ARG ARG A . n 
B 2 80  ALA 80  80  80  ALA ALA A . n 
B 2 81  THR 81  81  81  THR THR A . n 
B 2 82  LEU 82  82  ?   ?   ?   A . n 
# 
loop_
_pdbx_nonpoly_scheme.asym_id 
_pdbx_nonpoly_scheme.entity_id 
_pdbx_nonpoly_scheme.mon_id 
_pdbx_nonpoly_scheme.ndb_seq_num 
_pdbx_nonpoly_scheme.pdb_seq_num 
_pdbx_nonpoly_scheme.auth_seq_num 
_pdbx_nonpoly_scheme.pdb_mon_id 
_pdbx_nonpoly_scheme.auth_mon_id 
_pdbx_nonpoly_scheme.pdb_strand_id 
_pdbx_nonpoly_scheme.pdb_ins_code 
C 3 HOH 1  301 6  HOH HOH B . 
C 3 HOH 2  302 4  HOH HOH B . 
C 3 HOH 3  303 12 HOH HOH B . 
C 3 HOH 4  304 14 HOH HOH B . 
C 3 HOH 5  305 7  HOH HOH B . 
C 3 HOH 6  306 31 HOH HOH B . 
C 3 HOH 7  307 2  HOH HOH B . 
C 3 HOH 8  308 30 HOH HOH B . 
C 3 HOH 9  309 1  HOH HOH B . 
C 3 HOH 10 310 25 HOH HOH B . 
C 3 HOH 11 311 23 HOH HOH B . 
C 3 HOH 12 312 16 HOH HOH B . 
C 3 HOH 13 313 8  HOH HOH B . 
C 3 HOH 14 314 19 HOH HOH B . 
C 3 HOH 15 315 17 HOH HOH B . 
C 3 HOH 16 316 26 HOH HOH B . 
C 3 HOH 17 317 22 HOH HOH B . 
C 3 HOH 18 318 9  HOH HOH B . 
C 3 HOH 19 319 32 HOH HOH B . 
C 3 HOH 20 320 5  HOH HOH B . 
C 3 HOH 21 321 11 HOH HOH B . 
D 3 HOH 1  101 13 HOH HOH A . 
D 3 HOH 2  102 28 HOH HOH A . 
D 3 HOH 3  103 3  HOH HOH A . 
D 3 HOH 4  104 21 HOH HOH A . 
D 3 HOH 5  105 24 HOH HOH A . 
D 3 HOH 6  106 10 HOH HOH A . 
D 3 HOH 7  107 15 HOH HOH A . 
D 3 HOH 8  108 20 HOH HOH A . 
D 3 HOH 9  109 27 HOH HOH A . 
D 3 HOH 10 110 33 HOH HOH A . 
D 3 HOH 11 111 18 HOH HOH A . 
D 3 HOH 12 112 29 HOH HOH A . 
# 
loop_
_software.citation_id 
_software.classification 
_software.compiler_name 
_software.compiler_version 
_software.contact_author 
_software.contact_author_email 
_software.date 
_software.description 
_software.dependencies 
_software.hardware 
_software.language 
_software.location 
_software.mods 
_software.name 
_software.os 
_software.os_version 
_software.type 
_software.version 
_software.pdbx_ordinal 
? 'data scaling'    ? ? ? ? ? ? ? ? ? ? ? HKL-2000    ? ? ? .         1 
? refinement        ? ? ? ? ? ? ? ? ? ? ? PHENIX      ? ? ? 1.13_2998 2 
? 'data extraction' ? ? ? ? ? ? ? ? ? ? ? PDB_EXTRACT ? ? ? 3.25      3 
# 
_cell.angle_alpha                  90.000 
_cell.angle_alpha_esd              ? 
_cell.angle_beta                   90.000 
_cell.angle_beta_esd               ? 
_cell.angle_gamma                  90.000 
_cell.angle_gamma_esd              ? 
_cell.entry_id                     6M5I 
_cell.details                      ? 
_cell.formula_units_Z              ? 
_cell.length_a                     50.944 
_cell.length_a_esd                 ? 
_cell.length_b                     69.376 
_cell.length_b_esd                 ? 
_cell.length_c                     101.683 
_cell.length_c_esd                 ? 
_cell.volume                       ? 
_cell.volume_esd                   ? 
_cell.Z_PDB                        8 
_cell.reciprocal_angle_alpha       ? 
_cell.reciprocal_angle_beta        ? 
_cell.reciprocal_angle_gamma       ? 
_cell.reciprocal_angle_alpha_esd   ? 
_cell.reciprocal_angle_beta_esd    ? 
_cell.reciprocal_angle_gamma_esd   ? 
_cell.reciprocal_length_a          ? 
_cell.reciprocal_length_b          ? 
_cell.reciprocal_length_c          ? 
_cell.reciprocal_length_a_esd      ? 
_cell.reciprocal_length_b_esd      ? 
_cell.reciprocal_length_c_esd      ? 
_cell.pdbx_unique_axis             ? 
# 
_symmetry.entry_id                         6M5I 
_symmetry.cell_setting                     ? 
_symmetry.Int_Tables_number                20 
_symmetry.space_group_name_Hall            ? 
_symmetry.space_group_name_H-M             'C 2 2 21' 
_symmetry.pdbx_full_space_group_name_H-M   ? 
# 
_exptl.absorpt_coefficient_mu     ? 
_exptl.absorpt_correction_T_max   ? 
_exptl.absorpt_correction_T_min   ? 
_exptl.absorpt_correction_type    ? 
_exptl.absorpt_process_details    ? 
_exptl.entry_id                   6M5I 
_exptl.crystals_number            1 
_exptl.details                    ? 
_exptl.method                     'X-RAY DIFFRACTION' 
_exptl.method_details             ? 
# 
_exptl_crystal.colour                      ? 
_exptl_crystal.density_diffrn              ? 
_exptl_crystal.density_Matthews            1.45 
_exptl_crystal.density_method              ? 
_exptl_crystal.density_percent_sol         15.05 
_exptl_crystal.description                 ? 
_exptl_crystal.F_000                       ? 
_exptl_crystal.id                          1 
_exptl_crystal.preparation                 ? 
_exptl_crystal.size_max                    ? 
_exptl_crystal.size_mid                    ? 
_exptl_crystal.size_min                    ? 
_exptl_crystal.size_rad                    ? 
_exptl_crystal.colour_lustre               ? 
_exptl_crystal.colour_modifier             ? 
_exptl_crystal.colour_primary              ? 
_exptl_crystal.density_meas                ? 
_exptl_crystal.density_meas_esd            ? 
_exptl_crystal.density_meas_gt             ? 
_exptl_crystal.density_meas_lt             ? 
_exptl_crystal.density_meas_temp           ? 
_exptl_crystal.density_meas_temp_esd       ? 
_exptl_crystal.density_meas_temp_gt        ? 
_exptl_crystal.density_meas_temp_lt        ? 
_exptl_crystal.pdbx_crystal_image_url      ? 
_exptl_crystal.pdbx_crystal_image_format   ? 
_exptl_crystal.pdbx_mosaicity              ? 
_exptl_crystal.pdbx_mosaicity_esd          ? 
# 
_exptl_crystal_grow.apparatus       ? 
_exptl_crystal_grow.atmosphere      ? 
_exptl_crystal_grow.crystal_id      1 
_exptl_crystal_grow.details         ? 
_exptl_crystal_grow.method          'VAPOR DIFFUSION, HANGING DROP' 
_exptl_crystal_grow.method_ref      ? 
_exptl_crystal_grow.pH              ? 
_exptl_crystal_grow.pressure        ? 
_exptl_crystal_grow.pressure_esd    ? 
_exptl_crystal_grow.seeding         ? 
_exptl_crystal_grow.seeding_ref     ? 
_exptl_crystal_grow.temp            293.0 
_exptl_crystal_grow.temp_details    ? 
_exptl_crystal_grow.temp_esd        ? 
_exptl_crystal_grow.time            ? 
_exptl_crystal_grow.pdbx_details    '0.1M Magnesium formate dihydrate,15% PEG3350.' 
_exptl_crystal_grow.pdbx_pH_range   ? 
# 
_diffrn.ambient_environment              ? 
_diffrn.ambient_temp                     100 
_diffrn.ambient_temp_details             ? 
_diffrn.ambient_temp_esd                 ? 
_diffrn.crystal_id                       1 
_diffrn.crystal_support                  ? 
_diffrn.crystal_treatment                ? 
_diffrn.details                          ? 
_diffrn.id                               1 
_diffrn.ambient_pressure                 ? 
_diffrn.ambient_pressure_esd             ? 
_diffrn.ambient_pressure_gt              ? 
_diffrn.ambient_pressure_lt              ? 
_diffrn.ambient_temp_gt                  ? 
_diffrn.ambient_temp_lt                  ? 
_diffrn.pdbx_serial_crystal_experiment   N 
# 
_diffrn_detector.details                      ? 
_diffrn_detector.detector                     PIXEL 
_diffrn_detector.diffrn_id                    1 
_diffrn_detector.type                         'DECTRIS PILATUS 6M' 
_diffrn_detector.area_resol_mean              ? 
_diffrn_detector.dtime                        ? 
_diffrn_detector.pdbx_frames_total            ? 
_diffrn_detector.pdbx_collection_time_total   ? 
_diffrn_detector.pdbx_collection_date         2020-02-06 
_diffrn_detector.pdbx_frequency               ? 
# 
_diffrn_radiation.collimation                      ? 
_diffrn_radiation.diffrn_id                        1 
_diffrn_radiation.filter_edge                      ? 
_diffrn_radiation.inhomogeneity                    ? 
_diffrn_radiation.monochromator                    ? 
_diffrn_radiation.polarisn_norm                    ? 
_diffrn_radiation.polarisn_ratio                   ? 
_diffrn_radiation.probe                            ? 
_diffrn_radiation.type                             ? 
_diffrn_radiation.xray_symbol                      ? 
_diffrn_radiation.wavelength_id                    1 
_diffrn_radiation.pdbx_monochromatic_or_laue_m_l   M 
_diffrn_radiation.pdbx_wavelength_list             ? 
_diffrn_radiation.pdbx_wavelength                  ? 
_diffrn_radiation.pdbx_diffrn_protocol             'SINGLE WAVELENGTH' 
_diffrn_radiation.pdbx_analyzer                    ? 
_diffrn_radiation.pdbx_scattering_type             x-ray 
# 
_diffrn_radiation_wavelength.id           1 
_diffrn_radiation_wavelength.wavelength   0.9785 
_diffrn_radiation_wavelength.wt           1.0 
# 
_diffrn_source.current                     ? 
_diffrn_source.details                     ? 
_diffrn_source.diffrn_id                   1 
_diffrn_source.power                       ? 
_diffrn_source.size                        ? 
_diffrn_source.source                      SYNCHROTRON 
_diffrn_source.target                      ? 
_diffrn_source.type                        'SSRF BEAMLINE BL17U' 
_diffrn_source.voltage                     ? 
_diffrn_source.take-off_angle              ? 
_diffrn_source.pdbx_wavelength_list        0.9785 
_diffrn_source.pdbx_wavelength             ? 
_diffrn_source.pdbx_synchrotron_beamline   BL17U 
_diffrn_source.pdbx_synchrotron_site       SSRF 
# 
_reflns.B_iso_Wilson_estimate            71.890 
_reflns.entry_id                         6M5I 
_reflns.data_reduction_details           ? 
_reflns.data_reduction_method            ? 
_reflns.d_resolution_high                2.496 
_reflns.d_resolution_low                 50 
_reflns.details                          ? 
_reflns.limit_h_max                      ? 
_reflns.limit_h_min                      ? 
_reflns.limit_k_max                      ? 
_reflns.limit_k_min                      ? 
_reflns.limit_l_max                      ? 
_reflns.limit_l_min                      ? 
_reflns.number_all                       ? 
_reflns.number_obs                       6534 
_reflns.observed_criterion               ? 
_reflns.observed_criterion_F_max         ? 
_reflns.observed_criterion_F_min         ? 
_reflns.observed_criterion_I_max         ? 
_reflns.observed_criterion_I_min         ? 
_reflns.observed_criterion_sigma_F       ? 
_reflns.observed_criterion_sigma_I       ? 
_reflns.percent_possible_obs             99.7 
_reflns.R_free_details                   ? 
_reflns.Rmerge_F_all                     ? 
_reflns.Rmerge_F_obs                     ? 
_reflns.Friedel_coverage                 ? 
_reflns.number_gt                        ? 
_reflns.threshold_expression             ? 
_reflns.pdbx_redundancy                  6.85 
_reflns.pdbx_Rmerge_I_obs                ? 
_reflns.pdbx_Rmerge_I_all                ? 
_reflns.pdbx_Rsym_value                  ? 
_reflns.pdbx_netI_over_av_sigmaI         ? 
_reflns.pdbx_netI_over_sigmaI            8.01 
_reflns.pdbx_res_netI_over_av_sigmaI_2   ? 
_reflns.pdbx_res_netI_over_sigmaI_2      ? 
_reflns.pdbx_chi_squared                 ? 
_reflns.pdbx_scaling_rejects             ? 
_reflns.pdbx_d_res_high_opt              ? 
_reflns.pdbx_d_res_low_opt               ? 
_reflns.pdbx_d_res_opt_method            ? 
_reflns.phase_calculation_details        ? 
_reflns.pdbx_Rrim_I_all                  ? 
_reflns.pdbx_Rpim_I_all                  ? 
_reflns.pdbx_d_opt                       ? 
_reflns.pdbx_number_measured_all         ? 
_reflns.pdbx_diffrn_id                   1 
_reflns.pdbx_ordinal                     1 
_reflns.pdbx_CC_half                     0.998 
_reflns.pdbx_CC_star                     0.998 
_reflns.pdbx_R_split                     ? 
# 
_reflns_shell.d_res_high                  2.5 
_reflns_shell.d_res_low                   2.56 
_reflns_shell.meanI_over_sigI_all         ? 
_reflns_shell.meanI_over_sigI_obs         ? 
_reflns_shell.number_measured_all         ? 
_reflns_shell.number_measured_obs         ? 
_reflns_shell.number_possible             ? 
_reflns_shell.number_unique_all           ? 
_reflns_shell.number_unique_obs           892 
_reflns_shell.percent_possible_all        ? 
_reflns_shell.percent_possible_obs        ? 
_reflns_shell.Rmerge_F_all                ? 
_reflns_shell.Rmerge_F_obs                ? 
_reflns_shell.Rmerge_I_all                ? 
_reflns_shell.Rmerge_I_obs                ? 
_reflns_shell.meanI_over_sigI_gt          ? 
_reflns_shell.meanI_over_uI_all           ? 
_reflns_shell.meanI_over_uI_gt            ? 
_reflns_shell.number_measured_gt          ? 
_reflns_shell.number_unique_gt            ? 
_reflns_shell.percent_possible_gt         ? 
_reflns_shell.Rmerge_F_gt                 ? 
_reflns_shell.Rmerge_I_gt                 ? 
_reflns_shell.pdbx_redundancy             ? 
_reflns_shell.pdbx_Rsym_value             ? 
_reflns_shell.pdbx_chi_squared            ? 
_reflns_shell.pdbx_netI_over_sigmaI_all   ? 
_reflns_shell.pdbx_netI_over_sigmaI_obs   ? 
_reflns_shell.pdbx_Rrim_I_all             ? 
_reflns_shell.pdbx_Rpim_I_all             ? 
_reflns_shell.pdbx_rejects                ? 
_reflns_shell.pdbx_ordinal                1 
_reflns_shell.pdbx_diffrn_id              1 
_reflns_shell.pdbx_CC_half                0.093 
_reflns_shell.pdbx_CC_star                0.126 
_reflns_shell.pdbx_R_split                ? 
# 
_refine.aniso_B[1][1]                            ? 
_refine.aniso_B[1][2]                            ? 
_refine.aniso_B[1][3]                            ? 
_refine.aniso_B[2][2]                            ? 
_refine.aniso_B[2][3]                            ? 
_refine.aniso_B[3][3]                            ? 
_refine.B_iso_max                                135.260 
_refine.B_iso_mean                               70 
_refine.B_iso_min                                59.230 
_refine.correlation_coeff_Fo_to_Fc               ? 
_refine.correlation_coeff_Fo_to_Fc_free          ? 
_refine.details                                  ? 
_refine.diff_density_max                         ? 
_refine.diff_density_max_esd                     ? 
_refine.diff_density_min                         ? 
_refine.diff_density_min_esd                     ? 
_refine.diff_density_rms                         ? 
_refine.diff_density_rms_esd                     ? 
_refine.entry_id                                 6M5I 
_refine.pdbx_refine_id                           'X-RAY DIFFRACTION' 
_refine.ls_abs_structure_details                 ? 
_refine.ls_abs_structure_Flack                   ? 
_refine.ls_abs_structure_Flack_esd               ? 
_refine.ls_abs_structure_Rogers                  ? 
_refine.ls_abs_structure_Rogers_esd              ? 
_refine.ls_d_res_high                            2.4960 
_refine.ls_d_res_low                             41.0620 
_refine.ls_extinction_coef                       ? 
_refine.ls_extinction_coef_esd                   ? 
_refine.ls_extinction_expression                 ? 
_refine.ls_extinction_method                     ? 
_refine.ls_goodness_of_fit_all                   ? 
_refine.ls_goodness_of_fit_all_esd               ? 
_refine.ls_goodness_of_fit_obs                   ? 
_refine.ls_goodness_of_fit_obs_esd               ? 
_refine.ls_hydrogen_treatment                    ? 
_refine.ls_matrix_type                           ? 
_refine.ls_number_constraints                    ? 
_refine.ls_number_parameters                     ? 
_refine.ls_number_reflns_all                     ? 
_refine.ls_number_reflns_obs                     6534 
_refine.ls_number_reflns_R_free                  654 
_refine.ls_number_reflns_R_work                  ? 
_refine.ls_number_restraints                     ? 
_refine.ls_percent_reflns_obs                    99.7900 
_refine.ls_percent_reflns_R_free                 10.0100 
_refine.ls_R_factor_all                          ? 
_refine.ls_R_factor_obs                          0.2160 
_refine.ls_R_factor_R_free                       0.2917 
_refine.ls_R_factor_R_free_error                 ? 
_refine.ls_R_factor_R_free_error_details         ? 
_refine.ls_R_factor_R_work                       0.2080 
_refine.ls_R_Fsqd_factor_obs                     ? 
_refine.ls_R_I_factor_obs                        ? 
_refine.ls_redundancy_reflns_all                 ? 
_refine.ls_redundancy_reflns_obs                 ? 
_refine.ls_restrained_S_all                      ? 
_refine.ls_restrained_S_obs                      ? 
_refine.ls_shift_over_esd_max                    ? 
_refine.ls_shift_over_esd_mean                   ? 
_refine.ls_structure_factor_coef                 ? 
_refine.ls_weighting_details                     ? 
_refine.ls_weighting_scheme                      ? 
_refine.ls_wR_factor_all                         ? 
_refine.ls_wR_factor_obs                         ? 
_refine.ls_wR_factor_R_free                      ? 
_refine.ls_wR_factor_R_work                      ? 
_refine.occupancy_max                            ? 
_refine.occupancy_min                            ? 
_refine.solvent_model_details                    ? 
_refine.solvent_model_param_bsol                 ? 
_refine.solvent_model_param_ksol                 ? 
_refine.pdbx_R_complete                          ? 
_refine.ls_R_factor_gt                           ? 
_refine.ls_goodness_of_fit_gt                    ? 
_refine.ls_goodness_of_fit_ref                   ? 
_refine.ls_shift_over_su_max                     ? 
_refine.ls_shift_over_su_max_lt                  ? 
_refine.ls_shift_over_su_mean                    ? 
_refine.ls_shift_over_su_mean_lt                 ? 
_refine.pdbx_ls_sigma_I                          ? 
_refine.pdbx_ls_sigma_F                          1.340 
_refine.pdbx_ls_sigma_Fsqd                       ? 
_refine.pdbx_data_cutoff_high_absF               ? 
_refine.pdbx_data_cutoff_high_rms_absF           ? 
_refine.pdbx_data_cutoff_low_absF                ? 
_refine.pdbx_isotropic_thermal_model             ? 
_refine.pdbx_ls_cross_valid_method               THROUGHOUT 
_refine.pdbx_method_to_determine_struct          'MOLECULAR REPLACEMENT' 
_refine.pdbx_starting_model                      5F22 
_refine.pdbx_stereochemistry_target_values       ? 
_refine.pdbx_R_Free_selection_details            ? 
_refine.pdbx_stereochem_target_val_spec_case     ? 
_refine.pdbx_overall_ESU_R                       ? 
_refine.pdbx_overall_ESU_R_Free                  ? 
_refine.pdbx_solvent_vdw_probe_radii             1.1100 
_refine.pdbx_solvent_ion_probe_radii             ? 
_refine.pdbx_solvent_shrinkage_radii             0.9000 
_refine.pdbx_real_space_R                        ? 
_refine.pdbx_density_correlation                 ? 
_refine.pdbx_pd_number_of_powder_patterns        ? 
_refine.pdbx_pd_number_of_points                 ? 
_refine.pdbx_pd_meas_number_of_points            ? 
_refine.pdbx_pd_proc_ls_prof_R_factor            ? 
_refine.pdbx_pd_proc_ls_prof_wR_factor           ? 
_refine.pdbx_pd_Marquardt_correlation_coeff      ? 
_refine.pdbx_pd_Fsqrd_R_factor                   ? 
_refine.pdbx_pd_ls_matrix_band_width             ? 
_refine.pdbx_overall_phase_error                 35.0200 
_refine.pdbx_overall_SU_R_free_Cruickshank_DPI   ? 
_refine.pdbx_overall_SU_R_free_Blow_DPI          ? 
_refine.pdbx_overall_SU_R_Blow_DPI               ? 
_refine.pdbx_TLS_residual_ADP_flag               ? 
_refine.pdbx_diffrn_id                           1 
_refine.overall_SU_B                             ? 
_refine.overall_SU_ML                            0.3700 
_refine.overall_SU_R_Cruickshank_DPI             ? 
_refine.overall_SU_R_free                        ? 
_refine.overall_FOM_free_R_set                   ? 
_refine.overall_FOM_work_R_set                   ? 
_refine.pdbx_average_fsc_overall                 ? 
_refine.pdbx_average_fsc_work                    ? 
_refine.pdbx_average_fsc_free                    ? 
# 
_refine_hist.pdbx_refine_id                   'X-RAY DIFFRACTION' 
_refine_hist.cycle_id                         final 
_refine_hist.details                          ? 
_refine_hist.d_res_high                       2.4960 
_refine_hist.d_res_low                        41.0620 
_refine_hist.number_atoms_solvent             33 
_refine_hist.number_atoms_total               1547 
_refine_hist.number_reflns_all                ? 
_refine_hist.number_reflns_obs                ? 
_refine_hist.number_reflns_R_free             ? 
_refine_hist.number_reflns_R_work             ? 
_refine_hist.R_factor_all                     ? 
_refine_hist.R_factor_obs                     ? 
_refine_hist.R_factor_R_free                  ? 
_refine_hist.R_factor_R_work                  ? 
_refine_hist.pdbx_number_residues_total       196 
_refine_hist.pdbx_B_iso_mean_ligand           ? 
_refine_hist.pdbx_B_iso_mean_solvent          76.27 
_refine_hist.pdbx_number_atoms_protein        1514 
_refine_hist.pdbx_number_atoms_nucleic_acid   0 
_refine_hist.pdbx_number_atoms_ligand         0 
_refine_hist.pdbx_number_atoms_lipid          ? 
_refine_hist.pdbx_number_atoms_carb           ? 
_refine_hist.pdbx_pseudo_atom_details         ? 
# 
loop_
_refine_ls_shell.pdbx_refine_id 
_refine_ls_shell.d_res_high 
_refine_ls_shell.d_res_low 
_refine_ls_shell.number_reflns_all 
_refine_ls_shell.number_reflns_obs 
_refine_ls_shell.number_reflns_R_free 
_refine_ls_shell.number_reflns_R_work 
_refine_ls_shell.percent_reflns_obs 
_refine_ls_shell.percent_reflns_R_free 
_refine_ls_shell.R_factor_all 
_refine_ls_shell.R_factor_obs 
_refine_ls_shell.R_factor_R_free 
_refine_ls_shell.R_factor_R_free_error 
_refine_ls_shell.R_factor_R_work 
_refine_ls_shell.redundancy_reflns_all 
_refine_ls_shell.redundancy_reflns_obs 
_refine_ls_shell.wR_factor_all 
_refine_ls_shell.wR_factor_obs 
_refine_ls_shell.wR_factor_R_free 
_refine_ls_shell.wR_factor_R_work 
_refine_ls_shell.pdbx_R_complete 
_refine_ls_shell.pdbx_total_number_of_bins_used 
_refine_ls_shell.pdbx_phase_error 
_refine_ls_shell.pdbx_fsc_work 
_refine_ls_shell.pdbx_fsc_free 
'X-RAY DIFFRACTION' 2.5    2.6886 . . 129 1160 99.0000  . . . 0.3785 0.0000 0.3148 . . . . . . . . . . . 
'X-RAY DIFFRACTION' 2.6886 2.9591 . . 126 1128 100.0000 . . . 0.4070 0.0000 0.3166 . . . . . . . . . . . 
'X-RAY DIFFRACTION' 2.9591 3.3871 . . 130 1174 100.0000 . . . 0.3616 0.0000 0.2542 . . . . . . . . . . . 
'X-RAY DIFFRACTION' 3.3871 4.2667 . . 132 1182 100.0000 . . . 0.3197 0.0000 0.2046 . . . . . . . . . . . 
'X-RAY DIFFRACTION' 4.2667 5      . . 137 1236 100.0000 . . . 0.2358 0.0000 0.1760 . . . . . . . . . . . 
# 
_struct.entry_id                     6M5I 
_struct.title                        'Crystal structure of 2019-nCoV nsp7-nsp8c complex' 
_struct.pdbx_model_details           ? 
_struct.pdbx_formula_weight          ? 
_struct.pdbx_formula_weight_method   ? 
_struct.pdbx_model_type_details      ? 
_struct.pdbx_CASP_flag               N 
# 
_struct_keywords.entry_id        6M5I 
_struct_keywords.text            'primase, HYDROLASE' 
_struct_keywords.pdbx_keywords   HYDROLASE 
# 
loop_
_struct_asym.id 
_struct_asym.pdbx_blank_PDB_chainid_flag 
_struct_asym.pdbx_modified 
_struct_asym.entity_id 
_struct_asym.details 
A N N 1 ? 
B N N 2 ? 
C N N 3 ? 
D N N 3 ? 
# 
loop_
_struct_ref.id 
_struct_ref.db_name 
_struct_ref.db_code 
_struct_ref.pdbx_db_accession 
_struct_ref.pdbx_db_isoform 
_struct_ref.entity_id 
_struct_ref.pdbx_seq_one_letter_code 
_struct_ref.pdbx_align_begin 
1 UNP R1A_SARS2 P0DTC1 ? 1 
;AIASEFSSLPSYAAFATAQEAYEQAVANGDSEVVLKKLKKSLNVAKSEFDRDAAMQRKLEKMADQAMTQMYKQARSEDKR
AKVTSAMQTMLFTMLRKLDNDALNNIINNARDGCVPLNIIPLTTAAKLMVVIPDYNTYKNTCDGTTFTYASALWEIQQVV
DADSKIVQLSEISMDNSPNLAWPLIVTALRANSAVKLQ
;
3943 
2 UNP R1A_SARS2 P0DTC1 ? 2 
;SKMSDVKCTSVVLLSVLQQLRVESSSKLWAQCVQLHNDILLAKDTTEAFEKMVSLLSVLLSMQGAVDINKLCEEMLDNRA
TL
;
3860 
# 
loop_
_struct_ref_seq.align_id 
_struct_ref_seq.ref_id 
_struct_ref_seq.pdbx_PDB_id_code 
_struct_ref_seq.pdbx_strand_id 
_struct_ref_seq.seq_align_beg 
_struct_ref_seq.pdbx_seq_align_beg_ins_code 
_struct_ref_seq.seq_align_end 
_struct_ref_seq.pdbx_seq_align_end_ins_code 
_struct_ref_seq.pdbx_db_accession 
_struct_ref_seq.db_align_beg 
_struct_ref_seq.pdbx_db_align_beg_ins_code 
_struct_ref_seq.db_align_end 
_struct_ref_seq.pdbx_db_align_end_ins_code 
_struct_ref_seq.pdbx_auth_seq_align_beg 
_struct_ref_seq.pdbx_auth_seq_align_end 
1 1 6M5I B 1 ? 198 ? P0DTC1 3943 ? 4140 ? 6 203 
2 2 6M5I A 1 ? 82  ? P0DTC1 3860 ? 3941 ? 1 82  
# 
_pdbx_struct_assembly.id                   1 
_pdbx_struct_assembly.details              author_and_software_defined_assembly 
_pdbx_struct_assembly.method_details       PISA 
_pdbx_struct_assembly.oligomeric_details   dimeric 
_pdbx_struct_assembly.oligomeric_count     2 
# 
loop_
_pdbx_struct_assembly_prop.biol_id 
_pdbx_struct_assembly_prop.type 
_pdbx_struct_assembly_prop.value 
_pdbx_struct_assembly_prop.details 
1 'ABSA (A^2)' 2740  ? 
1 MORE         -29   ? 
1 'SSA (A^2)'  10540 ? 
# 
_pdbx_struct_assembly_gen.assembly_id       1 
_pdbx_struct_assembly_gen.oper_expression   1 
_pdbx_struct_assembly_gen.asym_id_list      A,B,C,D 
# 
_pdbx_struct_assembly_auth_evidence.id                     1 
_pdbx_struct_assembly_auth_evidence.assembly_id            1 
_pdbx_struct_assembly_auth_evidence.experimental_support   'gel filtration' 
_pdbx_struct_assembly_auth_evidence.details                ? 
# 
_pdbx_struct_oper_list.id                   1 
_pdbx_struct_oper_list.type                 'identity operation' 
_pdbx_struct_oper_list.name                 1_555 
_pdbx_struct_oper_list.symmetry_operation   x,y,z 
_pdbx_struct_oper_list.matrix[1][1]         1.0000000000 
_pdbx_struct_oper_list.matrix[1][2]         0.0000000000 
_pdbx_struct_oper_list.matrix[1][3]         0.0000000000 
_pdbx_struct_oper_list.vector[1]            0.0000000000 
_pdbx_struct_oper_list.matrix[2][1]         0.0000000000 
_pdbx_struct_oper_list.matrix[2][2]         1.0000000000 
_pdbx_struct_oper_list.matrix[2][3]         0.0000000000 
_pdbx_struct_oper_list.vector[2]            0.0000000000 
_pdbx_struct_oper_list.matrix[3][1]         0.0000000000 
_pdbx_struct_oper_list.matrix[3][2]         0.0000000000 
_pdbx_struct_oper_list.matrix[3][3]         1.0000000000 
_pdbx_struct_oper_list.vector[3]            0.0000000000 
# 
loop_
_struct_conf.conf_type_id 
_struct_conf.id 
_struct_conf.pdbx_PDB_helix_id 
_struct_conf.beg_label_comp_id 
_struct_conf.beg_label_asym_id 
_struct_conf.beg_label_seq_id 
_struct_conf.pdbx_beg_PDB_ins_code 
_struct_conf.end_label_comp_id 
_struct_conf.end_label_asym_id 
_struct_conf.end_label_seq_id 
_struct_conf.pdbx_end_PDB_ins_code 
_struct_conf.beg_auth_comp_id 
_struct_conf.beg_auth_asym_id 
_struct_conf.beg_auth_seq_id 
_struct_conf.end_auth_comp_id 
_struct_conf.end_auth_asym_id 
_struct_conf.end_auth_seq_id 
_struct_conf.pdbx_PDB_helix_class 
_struct_conf.details 
_struct_conf.pdbx_PDB_helix_length 
HELX_P HELX_P1 AA1 GLU A 77  ? ASP A 99  ? GLU B 82  ASP B 104 1 ? 23 
HELX_P HELX_P2 AA2 ASN A 100 ? ASP A 112 ? ASN B 105 ASP B 117 1 ? 13 
HELX_P HELX_P3 AA3 ASP A 134 ? THR A 141 ? ASP B 139 THR B 146 1 ? 8  
HELX_P HELX_P4 AA4 ASN A 176 ? LEU A 180 ? ASN B 181 LEU B 185 5 ? 5  
HELX_P HELX_P5 AA5 LYS B 2   ? LEU B 20  ? LYS A 2   LEU A 20  1 ? 19 
HELX_P HELX_P6 AA6 ARG B 21  ? SER B 25  ? ARG A 21  SER A 25  5 ? 5  
HELX_P HELX_P7 AA7 LYS B 27  ? ALA B 42  ? LYS A 27  ALA A 42  1 ? 16 
HELX_P HELX_P8 AA8 ASP B 44  ? SER B 61  ? ASP A 44  SER A 61  1 ? 18 
HELX_P HELX_P9 AA9 ASP B 67  ? ASN B 78  ? ASP A 67  ASN A 78  1 ? 12 
# 
_struct_conf_type.id          HELX_P 
_struct_conf_type.criteria    ? 
_struct_conf_type.reference   ? 
# 
_struct_conn.id                            disulf1 
_struct_conn.conn_type_id                  disulf 
_struct_conn.pdbx_leaving_atom_flag        ? 
_struct_conn.pdbx_PDB_id                   ? 
_struct_conn.ptnr1_label_asym_id           B 
_struct_conn.ptnr1_label_comp_id           CYS 
_struct_conn.ptnr1_label_seq_id            8 
_struct_conn.ptnr1_label_atom_id           SG 
_struct_conn.pdbx_ptnr1_label_alt_id       ? 
_struct_conn.pdbx_ptnr1_PDB_ins_code       ? 
_struct_conn.pdbx_ptnr1_standard_comp_id   ? 
_struct_conn.ptnr1_symmetry                1_555 
_struct_conn.ptnr2_label_asym_id           B 
_struct_conn.ptnr2_label_comp_id           CYS 
_struct_conn.ptnr2_label_seq_id            8 
_struct_conn.ptnr2_label_atom_id           SG 
_struct_conn.pdbx_ptnr2_label_alt_id       ? 
_struct_conn.pdbx_ptnr2_PDB_ins_code       ? 
_struct_conn.ptnr1_auth_asym_id            A 
_struct_conn.ptnr1_auth_comp_id            CYS 
_struct_conn.ptnr1_auth_seq_id             8 
_struct_conn.ptnr2_auth_asym_id            A 
_struct_conn.ptnr2_auth_comp_id            CYS 
_struct_conn.ptnr2_auth_seq_id             8 
_struct_conn.ptnr2_symmetry                4_545 
_struct_conn.pdbx_ptnr3_label_atom_id      ? 
_struct_conn.pdbx_ptnr3_label_seq_id       ? 
_struct_conn.pdbx_ptnr3_label_comp_id      ? 
_struct_conn.pdbx_ptnr3_label_asym_id      ? 
_struct_conn.pdbx_ptnr3_label_alt_id       ? 
_struct_conn.pdbx_ptnr3_PDB_ins_code       ? 
_struct_conn.details                       ? 
_struct_conn.pdbx_dist_value               2.054 
_struct_conn.pdbx_value_order              ? 
_struct_conn.pdbx_role                     ? 
# 
_struct_conn_type.id          disulf 
_struct_conn_type.criteria    ? 
_struct_conn_type.reference   ? 
# 
_pdbx_modification_feature.ordinal                            1 
_pdbx_modification_feature.label_comp_id                      CYS 
_pdbx_modification_feature.label_asym_id                      B 
_pdbx_modification_feature.label_seq_id                       8 
_pdbx_modification_feature.label_alt_id                       ? 
_pdbx_modification_feature.modified_residue_label_comp_id     CYS 
_pdbx_modification_feature.modified_residue_label_asym_id     B 
_pdbx_modification_feature.modified_residue_label_seq_id      8 
_pdbx_modification_feature.modified_residue_label_alt_id      ? 
_pdbx_modification_feature.auth_comp_id                       CYS 
_pdbx_modification_feature.auth_asym_id                       A 
_pdbx_modification_feature.auth_seq_id                        8 
_pdbx_modification_feature.PDB_ins_code                       ? 
_pdbx_modification_feature.symmetry                           1_555 
_pdbx_modification_feature.modified_residue_auth_comp_id      CYS 
_pdbx_modification_feature.modified_residue_auth_asym_id      A 
_pdbx_modification_feature.modified_residue_auth_seq_id       8 
_pdbx_modification_feature.modified_residue_PDB_ins_code      ? 
_pdbx_modification_feature.modified_residue_symmetry          4_545 
_pdbx_modification_feature.comp_id_linking_atom               SG 
_pdbx_modification_feature.modified_residue_id_linking_atom   SG 
_pdbx_modification_feature.modified_residue_id                . 
_pdbx_modification_feature.ref_pcm_id                         . 
_pdbx_modification_feature.ref_comp_id                        . 
_pdbx_modification_feature.type                               None 
_pdbx_modification_feature.category                           'Disulfide bridge' 
# 
_struct_mon_prot_cis.pdbx_id                1 
_struct_mon_prot_cis.label_comp_id          TRP 
_struct_mon_prot_cis.label_seq_id           182 
_struct_mon_prot_cis.label_asym_id          A 
_struct_mon_prot_cis.label_alt_id           . 
_struct_mon_prot_cis.pdbx_PDB_ins_code      ? 
_struct_mon_prot_cis.auth_comp_id           TRP 
_struct_mon_prot_cis.auth_seq_id            187 
_struct_mon_prot_cis.auth_asym_id           B 
_struct_mon_prot_cis.pdbx_label_comp_id_2   PRO 
_struct_mon_prot_cis.pdbx_label_seq_id_2    183 
_struct_mon_prot_cis.pdbx_label_asym_id_2   A 
_struct_mon_prot_cis.pdbx_PDB_ins_code_2    ? 
_struct_mon_prot_cis.pdbx_auth_comp_id_2    PRO 
_struct_mon_prot_cis.pdbx_auth_seq_id_2     188 
_struct_mon_prot_cis.pdbx_auth_asym_id_2    B 
_struct_mon_prot_cis.pdbx_PDB_model_num     1 
_struct_mon_prot_cis.pdbx_omega_angle       0.57 
# 
loop_
_struct_sheet.id 
_struct_sheet.type 
_struct_sheet.number_strands 
_struct_sheet.details 
AA1 ? 5 ? 
AA2 ? 4 ? 
# 
loop_
_struct_sheet_order.sheet_id 
_struct_sheet_order.range_id_1 
_struct_sheet_order.range_id_2 
_struct_sheet_order.offset 
_struct_sheet_order.sense 
AA1 1 2 ? anti-parallel 
AA1 2 3 ? anti-parallel 
AA1 3 4 ? anti-parallel 
AA1 4 5 ? anti-parallel 
AA2 1 2 ? anti-parallel 
AA2 2 3 ? anti-parallel 
AA2 3 4 ? anti-parallel 
# 
loop_
_struct_sheet_range.sheet_id 
_struct_sheet_range.id 
_struct_sheet_range.beg_label_comp_id 
_struct_sheet_range.beg_label_asym_id 
_struct_sheet_range.beg_label_seq_id 
_struct_sheet_range.pdbx_beg_PDB_ins_code 
_struct_sheet_range.end_label_comp_id 
_struct_sheet_range.end_label_asym_id 
_struct_sheet_range.end_label_seq_id 
_struct_sheet_range.pdbx_end_PDB_ins_code 
_struct_sheet_range.beg_auth_comp_id 
_struct_sheet_range.beg_auth_asym_id 
_struct_sheet_range.beg_auth_seq_id 
_struct_sheet_range.end_auth_comp_id 
_struct_sheet_range.end_auth_asym_id 
_struct_sheet_range.end_auth_seq_id 
AA1 1 LYS A 127 ? ILE A 132 ? LYS B 132 ILE B 137 
AA1 2 LEU A 184 ? ARG A 190 ? LEU B 189 ARG B 195 
AA1 3 ALA A 152 ? VAL A 160 ? ALA B 157 VAL B 165 
AA1 4 THR A 146 ? TYR A 149 ? THR B 151 TYR B 154 
AA1 5 CYS A 142 ? ASP A 143 ? CYS B 147 ASP B 148 
AA2 1 LYS A 127 ? ILE A 132 ? LYS B 132 ILE B 137 
AA2 2 LEU A 184 ? ARG A 190 ? LEU B 189 ARG B 195 
AA2 3 ALA A 152 ? VAL A 160 ? ALA B 157 VAL B 165 
AA2 4 ILE A 166 ? VAL A 167 ? ILE B 171 VAL B 172 
# 
loop_
_pdbx_struct_sheet_hbond.sheet_id 
_pdbx_struct_sheet_hbond.range_id_1 
_pdbx_struct_sheet_hbond.range_id_2 
_pdbx_struct_sheet_hbond.range_1_label_atom_id 
_pdbx_struct_sheet_hbond.range_1_label_comp_id 
_pdbx_struct_sheet_hbond.range_1_label_asym_id 
_pdbx_struct_sheet_hbond.range_1_label_seq_id 
_pdbx_struct_sheet_hbond.range_1_PDB_ins_code 
_pdbx_struct_sheet_hbond.range_1_auth_atom_id 
_pdbx_struct_sheet_hbond.range_1_auth_comp_id 
_pdbx_struct_sheet_hbond.range_1_auth_asym_id 
_pdbx_struct_sheet_hbond.range_1_auth_seq_id 
_pdbx_struct_sheet_hbond.range_2_label_atom_id 
_pdbx_struct_sheet_hbond.range_2_label_comp_id 
_pdbx_struct_sheet_hbond.range_2_label_asym_id 
_pdbx_struct_sheet_hbond.range_2_label_seq_id 
_pdbx_struct_sheet_hbond.range_2_PDB_ins_code 
_pdbx_struct_sheet_hbond.range_2_auth_atom_id 
_pdbx_struct_sheet_hbond.range_2_auth_comp_id 
_pdbx_struct_sheet_hbond.range_2_auth_asym_id 
_pdbx_struct_sheet_hbond.range_2_auth_seq_id 
AA1 1 2 N ILE A 132 ? N ILE B 137 O LEU A 184 ? O LEU B 189 
AA1 2 3 O LEU A 189 ? O LEU B 194 N GLU A 155 ? N GLU B 160 
AA1 3 4 O TRP A 154 ? O TRP B 159 N PHE A 147 ? N PHE B 152 
AA1 4 5 O THR A 146 ? O THR B 151 N ASP A 143 ? N ASP B 148 
AA2 1 2 N ILE A 132 ? N ILE B 137 O LEU A 184 ? O LEU B 189 
AA2 2 3 O LEU A 189 ? O LEU B 194 N GLU A 155 ? N GLU B 160 
AA2 3 4 N VAL A 159 ? N VAL B 164 O VAL A 167 ? O VAL B 172 
# 
_pdbx_entry_details.entry_id                   6M5I 
_pdbx_entry_details.compound_details           ? 
_pdbx_entry_details.source_details             ? 
_pdbx_entry_details.nonpolymer_details         ? 
_pdbx_entry_details.sequence_details           ? 
_pdbx_entry_details.has_ligand_of_interest     ? 
_pdbx_entry_details.has_protein_modification   Y 
# 
loop_
_pdbx_validate_close_contact.id 
_pdbx_validate_close_contact.PDB_model_num 
_pdbx_validate_close_contact.auth_atom_id_1 
_pdbx_validate_close_contact.auth_asym_id_1 
_pdbx_validate_close_contact.auth_comp_id_1 
_pdbx_validate_close_contact.auth_seq_id_1 
_pdbx_validate_close_contact.PDB_ins_code_1 
_pdbx_validate_close_contact.label_alt_id_1 
_pdbx_validate_close_contact.auth_atom_id_2 
_pdbx_validate_close_contact.auth_asym_id_2 
_pdbx_validate_close_contact.auth_comp_id_2 
_pdbx_validate_close_contact.auth_seq_id_2 
_pdbx_validate_close_contact.PDB_ins_code_2 
_pdbx_validate_close_contact.label_alt_id_2 
_pdbx_validate_close_contact.dist 
1 1 O   A MET 62  ? ? O A HOH 101 ? ? 2.06 
2 1 OE1 B GLN 173 ? ? O B HOH 301 ? ? 2.08 
3 1 OG1 B THR 192 ? ? O B HOH 302 ? ? 2.09 
# 
loop_
_pdbx_validate_symm_contact.id 
_pdbx_validate_symm_contact.PDB_model_num 
_pdbx_validate_symm_contact.auth_atom_id_1 
_pdbx_validate_symm_contact.auth_asym_id_1 
_pdbx_validate_symm_contact.auth_comp_id_1 
_pdbx_validate_symm_contact.auth_seq_id_1 
_pdbx_validate_symm_contact.PDB_ins_code_1 
_pdbx_validate_symm_contact.label_alt_id_1 
_pdbx_validate_symm_contact.site_symmetry_1 
_pdbx_validate_symm_contact.auth_atom_id_2 
_pdbx_validate_symm_contact.auth_asym_id_2 
_pdbx_validate_symm_contact.auth_comp_id_2 
_pdbx_validate_symm_contact.auth_seq_id_2 
_pdbx_validate_symm_contact.PDB_ins_code_2 
_pdbx_validate_symm_contact.label_alt_id_2 
_pdbx_validate_symm_contact.site_symmetry_2 
_pdbx_validate_symm_contact.dist 
1 1 NH2 B ARG 85 ? ? 1_555 CG  A ASN 37 ? ? 4_545 1.91 
2 1 NH2 B ARG 85 ? ? 1_555 OD1 A ASN 37 ? ? 4_545 1.95 
3 1 NH2 B ARG 85 ? ? 1_555 ND2 A ASN 37 ? ? 4_545 1.97 
# 
loop_
_pdbx_validate_torsion.id 
_pdbx_validate_torsion.PDB_model_num 
_pdbx_validate_torsion.auth_comp_id 
_pdbx_validate_torsion.auth_asym_id 
_pdbx_validate_torsion.auth_seq_id 
_pdbx_validate_torsion.PDB_ins_code 
_pdbx_validate_torsion.label_alt_id 
_pdbx_validate_torsion.phi 
_pdbx_validate_torsion.psi 
1  1 ASP B 104 ? ? 29.89   84.01   
2  1 THR B 128 ? ? -71.05  -139.04 
3  1 THR B 129 ? ? -134.41 -31.13  
4  1 ASP B 148 ? ? -170.45 98.43   
5  1 ILE B 161 ? ? -50.21  106.04  
6  1 LEU B 174 ? ? -38.15  -26.51  
7  1 ILE B 177 ? ? -59.30  82.29   
8  1 ASP B 180 ? ? 81.52   -45.55  
9  1 ALA B 186 ? ? -101.03 75.37   
10 1 SER A 26  ? ? -48.97  4.48    
11 1 GLN A 63  ? ? -71.92  -76.60  
12 1 ALA A 65  ? ? -45.65  -81.47  
13 1 ASN A 78  ? ? -114.84 61.12   
14 1 ALA A 80  ? ? -58.98  -83.03  
# 
loop_
_pdbx_unobs_or_zero_occ_residues.id 
_pdbx_unobs_or_zero_occ_residues.PDB_model_num 
_pdbx_unobs_or_zero_occ_residues.polymer_flag 
_pdbx_unobs_or_zero_occ_residues.occupancy_flag 
_pdbx_unobs_or_zero_occ_residues.auth_asym_id 
_pdbx_unobs_or_zero_occ_residues.auth_comp_id 
_pdbx_unobs_or_zero_occ_residues.auth_seq_id 
_pdbx_unobs_or_zero_occ_residues.PDB_ins_code 
_pdbx_unobs_or_zero_occ_residues.label_asym_id 
_pdbx_unobs_or_zero_occ_residues.label_comp_id 
_pdbx_unobs_or_zero_occ_residues.label_seq_id 
1  1 Y 1 B ALA 6   ? A ALA 1   
2  1 Y 1 B ILE 7   ? A ILE 2   
3  1 Y 1 B ALA 8   ? A ALA 3   
4  1 Y 1 B SER 9   ? A SER 4   
5  1 Y 1 B GLU 10  ? A GLU 5   
6  1 Y 1 B PHE 11  ? A PHE 6   
7  1 Y 1 B SER 12  ? A SER 7   
8  1 Y 1 B SER 13  ? A SER 8   
9  1 Y 1 B LEU 14  ? A LEU 9   
10 1 Y 1 B PRO 15  ? A PRO 10  
11 1 Y 1 B SER 16  ? A SER 11  
12 1 Y 1 B TYR 17  ? A TYR 12  
13 1 Y 1 B ALA 18  ? A ALA 13  
14 1 Y 1 B ALA 19  ? A ALA 14  
15 1 Y 1 B PHE 20  ? A PHE 15  
16 1 Y 1 B ALA 21  ? A ALA 16  
17 1 Y 1 B THR 22  ? A THR 17  
18 1 Y 1 B ALA 23  ? A ALA 18  
19 1 Y 1 B GLN 24  ? A GLN 19  
20 1 Y 1 B GLU 25  ? A GLU 20  
21 1 Y 1 B ALA 26  ? A ALA 21  
22 1 Y 1 B TYR 27  ? A TYR 22  
23 1 Y 1 B GLU 28  ? A GLU 23  
24 1 Y 1 B GLN 29  ? A GLN 24  
25 1 Y 1 B ALA 30  ? A ALA 25  
26 1 Y 1 B VAL 31  ? A VAL 26  
27 1 Y 1 B ALA 32  ? A ALA 27  
28 1 Y 1 B ASN 33  ? A ASN 28  
29 1 Y 1 B GLY 34  ? A GLY 29  
30 1 Y 1 B ASP 35  ? A ASP 30  
31 1 Y 1 B SER 36  ? A SER 31  
32 1 Y 1 B GLU 37  ? A GLU 32  
33 1 Y 1 B VAL 38  ? A VAL 33  
34 1 Y 1 B VAL 39  ? A VAL 34  
35 1 Y 1 B LEU 40  ? A LEU 35  
36 1 Y 1 B LYS 41  ? A LYS 36  
37 1 Y 1 B LYS 42  ? A LYS 37  
38 1 Y 1 B LEU 43  ? A LEU 38  
39 1 Y 1 B LYS 44  ? A LYS 39  
40 1 Y 1 B LYS 45  ? A LYS 40  
41 1 Y 1 B SER 46  ? A SER 41  
42 1 Y 1 B LEU 47  ? A LEU 42  
43 1 Y 1 B ASN 48  ? A ASN 43  
44 1 Y 1 B VAL 49  ? A VAL 44  
45 1 Y 1 B ALA 50  ? A ALA 45  
46 1 Y 1 B LYS 51  ? A LYS 46  
47 1 Y 1 B SER 52  ? A SER 47  
48 1 Y 1 B GLU 53  ? A GLU 48  
49 1 Y 1 B PHE 54  ? A PHE 49  
50 1 Y 1 B ASP 55  ? A ASP 50  
51 1 Y 1 B ARG 56  ? A ARG 51  
52 1 Y 1 B ASP 57  ? A ASP 52  
53 1 Y 1 B ALA 58  ? A ALA 53  
54 1 Y 1 B ALA 59  ? A ALA 54  
55 1 Y 1 B MET 60  ? A MET 55  
56 1 Y 1 B GLN 61  ? A GLN 56  
57 1 Y 1 B ARG 62  ? A ARG 57  
58 1 Y 1 B LYS 63  ? A LYS 58  
59 1 Y 1 B LEU 64  ? A LEU 59  
60 1 Y 1 B GLU 65  ? A GLU 60  
61 1 Y 1 B LYS 66  ? A LYS 61  
62 1 Y 1 B MET 67  ? A MET 62  
63 1 Y 1 B ALA 68  ? A ALA 63  
64 1 Y 1 B ASP 69  ? A ASP 64  
65 1 Y 1 B GLN 70  ? A GLN 65  
66 1 Y 1 B ALA 71  ? A ALA 66  
67 1 Y 1 B MET 72  ? A MET 67  
68 1 Y 1 B THR 73  ? A THR 68  
69 1 Y 1 B GLN 74  ? A GLN 69  
70 1 Y 1 B MET 75  ? A MET 70  
71 1 Y 1 B TYR 76  ? A TYR 71  
72 1 Y 1 B LYS 77  ? A LYS 72  
73 1 Y 1 B GLN 78  ? A GLN 73  
74 1 Y 1 B ALA 79  ? A ALA 74  
75 1 Y 1 B ARG 80  ? A ARG 75  
76 1 Y 1 B SER 81  ? A SER 76  
77 1 Y 1 B ASN 197 ? A ASN 192 
78 1 Y 1 B SER 198 ? A SER 193 
79 1 Y 1 B ALA 199 ? A ALA 194 
80 1 Y 1 B VAL 200 ? A VAL 195 
81 1 Y 1 B LYS 201 ? A LYS 196 
82 1 Y 1 B LEU 202 ? A LEU 197 
83 1 Y 1 B GLN 203 ? A GLN 198 
84 1 Y 1 A LEU 82  ? B LEU 82  
# 
loop_
_chem_comp_atom.comp_id 
_chem_comp_atom.atom_id 
_chem_comp_atom.type_symbol 
_chem_comp_atom.pdbx_aromatic_flag 
_chem_comp_atom.pdbx_stereo_config 
_chem_comp_atom.pdbx_ordinal 
ALA N    N N N 1   
ALA CA   C N S 2   
ALA C    C N N 3   
ALA O    O N N 4   
ALA CB   C N N 5   
ALA OXT  O N N 6   
ALA H    H N N 7   
ALA H2   H N N 8   
ALA HA   H N N 9   
ALA HB1  H N N 10  
ALA HB2  H N N 11  
ALA HB3  H N N 12  
ALA HXT  H N N 13  
ARG N    N N N 14  
ARG CA   C N S 15  
ARG C    C N N 16  
ARG O    O N N 17  
ARG CB   C N N 18  
ARG CG   C N N 19  
ARG CD   C N N 20  
ARG NE   N N N 21  
ARG CZ   C N N 22  
ARG NH1  N N N 23  
ARG NH2  N N N 24  
ARG OXT  O N N 25  
ARG H    H N N 26  
ARG H2   H N N 27  
ARG HA   H N N 28  
ARG HB2  H N N 29  
ARG HB3  H N N 30  
ARG HG2  H N N 31  
ARG HG3  H N N 32  
ARG HD2  H N N 33  
ARG HD3  H N N 34  
ARG HE   H N N 35  
ARG HH11 H N N 36  
ARG HH12 H N N 37  
ARG HH21 H N N 38  
ARG HH22 H N N 39  
ARG HXT  H N N 40  
ASN N    N N N 41  
ASN CA   C N S 42  
ASN C    C N N 43  
ASN O    O N N 44  
ASN CB   C N N 45  
ASN CG   C N N 46  
ASN OD1  O N N 47  
ASN ND2  N N N 48  
ASN OXT  O N N 49  
ASN H    H N N 50  
ASN H2   H N N 51  
ASN HA   H N N 52  
ASN HB2  H N N 53  
ASN HB3  H N N 54  
ASN HD21 H N N 55  
ASN HD22 H N N 56  
ASN HXT  H N N 57  
ASP N    N N N 58  
ASP CA   C N S 59  
ASP C    C N N 60  
ASP O    O N N 61  
ASP CB   C N N 62  
ASP CG   C N N 63  
ASP OD1  O N N 64  
ASP OD2  O N N 65  
ASP OXT  O N N 66  
ASP H    H N N 67  
ASP H2   H N N 68  
ASP HA   H N N 69  
ASP HB2  H N N 70  
ASP HB3  H N N 71  
ASP HD2  H N N 72  
ASP HXT  H N N 73  
CYS N    N N N 74  
CYS CA   C N R 75  
CYS C    C N N 76  
CYS O    O N N 77  
CYS CB   C N N 78  
CYS SG   S N N 79  
CYS OXT  O N N 80  
CYS H    H N N 81  
CYS H2   H N N 82  
CYS HA   H N N 83  
CYS HB2  H N N 84  
CYS HB3  H N N 85  
CYS HG   H N N 86  
CYS HXT  H N N 87  
GLN N    N N N 88  
GLN CA   C N S 89  
GLN C    C N N 90  
GLN O    O N N 91  
GLN CB   C N N 92  
GLN CG   C N N 93  
GLN CD   C N N 94  
GLN OE1  O N N 95  
GLN NE2  N N N 96  
GLN OXT  O N N 97  
GLN H    H N N 98  
GLN H2   H N N 99  
GLN HA   H N N 100 
GLN HB2  H N N 101 
GLN HB3  H N N 102 
GLN HG2  H N N 103 
GLN HG3  H N N 104 
GLN HE21 H N N 105 
GLN HE22 H N N 106 
GLN HXT  H N N 107 
GLU N    N N N 108 
GLU CA   C N S 109 
GLU C    C N N 110 
GLU O    O N N 111 
GLU CB   C N N 112 
GLU CG   C N N 113 
GLU CD   C N N 114 
GLU OE1  O N N 115 
GLU OE2  O N N 116 
GLU OXT  O N N 117 
GLU H    H N N 118 
GLU H2   H N N 119 
GLU HA   H N N 120 
GLU HB2  H N N 121 
GLU HB3  H N N 122 
GLU HG2  H N N 123 
GLU HG3  H N N 124 
GLU HE2  H N N 125 
GLU HXT  H N N 126 
GLY N    N N N 127 
GLY CA   C N N 128 
GLY C    C N N 129 
GLY O    O N N 130 
GLY OXT  O N N 131 
GLY H    H N N 132 
GLY H2   H N N 133 
GLY HA2  H N N 134 
GLY HA3  H N N 135 
GLY HXT  H N N 136 
HIS N    N N N 137 
HIS CA   C N S 138 
HIS C    C N N 139 
HIS O    O N N 140 
HIS CB   C N N 141 
HIS CG   C Y N 142 
HIS ND1  N Y N 143 
HIS CD2  C Y N 144 
HIS CE1  C Y N 145 
HIS NE2  N Y N 146 
HIS OXT  O N N 147 
HIS H    H N N 148 
HIS H2   H N N 149 
HIS HA   H N N 150 
HIS HB2  H N N 151 
HIS HB3  H N N 152 
HIS HD1  H N N 153 
HIS HD2  H N N 154 
HIS HE1  H N N 155 
HIS HE2  H N N 156 
HIS HXT  H N N 157 
HOH O    O N N 158 
HOH H1   H N N 159 
HOH H2   H N N 160 
ILE N    N N N 161 
ILE CA   C N S 162 
ILE C    C N N 163 
ILE O    O N N 164 
ILE CB   C N S 165 
ILE CG1  C N N 166 
ILE CG2  C N N 167 
ILE CD1  C N N 168 
ILE OXT  O N N 169 
ILE H    H N N 170 
ILE H2   H N N 171 
ILE HA   H N N 172 
ILE HB   H N N 173 
ILE HG12 H N N 174 
ILE HG13 H N N 175 
ILE HG21 H N N 176 
ILE HG22 H N N 177 
ILE HG23 H N N 178 
ILE HD11 H N N 179 
ILE HD12 H N N 180 
ILE HD13 H N N 181 
ILE HXT  H N N 182 
LEU N    N N N 183 
LEU CA   C N S 184 
LEU C    C N N 185 
LEU O    O N N 186 
LEU CB   C N N 187 
LEU CG   C N N 188 
LEU CD1  C N N 189 
LEU CD2  C N N 190 
LEU OXT  O N N 191 
LEU H    H N N 192 
LEU H2   H N N 193 
LEU HA   H N N 194 
LEU HB2  H N N 195 
LEU HB3  H N N 196 
LEU HG   H N N 197 
LEU HD11 H N N 198 
LEU HD12 H N N 199 
LEU HD13 H N N 200 
LEU HD21 H N N 201 
LEU HD22 H N N 202 
LEU HD23 H N N 203 
LEU HXT  H N N 204 
LYS N    N N N 205 
LYS CA   C N S 206 
LYS C    C N N 207 
LYS O    O N N 208 
LYS CB   C N N 209 
LYS CG   C N N 210 
LYS CD   C N N 211 
LYS CE   C N N 212 
LYS NZ   N N N 213 
LYS OXT  O N N 214 
LYS H    H N N 215 
LYS H2   H N N 216 
LYS HA   H N N 217 
LYS HB2  H N N 218 
LYS HB3  H N N 219 
LYS HG2  H N N 220 
LYS HG3  H N N 221 
LYS HD2  H N N 222 
LYS HD3  H N N 223 
LYS HE2  H N N 224 
LYS HE3  H N N 225 
LYS HZ1  H N N 226 
LYS HZ2  H N N 227 
LYS HZ3  H N N 228 
LYS HXT  H N N 229 
MET N    N N N 230 
MET CA   C N S 231 
MET C    C N N 232 
MET O    O N N 233 
MET CB   C N N 234 
MET CG   C N N 235 
MET SD   S N N 236 
MET CE   C N N 237 
MET OXT  O N N 238 
MET H    H N N 239 
MET H2   H N N 240 
MET HA   H N N 241 
MET HB2  H N N 242 
MET HB3  H N N 243 
MET HG2  H N N 244 
MET HG3  H N N 245 
MET HE1  H N N 246 
MET HE2  H N N 247 
MET HE3  H N N 248 
MET HXT  H N N 249 
PHE N    N N N 250 
PHE CA   C N S 251 
PHE C    C N N 252 
PHE O    O N N 253 
PHE CB   C N N 254 
PHE CG   C Y N 255 
PHE CD1  C Y N 256 
PHE CD2  C Y N 257 
PHE CE1  C Y N 258 
PHE CE2  C Y N 259 
PHE CZ   C Y N 260 
PHE OXT  O N N 261 
PHE H    H N N 262 
PHE H2   H N N 263 
PHE HA   H N N 264 
PHE HB2  H N N 265 
PHE HB3  H N N 266 
PHE HD1  H N N 267 
PHE HD2  H N N 268 
PHE HE1  H N N 269 
PHE HE2  H N N 270 
PHE HZ   H N N 271 
PHE HXT  H N N 272 
PRO N    N N N 273 
PRO CA   C N S 274 
PRO C    C N N 275 
PRO O    O N N 276 
PRO CB   C N N 277 
PRO CG   C N N 278 
PRO CD   C N N 279 
PRO OXT  O N N 280 
PRO H    H N N 281 
PRO HA   H N N 282 
PRO HB2  H N N 283 
PRO HB3  H N N 284 
PRO HG2  H N N 285 
PRO HG3  H N N 286 
PRO HD2  H N N 287 
PRO HD3  H N N 288 
PRO HXT  H N N 289 
SER N    N N N 290 
SER CA   C N S 291 
SER C    C N N 292 
SER O    O N N 293 
SER CB   C N N 294 
SER OG   O N N 295 
SER OXT  O N N 296 
SER H    H N N 297 
SER H2   H N N 298 
SER HA   H N N 299 
SER HB2  H N N 300 
SER HB3  H N N 301 
SER HG   H N N 302 
SER HXT  H N N 303 
THR N    N N N 304 
THR CA   C N S 305 
THR C    C N N 306 
THR O    O N N 307 
THR CB   C N R 308 
THR OG1  O N N 309 
THR CG2  C N N 310 
THR OXT  O N N 311 
THR H    H N N 312 
THR H2   H N N 313 
THR HA   H N N 314 
THR HB   H N N 315 
THR HG1  H N N 316 
THR HG21 H N N 317 
THR HG22 H N N 318 
THR HG23 H N N 319 
THR HXT  H N N 320 
TRP N    N N N 321 
TRP CA   C N S 322 
TRP C    C N N 323 
TRP O    O N N 324 
TRP CB   C N N 325 
TRP CG   C Y N 326 
TRP CD1  C Y N 327 
TRP CD2  C Y N 328 
TRP NE1  N Y N 329 
TRP CE2  C Y N 330 
TRP CE3  C Y N 331 
TRP CZ2  C Y N 332 
TRP CZ3  C Y N 333 
TRP CH2  C Y N 334 
TRP OXT  O N N 335 
TRP H    H N N 336 
TRP H2   H N N 337 
TRP HA   H N N 338 
TRP HB2  H N N 339 
TRP HB3  H N N 340 
TRP HD1  H N N 341 
TRP HE1  H N N 342 
TRP HE3  H N N 343 
TRP HZ2  H N N 344 
TRP HZ3  H N N 345 
TRP HH2  H N N 346 
TRP HXT  H N N 347 
TYR N    N N N 348 
TYR CA   C N S 349 
TYR C    C N N 350 
TYR O    O N N 351 
TYR CB   C N N 352 
TYR CG   C Y N 353 
TYR CD1  C Y N 354 
TYR CD2  C Y N 355 
TYR CE1  C Y N 356 
TYR CE2  C Y N 357 
TYR CZ   C Y N 358 
TYR OH   O N N 359 
TYR OXT  O N N 360 
TYR H    H N N 361 
TYR H2   H N N 362 
TYR HA   H N N 363 
TYR HB2  H N N 364 
TYR HB3  H N N 365 
TYR HD1  H N N 366 
TYR HD2  H N N 367 
TYR HE1  H N N 368 
TYR HE2  H N N 369 
TYR HH   H N N 370 
TYR HXT  H N N 371 
VAL N    N N N 372 
VAL CA   C N S 373 
VAL C    C N N 374 
VAL O    O N N 375 
VAL CB   C N N 376 
VAL CG1  C N N 377 
VAL CG2  C N N 378 
VAL OXT  O N N 379 
VAL H    H N N 380 
VAL H2   H N N 381 
VAL HA   H N N 382 
VAL HB   H N N 383 
VAL HG11 H N N 384 
VAL HG12 H N N 385 
VAL HG13 H N N 386 
VAL HG21 H N N 387 
VAL HG22 H N N 388 
VAL HG23 H N N 389 
VAL HXT  H N N 390 
# 
loop_
_chem_comp_bond.comp_id 
_chem_comp_bond.atom_id_1 
_chem_comp_bond.atom_id_2 
_chem_comp_bond.value_order 
_chem_comp_bond.pdbx_aromatic_flag 
_chem_comp_bond.pdbx_stereo_config 
_chem_comp_bond.pdbx_ordinal 
ALA N   CA   sing N N 1   
ALA N   H    sing N N 2   
ALA N   H2   sing N N 3   
ALA CA  C    sing N N 4   
ALA CA  CB   sing N N 5   
ALA CA  HA   sing N N 6   
ALA C   O    doub N N 7   
ALA C   OXT  sing N N 8   
ALA CB  HB1  sing N N 9   
ALA CB  HB2  sing N N 10  
ALA CB  HB3  sing N N 11  
ALA OXT HXT  sing N N 12  
ARG N   CA   sing N N 13  
ARG N   H    sing N N 14  
ARG N   H2   sing N N 15  
ARG CA  C    sing N N 16  
ARG CA  CB   sing N N 17  
ARG CA  HA   sing N N 18  
ARG C   O    doub N N 19  
ARG C   OXT  sing N N 20  
ARG CB  CG   sing N N 21  
ARG CB  HB2  sing N N 22  
ARG CB  HB3  sing N N 23  
ARG CG  CD   sing N N 24  
ARG CG  HG2  sing N N 25  
ARG CG  HG3  sing N N 26  
ARG CD  NE   sing N N 27  
ARG CD  HD2  sing N N 28  
ARG CD  HD3  sing N N 29  
ARG NE  CZ   sing N N 30  
ARG NE  HE   sing N N 31  
ARG CZ  NH1  sing N N 32  
ARG CZ  NH2  doub N N 33  
ARG NH1 HH11 sing N N 34  
ARG NH1 HH12 sing N N 35  
ARG NH2 HH21 sing N N 36  
ARG NH2 HH22 sing N N 37  
ARG OXT HXT  sing N N 38  
ASN N   CA   sing N N 39  
ASN N   H    sing N N 40  
ASN N   H2   sing N N 41  
ASN CA  C    sing N N 42  
ASN CA  CB   sing N N 43  
ASN CA  HA   sing N N 44  
ASN C   O    doub N N 45  
ASN C   OXT  sing N N 46  
ASN CB  CG   sing N N 47  
ASN CB  HB2  sing N N 48  
ASN CB  HB3  sing N N 49  
ASN CG  OD1  doub N N 50  
ASN CG  ND2  sing N N 51  
ASN ND2 HD21 sing N N 52  
ASN ND2 HD22 sing N N 53  
ASN OXT HXT  sing N N 54  
ASP N   CA   sing N N 55  
ASP N   H    sing N N 56  
ASP N   H2   sing N N 57  
ASP CA  C    sing N N 58  
ASP CA  CB   sing N N 59  
ASP CA  HA   sing N N 60  
ASP C   O    doub N N 61  
ASP C   OXT  sing N N 62  
ASP CB  CG   sing N N 63  
ASP CB  HB2  sing N N 64  
ASP CB  HB3  sing N N 65  
ASP CG  OD1  doub N N 66  
ASP CG  OD2  sing N N 67  
ASP OD2 HD2  sing N N 68  
ASP OXT HXT  sing N N 69  
CYS N   CA   sing N N 70  
CYS N   H    sing N N 71  
CYS N   H2   sing N N 72  
CYS CA  C    sing N N 73  
CYS CA  CB   sing N N 74  
CYS CA  HA   sing N N 75  
CYS C   O    doub N N 76  
CYS C   OXT  sing N N 77  
CYS CB  SG   sing N N 78  
CYS CB  HB2  sing N N 79  
CYS CB  HB3  sing N N 80  
CYS SG  HG   sing N N 81  
CYS OXT HXT  sing N N 82  
GLN N   CA   sing N N 83  
GLN N   H    sing N N 84  
GLN N   H2   sing N N 85  
GLN CA  C    sing N N 86  
GLN CA  CB   sing N N 87  
GLN CA  HA   sing N N 88  
GLN C   O    doub N N 89  
GLN C   OXT  sing N N 90  
GLN CB  CG   sing N N 91  
GLN CB  HB2  sing N N 92  
GLN CB  HB3  sing N N 93  
GLN CG  CD   sing N N 94  
GLN CG  HG2  sing N N 95  
GLN CG  HG3  sing N N 96  
GLN CD  OE1  doub N N 97  
GLN CD  NE2  sing N N 98  
GLN NE2 HE21 sing N N 99  
GLN NE2 HE22 sing N N 100 
GLN OXT HXT  sing N N 101 
GLU N   CA   sing N N 102 
GLU N   H    sing N N 103 
GLU N   H2   sing N N 104 
GLU CA  C    sing N N 105 
GLU CA  CB   sing N N 106 
GLU CA  HA   sing N N 107 
GLU C   O    doub N N 108 
GLU C   OXT  sing N N 109 
GLU CB  CG   sing N N 110 
GLU CB  HB2  sing N N 111 
GLU CB  HB3  sing N N 112 
GLU CG  CD   sing N N 113 
GLU CG  HG2  sing N N 114 
GLU CG  HG3  sing N N 115 
GLU CD  OE1  doub N N 116 
GLU CD  OE2  sing N N 117 
GLU OE2 HE2  sing N N 118 
GLU OXT HXT  sing N N 119 
GLY N   CA   sing N N 120 
GLY N   H    sing N N 121 
GLY N   H2   sing N N 122 
GLY CA  C    sing N N 123 
GLY CA  HA2  sing N N 124 
GLY CA  HA3  sing N N 125 
GLY C   O    doub N N 126 
GLY C   OXT  sing N N 127 
GLY OXT HXT  sing N N 128 
HIS N   CA   sing N N 129 
HIS N   H    sing N N 130 
HIS N   H2   sing N N 131 
HIS CA  C    sing N N 132 
HIS CA  CB   sing N N 133 
HIS CA  HA   sing N N 134 
HIS C   O    doub N N 135 
HIS C   OXT  sing N N 136 
HIS CB  CG   sing N N 137 
HIS CB  HB2  sing N N 138 
HIS CB  HB3  sing N N 139 
HIS CG  ND1  sing Y N 140 
HIS CG  CD2  doub Y N 141 
HIS ND1 CE1  doub Y N 142 
HIS ND1 HD1  sing N N 143 
HIS CD2 NE2  sing Y N 144 
HIS CD2 HD2  sing N N 145 
HIS CE1 NE2  sing Y N 146 
HIS CE1 HE1  sing N N 147 
HIS NE2 HE2  sing N N 148 
HIS OXT HXT  sing N N 149 
HOH O   H1   sing N N 150 
HOH O   H2   sing N N 151 
ILE N   CA   sing N N 152 
ILE N   H    sing N N 153 
ILE N   H2   sing N N 154 
ILE CA  C    sing N N 155 
ILE CA  CB   sing N N 156 
ILE CA  HA   sing N N 157 
ILE C   O    doub N N 158 
ILE C   OXT  sing N N 159 
ILE CB  CG1  sing N N 160 
ILE CB  CG2  sing N N 161 
ILE CB  HB   sing N N 162 
ILE CG1 CD1  sing N N 163 
ILE CG1 HG12 sing N N 164 
ILE CG1 HG13 sing N N 165 
ILE CG2 HG21 sing N N 166 
ILE CG2 HG22 sing N N 167 
ILE CG2 HG23 sing N N 168 
ILE CD1 HD11 sing N N 169 
ILE CD1 HD12 sing N N 170 
ILE CD1 HD13 sing N N 171 
ILE OXT HXT  sing N N 172 
LEU N   CA   sing N N 173 
LEU N   H    sing N N 174 
LEU N   H2   sing N N 175 
LEU CA  C    sing N N 176 
LEU CA  CB   sing N N 177 
LEU CA  HA   sing N N 178 
LEU C   O    doub N N 179 
LEU C   OXT  sing N N 180 
LEU CB  CG   sing N N 181 
LEU CB  HB2  sing N N 182 
LEU CB  HB3  sing N N 183 
LEU CG  CD1  sing N N 184 
LEU CG  CD2  sing N N 185 
LEU CG  HG   sing N N 186 
LEU CD1 HD11 sing N N 187 
LEU CD1 HD12 sing N N 188 
LEU CD1 HD13 sing N N 189 
LEU CD2 HD21 sing N N 190 
LEU CD2 HD22 sing N N 191 
LEU CD2 HD23 sing N N 192 
LEU OXT HXT  sing N N 193 
LYS N   CA   sing N N 194 
LYS N   H    sing N N 195 
LYS N   H2   sing N N 196 
LYS CA  C    sing N N 197 
LYS CA  CB   sing N N 198 
LYS CA  HA   sing N N 199 
LYS C   O    doub N N 200 
LYS C   OXT  sing N N 201 
LYS CB  CG   sing N N 202 
LYS CB  HB2  sing N N 203 
LYS CB  HB3  sing N N 204 
LYS CG  CD   sing N N 205 
LYS CG  HG2  sing N N 206 
LYS CG  HG3  sing N N 207 
LYS CD  CE   sing N N 208 
LYS CD  HD2  sing N N 209 
LYS CD  HD3  sing N N 210 
LYS CE  NZ   sing N N 211 
LYS CE  HE2  sing N N 212 
LYS CE  HE3  sing N N 213 
LYS NZ  HZ1  sing N N 214 
LYS NZ  HZ2  sing N N 215 
LYS NZ  HZ3  sing N N 216 
LYS OXT HXT  sing N N 217 
MET N   CA   sing N N 218 
MET N   H    sing N N 219 
MET N   H2   sing N N 220 
MET CA  C    sing N N 221 
MET CA  CB   sing N N 222 
MET CA  HA   sing N N 223 
MET C   O    doub N N 224 
MET C   OXT  sing N N 225 
MET CB  CG   sing N N 226 
MET CB  HB2  sing N N 227 
MET CB  HB3  sing N N 228 
MET CG  SD   sing N N 229 
MET CG  HG2  sing N N 230 
MET CG  HG3  sing N N 231 
MET SD  CE   sing N N 232 
MET CE  HE1  sing N N 233 
MET CE  HE2  sing N N 234 
MET CE  HE3  sing N N 235 
MET OXT HXT  sing N N 236 
PHE N   CA   sing N N 237 
PHE N   H    sing N N 238 
PHE N   H2   sing N N 239 
PHE CA  C    sing N N 240 
PHE CA  CB   sing N N 241 
PHE CA  HA   sing N N 242 
PHE C   O    doub N N 243 
PHE C   OXT  sing N N 244 
PHE CB  CG   sing N N 245 
PHE CB  HB2  sing N N 246 
PHE CB  HB3  sing N N 247 
PHE CG  CD1  doub Y N 248 
PHE CG  CD2  sing Y N 249 
PHE CD1 CE1  sing Y N 250 
PHE CD1 HD1  sing N N 251 
PHE CD2 CE2  doub Y N 252 
PHE CD2 HD2  sing N N 253 
PHE CE1 CZ   doub Y N 254 
PHE CE1 HE1  sing N N 255 
PHE CE2 CZ   sing Y N 256 
PHE CE2 HE2  sing N N 257 
PHE CZ  HZ   sing N N 258 
PHE OXT HXT  sing N N 259 
PRO N   CA   sing N N 260 
PRO N   CD   sing N N 261 
PRO N   H    sing N N 262 
PRO CA  C    sing N N 263 
PRO CA  CB   sing N N 264 
PRO CA  HA   sing N N 265 
PRO C   O    doub N N 266 
PRO C   OXT  sing N N 267 
PRO CB  CG   sing N N 268 
PRO CB  HB2  sing N N 269 
PRO CB  HB3  sing N N 270 
PRO CG  CD   sing N N 271 
PRO CG  HG2  sing N N 272 
PRO CG  HG3  sing N N 273 
PRO CD  HD2  sing N N 274 
PRO CD  HD3  sing N N 275 
PRO OXT HXT  sing N N 276 
SER N   CA   sing N N 277 
SER N   H    sing N N 278 
SER N   H2   sing N N 279 
SER CA  C    sing N N 280 
SER CA  CB   sing N N 281 
SER CA  HA   sing N N 282 
SER C   O    doub N N 283 
SER C   OXT  sing N N 284 
SER CB  OG   sing N N 285 
SER CB  HB2  sing N N 286 
SER CB  HB3  sing N N 287 
SER OG  HG   sing N N 288 
SER OXT HXT  sing N N 289 
THR N   CA   sing N N 290 
THR N   H    sing N N 291 
THR N   H2   sing N N 292 
THR CA  C    sing N N 293 
THR CA  CB   sing N N 294 
THR CA  HA   sing N N 295 
THR C   O    doub N N 296 
THR C   OXT  sing N N 297 
THR CB  OG1  sing N N 298 
THR CB  CG2  sing N N 299 
THR CB  HB   sing N N 300 
THR OG1 HG1  sing N N 301 
THR CG2 HG21 sing N N 302 
THR CG2 HG22 sing N N 303 
THR CG2 HG23 sing N N 304 
THR OXT HXT  sing N N 305 
TRP N   CA   sing N N 306 
TRP N   H    sing N N 307 
TRP N   H2   sing N N 308 
TRP CA  C    sing N N 309 
TRP CA  CB   sing N N 310 
TRP CA  HA   sing N N 311 
TRP C   O    doub N N 312 
TRP C   OXT  sing N N 313 
TRP CB  CG   sing N N 314 
TRP CB  HB2  sing N N 315 
TRP CB  HB3  sing N N 316 
TRP CG  CD1  doub Y N 317 
TRP CG  CD2  sing Y N 318 
TRP CD1 NE1  sing Y N 319 
TRP CD1 HD1  sing N N 320 
TRP CD2 CE2  doub Y N 321 
TRP CD2 CE3  sing Y N 322 
TRP NE1 CE2  sing Y N 323 
TRP NE1 HE1  sing N N 324 
TRP CE2 CZ2  sing Y N 325 
TRP CE3 CZ3  doub Y N 326 
TRP CE3 HE3  sing N N 327 
TRP CZ2 CH2  doub Y N 328 
TRP CZ2 HZ2  sing N N 329 
TRP CZ3 CH2  sing Y N 330 
TRP CZ3 HZ3  sing N N 331 
TRP CH2 HH2  sing N N 332 
TRP OXT HXT  sing N N 333 
TYR N   CA   sing N N 334 
TYR N   H    sing N N 335 
TYR N   H2   sing N N 336 
TYR CA  C    sing N N 337 
TYR CA  CB   sing N N 338 
TYR CA  HA   sing N N 339 
TYR C   O    doub N N 340 
TYR C   OXT  sing N N 341 
TYR CB  CG   sing N N 342 
TYR CB  HB2  sing N N 343 
TYR CB  HB3  sing N N 344 
TYR CG  CD1  doub Y N 345 
TYR CG  CD2  sing Y N 346 
TYR CD1 CE1  sing Y N 347 
TYR CD1 HD1  sing N N 348 
TYR CD2 CE2  doub Y N 349 
TYR CD2 HD2  sing N N 350 
TYR CE1 CZ   doub Y N 351 
TYR CE1 HE1  sing N N 352 
TYR CE2 CZ   sing Y N 353 
TYR CE2 HE2  sing N N 354 
TYR CZ  OH   sing N N 355 
TYR OH  HH   sing N N 356 
TYR OXT HXT  sing N N 357 
VAL N   CA   sing N N 358 
VAL N   H    sing N N 359 
VAL N   H2   sing N N 360 
VAL CA  C    sing N N 361 
VAL CA  CB   sing N N 362 
VAL CA  HA   sing N N 363 
VAL C   O    doub N N 364 
VAL C   OXT  sing N N 365 
VAL CB  CG1  sing N N 366 
VAL CB  CG2  sing N N 367 
VAL CB  HB   sing N N 368 
VAL CG1 HG11 sing N N 369 
VAL CG1 HG12 sing N N 370 
VAL CG1 HG13 sing N N 371 
VAL CG2 HG21 sing N N 372 
VAL CG2 HG22 sing N N 373 
VAL CG2 HG23 sing N N 374 
VAL OXT HXT  sing N N 375 
# 
_pdbx_audit_support.funding_organization   'Ministry of Science and Technology (MoST, China)' 
_pdbx_audit_support.country                China 
_pdbx_audit_support.grant_number           2017YFC0840302 
_pdbx_audit_support.ordinal                1 
# 
_pdbx_initial_refinement_model.id               1 
_pdbx_initial_refinement_model.entity_id_list   ? 
_pdbx_initial_refinement_model.type             'experimental model' 
_pdbx_initial_refinement_model.source_name      PDB 
_pdbx_initial_refinement_model.accession_code   5F22 
_pdbx_initial_refinement_model.details          ? 
# 
_atom_sites.entry_id                    6M5I 
_atom_sites.Cartn_transf_matrix[1][1]   ? 
_atom_sites.Cartn_transf_matrix[1][2]   ? 
_atom_sites.Cartn_transf_matrix[1][3]   ? 
_atom_sites.Cartn_transf_matrix[2][1]   ? 
_atom_sites.Cartn_transf_matrix[2][2]   ? 
_atom_sites.Cartn_transf_matrix[2][3]   ? 
_atom_sites.Cartn_transf_matrix[3][1]   ? 
_atom_sites.Cartn_transf_matrix[3][2]   ? 
_atom_sites.Cartn_transf_matrix[3][3]   ? 
_atom_sites.Cartn_transf_vector[1]      ? 
_atom_sites.Cartn_transf_vector[2]      ? 
_atom_sites.Cartn_transf_vector[3]      ? 
_atom_sites.fract_transf_matrix[1][1]   -0.01296296 
_atom_sites.fract_transf_matrix[1][2]   -0.01340372 
_atom_sites.fract_transf_matrix[1][3]   0.00613183 
_atom_sites.fract_transf_matrix[2][1]   0.00536046 
_atom_sites.fract_transf_matrix[2][2]   -0.00949631 
_atom_sites.fract_transf_matrix[2][3]   -0.00942597 
_atom_sites.fract_transf_matrix[3][1]   0.00641528 
_atom_sites.fract_transf_matrix[3][2]   -0.00310450 
_atom_sites.fract_transf_matrix[3][3]   0.00677598 
_atom_sites.fract_transf_vector[1]      -0.277584 
_atom_sites.fract_transf_vector[2]      -0.260292 
_atom_sites.fract_transf_vector[3]      -0.097691 
_atom_sites.solution_primary            ? 
_atom_sites.solution_secondary          ? 
_atom_sites.solution_hydrogens          ? 
_atom_sites.special_details             ? 
# 
loop_
_atom_type.symbol 
C 
N 
O 
S 
# 
loop_
_atom_site.group_PDB 
_atom_site.id 
_atom_site.type_symbol 
_atom_site.label_atom_id 
_atom_site.label_alt_id 
_atom_site.label_comp_id 
_atom_site.label_asym_id 
_atom_site.label_entity_id 
_atom_site.label_seq_id 
_atom_site.pdbx_PDB_ins_code 
_atom_site.Cartn_x 
_atom_site.Cartn_y 
_atom_site.Cartn_z 
_atom_site.occupancy 
_atom_site.B_iso_or_equiv 
_atom_site.pdbx_formal_charge 
_atom_site.auth_seq_id 
_atom_site.auth_comp_id 
_atom_site.auth_asym_id 
_atom_site.auth_atom_id 
_atom_site.pdbx_PDB_model_num 
ATOM   1    N N   . GLU A 1 77  ? 23.373  5.601   15.887  1.00 104.08 ? 82  GLU B N   1 
ATOM   2    C CA  . GLU A 1 77  ? 22.395  5.080   14.933  1.00 112.95 ? 82  GLU B CA  1 
ATOM   3    C C   . GLU A 1 77  ? 21.706  3.802   15.430  1.00 112.44 ? 82  GLU B C   1 
ATOM   4    O O   . GLU A 1 77  ? 20.508  3.599   15.196  1.00 115.00 ? 82  GLU B O   1 
ATOM   5    C CB  . GLU A 1 77  ? 23.068  4.816   13.583  1.00 109.09 ? 82  GLU B CB  1 
ATOM   6    C CG  . GLU A 1 77  ? 22.133  4.914   12.375  1.00 108.67 ? 82  GLU B CG  1 
ATOM   7    C CD  . GLU A 1 77  ? 21.571  6.315   12.154  1.00 97.53  ? 82  GLU B CD  1 
ATOM   8    O OE1 . GLU A 1 77  ? 22.250  7.303   12.533  1.00 86.49  ? 82  GLU B OE1 1 
ATOM   9    O OE2 . GLU A 1 77  ? 20.451  6.420   11.591  1.00 89.05  ? 82  GLU B OE2 1 
ATOM   10   N N   . ASP A 1 78  ? 22.471  2.954   16.113  1.00 106.53 ? 83  ASP B N   1 
ATOM   11   C CA  . ASP A 1 78  ? 21.990  1.669   16.601  1.00 105.18 ? 83  ASP B CA  1 
ATOM   12   C C   . ASP A 1 78  ? 20.743  1.816   17.479  1.00 109.97 ? 83  ASP B C   1 
ATOM   13   O O   . ASP A 1 78  ? 19.757  1.104   17.276  1.00 107.47 ? 83  ASP B O   1 
ATOM   14   C CB  . ASP A 1 78  ? 23.106  0.953   17.373  1.00 112.05 ? 83  ASP B CB  1 
ATOM   15   C CG  . ASP A 1 78  ? 23.934  1.914   18.233  1.00 119.25 ? 83  ASP B CG  1 
ATOM   16   O OD1 . ASP A 1 78  ? 24.495  1.480   19.267  1.00 123.65 ? 83  ASP B OD1 1 
ATOM   17   O OD2 . ASP A 1 78  ? 24.019  3.112   17.885  1.00 114.61 ? 83  ASP B OD2 1 
ATOM   18   N N   . LYS A 1 79  ? 20.774  2.747   18.434  1.00 106.66 ? 84  LYS B N   1 
ATOM   19   C CA  . LYS A 1 79  ? 19.669  2.895   19.385  1.00 107.07 ? 84  LYS B CA  1 
ATOM   20   C C   . LYS A 1 79  ? 18.411  3.461   18.712  1.00 106.29 ? 84  LYS B C   1 
ATOM   21   O O   . LYS A 1 79  ? 17.284  3.044   19.030  1.00 98.22  ? 84  LYS B O   1 
ATOM   22   C CB  . LYS A 1 79  ? 20.077  3.789   20.569  1.00 101.62 ? 84  LYS B CB  1 
ATOM   23   C CG  . LYS A 1 79  ? 19.181  3.622   21.806  1.00 92.38  ? 84  LYS B CG  1 
ATOM   24   C CD  . LYS A 1 79  ? 19.228  4.854   22.722  1.00 105.35 ? 84  LYS B CD  1 
ATOM   25   C CE  . LYS A 1 79  ? 18.448  4.666   24.049  1.00 101.88 ? 84  LYS B CE  1 
ATOM   26   N NZ  . LYS A 1 79  ? 17.228  5.545   24.188  1.00 88.07  ? 84  LYS B NZ  1 
ATOM   27   N N   . ARG A 1 80  ? 18.608  4.403   17.784  1.00 102.40 ? 85  ARG B N   1 
ATOM   28   C CA  . ARG A 1 80  ? 17.498  5.032   17.067  1.00 92.71  ? 85  ARG B CA  1 
ATOM   29   C C   . ARG A 1 80  ? 16.851  4.075   16.079  1.00 89.41  ? 85  ARG B C   1 
ATOM   30   O O   . ARG A 1 80  ? 15.656  4.166   15.812  1.00 90.10  ? 85  ARG B O   1 
ATOM   31   C CB  . ARG A 1 80  ? 17.968  6.298   16.347  1.00 90.74  ? 85  ARG B CB  1 
ATOM   32   C CG  . ARG A 1 80  ? 17.854  7.552   17.216  1.00 93.92  ? 85  ARG B CG  1 
ATOM   33   C CD  . ARG A 1 80  ? 16.420  8.085   17.303  1.00 85.83  ? 85  ARG B CD  1 
ATOM   34   N NE  . ARG A 1 80  ? 15.748  7.793   18.575  1.00 102.09 ? 85  ARG B NE  1 
ATOM   35   C CZ  . ARG A 1 80  ? 14.500  8.169   18.870  1.00 107.63 ? 85  ARG B CZ  1 
ATOM   36   N NH1 . ARG A 1 80  ? 13.789  8.875   17.995  1.00 98.72  ? 85  ARG B NH1 1 
ATOM   37   N NH2 . ARG A 1 80  ? 13.951  7.850   20.037  1.00 116.57 ? 85  ARG B NH2 1 
ATOM   38   N N   . ALA A 1 81  ? 17.644  3.162   15.537  1.00 91.59  ? 86  ALA B N   1 
ATOM   39   C CA  . ALA A 1 81  ? 17.125  2.098   14.690  1.00 95.92  ? 86  ALA B CA  1 
ATOM   40   C C   . ALA A 1 81  ? 16.100  1.245   15.445  1.00 95.94  ? 86  ALA B C   1 
ATOM   41   O O   . ALA A 1 81  ? 14.999  0.990   14.944  1.00 90.95  ? 86  ALA B O   1 
ATOM   42   C CB  . ALA A 1 81  ? 18.263  1.233   14.176  1.00 93.65  ? 86  ALA B CB  1 
ATOM   43   N N   . LYS A 1 82  ? 16.463  0.807   16.648  1.00 94.28  ? 87  LYS B N   1 
ATOM   44   C CA  . LYS A 1 82  ? 15.550  0.024   17.475  1.00 92.31  ? 87  LYS B CA  1 
ATOM   45   C C   . LYS A 1 82  ? 14.340  0.848   17.935  1.00 91.32  ? 87  LYS B C   1 
ATOM   46   O O   . LYS A 1 82  ? 13.275  0.291   18.217  1.00 88.16  ? 87  LYS B O   1 
ATOM   47   C CB  . LYS A 1 82  ? 16.280  -0.567  18.686  1.00 95.32  ? 87  LYS B CB  1 
ATOM   48   C CG  . LYS A 1 82  ? 17.756  -0.891  18.456  1.00 100.94 ? 87  LYS B CG  1 
ATOM   49   C CD  . LYS A 1 82  ? 18.473  -1.348  19.747  1.00 106.23 ? 87  LYS B CD  1 
ATOM   50   C CE  . LYS A 1 82  ? 17.736  -2.490  20.449  1.00 103.56 ? 87  LYS B CE  1 
ATOM   51   N NZ  . LYS A 1 82  ? 18.240  -2.707  21.839  1.00 112.12 ? 87  LYS B NZ  1 
ATOM   52   N N   . VAL A 1 83  ? 14.492  2.167   18.008  1.00 88.95  ? 88  VAL B N   1 
ATOM   53   C CA  . VAL A 1 83  ? 13.329  3.013   18.264  1.00 87.66  ? 88  VAL B CA  1 
ATOM   54   C C   . VAL A 1 83  ? 12.374  2.842   17.093  1.00 81.79  ? 88  VAL B C   1 
ATOM   55   O O   . VAL A 1 83  ? 11.226  2.413   17.254  1.00 74.32  ? 88  VAL B O   1 
ATOM   56   C CB  . VAL A 1 83  ? 13.712  4.493   18.457  1.00 84.68  ? 88  VAL B CB  1 
ATOM   57   C CG1 . VAL A 1 83  ? 12.473  5.362   18.400  1.00 82.51  ? 88  VAL B CG1 1 
ATOM   58   C CG2 . VAL A 1 83  ? 14.438  4.696   19.779  1.00 80.91  ? 88  VAL B CG2 1 
ATOM   59   N N   . THR A 1 84  ? 12.885  3.150   15.905  1.00 86.32  ? 89  THR B N   1 
ATOM   60   C CA  . THR A 1 84  ? 12.123  3.061   14.668  1.00 79.38  ? 89  THR B CA  1 
ATOM   61   C C   . THR A 1 84  ? 11.592  1.649   14.504  1.00 76.14  ? 89  THR B C   1 
ATOM   62   O O   . THR A 1 84  ? 10.529  1.439   13.923  1.00 75.96  ? 89  THR B O   1 
ATOM   63   C CB  . THR A 1 84  ? 12.982  3.447   13.438  1.00 81.44  ? 89  THR B CB  1 
ATOM   64   O OG1 . THR A 1 84  ? 13.888  4.498   13.796  1.00 79.53  ? 89  THR B OG1 1 
ATOM   65   C CG2 . THR A 1 84  ? 12.098  3.924   12.283  1.00 84.13  ? 89  THR B CG2 1 
ATOM   66   N N   . SER A 1 85  ? 12.330  0.686   15.041  1.00 78.66  ? 90  SER B N   1 
ATOM   67   C CA  . SER A 1 85  ? 11.911  -0.706  15.004  1.00 78.62  ? 90  SER B CA  1 
ATOM   68   C C   . SER A 1 85  ? 10.662  -0.933  15.835  1.00 76.36  ? 90  SER B C   1 
ATOM   69   O O   . SER A 1 85  ? 9.676   -1.515  15.373  1.00 74.29  ? 90  SER B O   1 
ATOM   70   C CB  . SER A 1 85  ? 13.027  -1.609  15.504  1.00 83.11  ? 90  SER B CB  1 
ATOM   71   O OG  . SER A 1 85  ? 12.504  -2.867  15.871  1.00 97.06  ? 90  SER B OG  1 
ATOM   72   N N   . ALA A 1 86  ? 10.713  -0.471  17.074  1.00 75.38  ? 91  ALA B N   1 
ATOM   73   C CA  . ALA A 1 86  ? 9.582   -0.609  17.960  1.00 71.70  ? 91  ALA B CA  1 
ATOM   74   C C   . ALA A 1 86  ? 8.387   0.131   17.392  1.00 71.10  ? 91  ALA B C   1 
ATOM   75   O O   . ALA A 1 86  ? 7.270   -0.361  17.445  1.00 74.63  ? 91  ALA B O   1 
ATOM   76   C CB  . ALA A 1 86  ? 9.933   -0.094  19.351  1.00 78.58  ? 91  ALA B CB  1 
ATOM   77   N N   . MET A 1 87  ? 8.630   1.310   16.824  1.00 73.61  ? 92  MET B N   1 
ATOM   78   C CA  . MET A 1 87  ? 7.553   2.172   16.332  1.00 68.46  ? 92  MET B CA  1 
ATOM   79   C C   . MET A 1 87  ? 6.833   1.572   15.130  1.00 70.15  ? 92  MET B C   1 
ATOM   80   O O   . MET A 1 87  ? 5.606   1.657   15.021  1.00 66.76  ? 92  MET B O   1 
ATOM   81   C CB  . MET A 1 87  ? 8.106   3.552   15.975  1.00 67.06  ? 92  MET B CB  1 
ATOM   82   C CG  . MET A 1 87  ? 7.049   4.576   15.580  1.00 65.44  ? 92  MET B CG  1 
ATOM   83   S SD  . MET A 1 87  ? 7.659   6.282   15.610  1.00 68.91  ? 92  MET B SD  1 
ATOM   84   C CE  . MET A 1 87  ? 8.687   6.333   17.056  1.00 61.42  ? 92  MET B CE  1 
ATOM   85   N N   . GLN A 1 88  ? 7.607   0.973   14.228  1.00 70.97  ? 93  GLN B N   1 
ATOM   86   C CA  . GLN A 1 88  ? 7.061   0.273   13.061  1.00 73.10  ? 93  GLN B CA  1 
ATOM   87   C C   . GLN A 1 88  ? 6.346   -1.036  13.419  1.00 72.14  ? 93  GLN B C   1 
ATOM   88   O O   . GLN A 1 88  ? 5.283   -1.353  12.875  1.00 75.13  ? 93  GLN B O   1 
ATOM   89   C CB  . GLN A 1 88  ? 8.179   0.002   12.049  1.00 71.91  ? 93  GLN B CB  1 
ATOM   90   C CG  . GLN A 1 88  ? 8.408   1.174   11.099  1.00 71.73  ? 93  GLN B CG  1 
ATOM   91   C CD  . GLN A 1 88  ? 9.828   1.277   10.600  1.00 79.47  ? 93  GLN B CD  1 
ATOM   92   O OE1 . GLN A 1 88  ? 10.401  2.371   10.551  1.00 79.65  ? 93  GLN B OE1 1 
ATOM   93   N NE2 . GLN A 1 88  ? 10.405  0.142   10.207  1.00 85.30  ? 93  GLN B NE2 1 
ATOM   94   N N   . THR A 1 89  ? 6.936   -1.789  14.339  1.00 75.19  ? 94  THR B N   1 
ATOM   95   C CA  . THR A 1 89  ? 6.319   -3.003  14.855  1.00 79.48  ? 94  THR B CA  1 
ATOM   96   C C   . THR A 1 89  ? 4.933   -2.670  15.391  1.00 76.00  ? 94  THR B C   1 
ATOM   97   O O   . THR A 1 89  ? 3.926   -3.272  15.005  1.00 76.69  ? 94  THR B O   1 
ATOM   98   C CB  . THR A 1 89  ? 7.195   -3.619  15.961  1.00 75.80  ? 94  THR B CB  1 
ATOM   99   O OG1 . THR A 1 89  ? 8.572   -3.485  15.586  1.00 74.03  ? 94  THR B OG1 1 
ATOM   100  C CG2 . THR A 1 89  ? 6.870   -5.081  16.174  1.00 71.93  ? 94  THR B CG2 1 
ATOM   101  N N   . MET A 1 90  ? 4.913   -1.663  16.253  1.00 72.46  ? 95  MET B N   1 
ATOM   102  C CA  . MET A 1 90  ? 3.728   -1.264  16.970  1.00 74.77  ? 95  MET B CA  1 
ATOM   103  C C   . MET A 1 90  ? 2.657   -0.705  16.056  1.00 73.37  ? 95  MET B C   1 
ATOM   104  O O   . MET A 1 90  ? 1.474   -0.760  16.373  1.00 75.25  ? 95  MET B O   1 
ATOM   105  C CB  . MET A 1 90  ? 4.111   -0.241  18.027  1.00 73.53  ? 95  MET B CB  1 
ATOM   106  C CG  . MET A 1 90  ? 4.044   -0.816  19.426  1.00 81.14  ? 95  MET B CG  1 
ATOM   107  S SD  . MET A 1 90  ? 4.818   -2.464  19.535  1.00 101.26 ? 95  MET B SD  1 
ATOM   108  C CE  . MET A 1 90  ? 6.556   -2.084  19.810  1.00 70.81  ? 95  MET B CE  1 
ATOM   109  N N   . LEU A 1 91  ? 3.084   -0.155  14.926  1.00 73.28  ? 96  LEU B N   1 
ATOM   110  C CA  . LEU A 1 91  ? 2.166   0.471   13.972  1.00 76.73  ? 96  LEU B CA  1 
ATOM   111  C C   . LEU A 1 91  ? 1.263   -0.545  13.275  1.00 78.36  ? 96  LEU B C   1 
ATOM   112  O O   . LEU A 1 91  ? 0.063   -0.315  13.112  1.00 78.71  ? 96  LEU B O   1 
ATOM   113  C CB  . LEU A 1 91  ? 2.954   1.266   12.932  1.00 71.17  ? 96  LEU B CB  1 
ATOM   114  C CG  . LEU A 1 91  ? 2.309   1.456   11.565  1.00 70.47  ? 96  LEU B CG  1 
ATOM   115  C CD1 . LEU A 1 91  ? 1.120   2.388   11.632  1.00 67.15  ? 96  LEU B CD1 1 
ATOM   116  C CD2 . LEU A 1 91  ? 3.349   1.989   10.611  1.00 69.44  ? 96  LEU B CD2 1 
ATOM   117  N N   . PHE A 1 92  ? 1.847   -1.665  12.864  1.00 76.85  ? 97  PHE B N   1 
ATOM   118  C CA  . PHE A 1 92  ? 1.089   -2.706  12.194  1.00 77.66  ? 97  PHE B CA  1 
ATOM   119  C C   . PHE A 1 92  ? 0.197   -3.459  13.172  1.00 81.73  ? 97  PHE B C   1 
ATOM   120  O O   . PHE A 1 92  ? -0.837  -4.023  12.799  1.00 79.41  ? 97  PHE B O   1 
ATOM   121  C CB  . PHE A 1 92  ? 2.049   -3.620  11.436  1.00 78.18  ? 97  PHE B CB  1 
ATOM   122  C CG  . PHE A 1 92  ? 2.498   -3.007  10.140  1.00 76.03  ? 97  PHE B CG  1 
ATOM   123  C CD1 . PHE A 1 92  ? 3.689   -2.314  10.062  1.00 77.22  ? 97  PHE B CD1 1 
ATOM   124  C CD2 . PHE A 1 92  ? 1.657   -3.020  9.032   1.00 76.75  ? 97  PHE B CD2 1 
ATOM   125  C CE1 . PHE A 1 92  ? 4.056   -1.697  8.882   1.00 83.77  ? 97  PHE B CE1 1 
ATOM   126  C CE2 . PHE A 1 92  ? 2.009   -2.405  7.858   1.00 73.16  ? 97  PHE B CE2 1 
ATOM   127  C CZ  . PHE A 1 92  ? 3.209   -1.749  7.778   1.00 81.13  ? 97  PHE B CZ  1 
ATOM   128  N N   . THR A 1 93  ? 0.572   -3.415  14.440  1.00 88.88  ? 98  THR B N   1 
ATOM   129  C CA  . THR A 1 93  ? -0.313  -3.884  15.494  1.00 88.75  ? 98  THR B CA  1 
ATOM   130  C C   . THR A 1 93  ? -1.531  -2.950  15.602  1.00 79.68  ? 98  THR B C   1 
ATOM   131  O O   . THR A 1 93  ? -2.664  -3.413  15.665  1.00 82.24  ? 98  THR B O   1 
ATOM   132  C CB  . THR A 1 93  ? 0.432   -3.981  16.826  1.00 79.46  ? 98  THR B CB  1 
ATOM   133  O OG1 . THR A 1 93  ? 1.780   -4.392  16.569  1.00 78.51  ? 98  THR B OG1 1 
ATOM   134  C CG2 . THR A 1 93  ? -0.233  -5.006  17.720  1.00 76.19  ? 98  THR B CG2 1 
ATOM   135  N N   . MET A 1 94  ? -1.305  -1.642  15.601  1.00 76.35  ? 99  MET B N   1 
ATOM   136  C CA  . MET A 1 94  ? -2.413  -0.705  15.501  1.00 76.09  ? 99  MET B CA  1 
ATOM   137  C C   . MET A 1 94  ? -3.227  -1.013  14.246  1.00 83.70  ? 99  MET B C   1 
ATOM   138  O O   . MET A 1 94  ? -4.464  -1.002  14.265  1.00 84.05  ? 99  MET B O   1 
ATOM   139  C CB  . MET A 1 94  ? -1.908  0.734   15.471  1.00 81.06  ? 99  MET B CB  1 
ATOM   140  C CG  . MET A 1 94  ? -1.380  1.232   16.802  1.00 87.74  ? 99  MET B CG  1 
ATOM   141  S SD  . MET A 1 94  ? -2.626  0.992   18.074  1.00 112.74 ? 99  MET B SD  1 
ATOM   142  C CE  . MET A 1 94  ? -1.828  -0.162  19.206  1.00 91.14  ? 99  MET B CE  1 
ATOM   143  N N   . LEU A 1 95  ? -2.520  -1.313  13.161  1.00 80.97  ? 100 LEU B N   1 
ATOM   144  C CA  . LEU A 1 95  ? -3.159  -1.631  11.891  1.00 80.58  ? 100 LEU B CA  1 
ATOM   145  C C   . LEU A 1 95  ? -3.934  -2.939  11.935  1.00 81.75  ? 100 LEU B C   1 
ATOM   146  O O   . LEU A 1 95  ? -5.105  -2.964  11.581  1.00 84.76  ? 100 LEU B O   1 
ATOM   147  C CB  . LEU A 1 95  ? -2.119  -1.684  10.786  1.00 79.59  ? 100 LEU B CB  1 
ATOM   148  C CG  . LEU A 1 95  ? -1.606  -0.290  10.473  1.00 75.34  ? 100 LEU B CG  1 
ATOM   149  C CD1 . LEU A 1 95  ? -0.310  -0.383  9.720   1.00 77.17  ? 100 LEU B CD1 1 
ATOM   150  C CD2 . LEU A 1 95  ? -2.650  0.479   9.693   1.00 68.41  ? 100 LEU B CD2 1 
ATOM   151  N N   . ARG A 1 96  ? -3.277  -4.018  12.358  1.00 85.49  ? 101 ARG B N   1 
ATOM   152  C CA  . ARG A 1 96  ? -3.924  -5.327  12.493  1.00 86.09  ? 101 ARG B CA  1 
ATOM   153  C C   . ARG A 1 96  ? -5.226  -5.255  13.295  1.00 87.69  ? 101 ARG B C   1 
ATOM   154  O O   . ARG A 1 96  ? -6.280  -5.761  12.883  1.00 82.30  ? 101 ARG B O   1 
ATOM   155  C CB  . ARG A 1 96  ? -2.981  -6.325  13.172  1.00 91.03  ? 101 ARG B CB  1 
ATOM   156  C CG  . ARG A 1 96  ? -1.900  -6.946  12.282  1.00 101.51 ? 101 ARG B CG  1 
ATOM   157  C CD  . ARG A 1 96  ? -2.412  -7.447  10.919  1.00 100.66 ? 101 ARG B CD  1 
ATOM   158  N NE  . ARG A 1 96  ? -1.302  -7.910  10.085  1.00 94.52  ? 101 ARG B NE  1 
ATOM   159  C CZ  . ARG A 1 96  ? -0.432  -7.103  9.480   1.00 97.22  ? 101 ARG B CZ  1 
ATOM   160  N NH1 . ARG A 1 96  ? -0.544  -5.779  9.592   1.00 85.49  ? 101 ARG B NH1 1 
ATOM   161  N NH2 . ARG A 1 96  ? 0.551   -7.621  8.751   1.00 98.47  ? 101 ARG B NH2 1 
ATOM   162  N N   . LYS A 1 97  ? -5.130  -4.614  14.452  1.00 84.49  ? 102 LYS B N   1 
ATOM   163  C CA  . LYS A 1 97  ? -6.237  -4.547  15.376  1.00 76.36  ? 102 LYS B CA  1 
ATOM   164  C C   . LYS A 1 97  ? -7.394  -3.774  14.754  1.00 77.49  ? 102 LYS B C   1 
ATOM   165  O O   . LYS A 1 97  ? -8.560  -4.084  14.989  1.00 80.03  ? 102 LYS B O   1 
ATOM   166  C CB  . LYS A 1 97  ? -5.760  -3.929  16.698  1.00 71.76  ? 102 LYS B CB  1 
ATOM   167  C CG  . LYS A 1 97  ? -5.088  -4.963  17.597  1.00 63.86  ? 102 LYS B CG  1 
ATOM   168  C CD  . LYS A 1 97  ? -3.978  -4.393  18.429  1.00 66.78  ? 102 LYS B CD  1 
ATOM   169  C CE  . LYS A 1 97  ? -3.673  -5.291  19.611  1.00 75.37  ? 102 LYS B CE  1 
ATOM   170  N NZ  . LYS A 1 97  ? -2.773  -6.460  19.338  1.00 68.19  ? 102 LYS B NZ  1 
ATOM   171  N N   . LEU A 1 98  ? -7.074  -2.796  13.923  1.00 79.21  ? 103 LEU B N   1 
ATOM   172  C CA  . LEU A 1 98  ? -8.106  -1.993  13.291  1.00 81.17  ? 103 LEU B CA  1 
ATOM   173  C C   . LEU A 1 98  ? -9.006  -2.895  12.467  1.00 76.57  ? 103 LEU B C   1 
ATOM   174  O O   . LEU A 1 98  ? -10.192 -2.601  12.270  1.00 73.70  ? 103 LEU B O   1 
ATOM   175  C CB  . LEU A 1 98  ? -7.479  -0.905  12.415  1.00 82.21  ? 103 LEU B CB  1 
ATOM   176  C CG  . LEU A 1 98  ? -7.121  0.444   13.045  1.00 80.81  ? 103 LEU B CG  1 
ATOM   177  C CD1 . LEU A 1 98  ? -5.909  1.005   12.342  1.00 82.69  ? 103 LEU B CD1 1 
ATOM   178  C CD2 . LEU A 1 98  ? -8.267  1.432   12.945  1.00 76.38  ? 103 LEU B CD2 1 
ATOM   179  N N   . ASP A 1 99  ? -8.409  -4.005  12.025  1.00 82.40  ? 104 ASP B N   1 
ATOM   180  C CA  . ASP A 1 99  ? -8.994  -4.990  11.095  1.00 87.81  ? 104 ASP B CA  1 
ATOM   181  C C   . ASP A 1 99  ? -9.995  -4.388  10.106  1.00 85.65  ? 104 ASP B C   1 
ATOM   182  O O   . ASP A 1 99  ? -11.211 -4.407  10.312  1.00 93.18  ? 104 ASP B O   1 
ATOM   183  C CB  . ASP A 1 99  ? -9.647  -6.132  11.868  1.00 90.35  ? 104 ASP B CB  1 
ATOM   184  C CG  . ASP A 1 99  ? -9.888  -7.354  11.004  1.00 95.29  ? 104 ASP B CG  1 
ATOM   185  O OD1 . ASP A 1 99  ? -11.064 -7.619  10.664  1.00 99.37  ? 104 ASP B OD1 1 
ATOM   186  O OD2 . ASP A 1 99  ? -8.907  -8.054  10.667  1.00 99.99  ? 104 ASP B OD2 1 
ATOM   187  N N   . ASN A 1 100 ? -9.463  -3.852  9.024   1.00 77.21  ? 105 ASN B N   1 
ATOM   188  C CA  . ASN A 1 100 ? -10.277 -3.211  8.022   1.00 78.97  ? 105 ASN B CA  1 
ATOM   189  C C   . ASN A 1 100 ? -9.916  -3.774  6.646   1.00 83.12  ? 105 ASN B C   1 
ATOM   190  O O   . ASN A 1 100 ? -8.739  -3.917  6.292   1.00 79.07  ? 105 ASN B O   1 
ATOM   191  C CB  . ASN A 1 100 ? -10.086 -1.700  8.092   1.00 75.02  ? 105 ASN B CB  1 
ATOM   192  C CG  . ASN A 1 100 ? -10.427 -1.009  6.802   1.00 71.40  ? 105 ASN B CG  1 
ATOM   193  O OD1 . ASN A 1 100 ? -9.623  -0.984  5.869   1.00 70.52  ? 105 ASN B OD1 1 
ATOM   194  N ND2 . ASN A 1 100 ? -11.612 -0.417  6.745   1.00 69.63  ? 105 ASN B ND2 1 
ATOM   195  N N   . ASP A 1 101 ? -10.940 -4.097  5.870   1.00 87.57  ? 106 ASP B N   1 
ATOM   196  C CA  . ASP A 1 101 ? -10.759 -4.850  4.636   1.00 81.02  ? 106 ASP B CA  1 
ATOM   197  C C   . ASP A 1 101 ? -9.841  -4.160  3.637   1.00 80.21  ? 106 ASP B C   1 
ATOM   198  O O   . ASP A 1 101 ? -8.997  -4.813  3.023   1.00 77.97  ? 106 ASP B O   1 
ATOM   199  C CB  . ASP A 1 101 ? -12.116 -5.124  4.008   1.00 84.94  ? 106 ASP B CB  1 
ATOM   200  C CG  . ASP A 1 101 ? -12.980 -6.022  4.874   1.00 95.47  ? 106 ASP B CG  1 
ATOM   201  O OD1 . ASP A 1 101 ? -12.412 -6.844  5.641   1.00 84.95  ? 106 ASP B OD1 1 
ATOM   202  O OD2 . ASP A 1 101 ? -14.222 -5.915  4.777   1.00 97.87  ? 106 ASP B OD2 1 
ATOM   203  N N   . ALA A 1 102 ? -9.987  -2.842  3.503   1.00 80.73  ? 107 ALA B N   1 
ATOM   204  C CA  . ALA A 1 102 ? -9.209  -2.063  2.536   1.00 72.22  ? 107 ALA B CA  1 
ATOM   205  C C   . ALA A 1 102 ? -7.719  -2.030  2.862   1.00 73.82  ? 107 ALA B C   1 
ATOM   206  O O   . ALA A 1 102 ? -6.886  -2.156  1.966   1.00 70.19  ? 107 ALA B O   1 
ATOM   207  C CB  . ALA A 1 102 ? -9.741  -0.670  2.447   1.00 71.69  ? 107 ALA B CB  1 
ATOM   208  N N   . LEU A 1 103 ? -7.380  -1.842  4.137   1.00 79.75  ? 108 LEU B N   1 
ATOM   209  C CA  . LEU A 1 103 ? -5.975  -1.836  4.552   1.00 70.32  ? 108 LEU B CA  1 
ATOM   210  C C   . LEU A 1 103 ? -5.415  -3.224  4.399   1.00 72.88  ? 108 LEU B C   1 
ATOM   211  O O   . LEU A 1 103 ? -4.424  -3.423  3.697   1.00 78.13  ? 108 LEU B O   1 
ATOM   212  C CB  . LEU A 1 103 ? -5.817  -1.350  5.979   1.00 68.72  ? 108 LEU B CB  1 
ATOM   213  C CG  . LEU A 1 103 ? -6.481  0.017   6.158   1.00 74.04  ? 108 LEU B CG  1 
ATOM   214  C CD1 . LEU A 1 103 ? -6.297  0.537   7.553   1.00 64.08  ? 108 LEU B CD1 1 
ATOM   215  C CD2 . LEU A 1 103 ? -5.934  1.008   5.151   1.00 72.03  ? 108 LEU B CD2 1 
ATOM   216  N N   . ASN A 1 104 ? -6.088  -4.197  4.994   1.00 73.54  ? 109 ASN B N   1 
ATOM   217  C CA  . ASN A 1 104 ? -5.614  -5.583  4.941   1.00 82.56  ? 109 ASN B CA  1 
ATOM   218  C C   . ASN A 1 104 ? -5.339  -6.080  3.511   1.00 76.41  ? 109 ASN B C   1 
ATOM   219  O O   . ASN A 1 104 ? -4.364  -6.801  3.262   1.00 72.44  ? 109 ASN B O   1 
ATOM   220  C CB  . ASN A 1 104 ? -6.616  -6.484  5.655   1.00 85.38  ? 109 ASN B CB  1 
ATOM   221  C CG  . ASN A 1 104 ? -6.712  -6.163  7.141   1.00 82.53  ? 109 ASN B CG  1 
ATOM   222  O OD1 . ASN A 1 104 ? -7.781  -5.849  7.655   1.00 86.27  ? 109 ASN B OD1 1 
ATOM   223  N ND2 . ASN A 1 104 ? -5.581  -6.213  7.825   1.00 81.30  ? 109 ASN B ND2 1 
ATOM   224  N N   . ASN A 1 105 ? -6.178  -5.651  2.580   1.00 76.41  ? 110 ASN B N   1 
ATOM   225  C CA  . ASN A 1 105 ? -5.903  -5.819  1.161   1.00 75.10  ? 110 ASN B CA  1 
ATOM   226  C C   . ASN A 1 105 ? -4.496  -5.332  0.837   1.00 74.95  ? 110 ASN B C   1 
ATOM   227  O O   . ASN A 1 105 ? -3.642  -6.116  0.429   1.00 75.76  ? 110 ASN B O   1 
ATOM   228  C CB  . ASN A 1 105 ? -6.944  -5.061  0.333   1.00 77.36  ? 110 ASN B CB  1 
ATOM   229  C CG  . ASN A 1 105 ? -6.749  -5.229  -1.162  1.00 79.58  ? 110 ASN B CG  1 
ATOM   230  O OD1 . ASN A 1 105 ? -6.393  -4.291  -1.875  1.00 80.99  ? 110 ASN B OD1 1 
ATOM   231  N ND2 . ASN A 1 105 ? -6.973  -6.436  -1.641  1.00 82.31  ? 110 ASN B ND2 1 
ATOM   232  N N   . ILE A 1 106 ? -4.241  -4.050  1.068   1.00 71.82  ? 111 ILE B N   1 
ATOM   233  C CA  . ILE A 1 106 ? -2.983  -3.453  0.629   1.00 70.87  ? 111 ILE B CA  1 
ATOM   234  C C   . ILE A 1 106 ? -1.778  -3.904  1.478   1.00 70.29  ? 111 ILE B C   1 
ATOM   235  O O   . ILE A 1 106 ? -0.654  -3.920  0.982   1.00 70.95  ? 111 ILE B O   1 
ATOM   236  C CB  . ILE A 1 106 ? -3.084  -1.909  0.597   1.00 71.41  ? 111 ILE B CB  1 
ATOM   237  C CG1 . ILE A 1 106 ? -2.967  -1.338  2.014   1.00 72.24  ? 111 ILE B CG1 1 
ATOM   238  C CG2 . ILE A 1 106 ? -4.369  -1.450  -0.102  1.00 69.13  ? 111 ILE B CG2 1 
ATOM   239  C CD1 . ILE A 1 106 ? -3.258  0.130   2.128   1.00 69.79  ? 111 ILE B CD1 1 
ATOM   240  N N   . ILE A 1 107 ? -1.987  -4.283  2.736   1.00 70.49  ? 112 ILE B N   1 
ATOM   241  C CA  . ILE A 1 107 ? -0.887  -4.858  3.513   1.00 68.02  ? 112 ILE B CA  1 
ATOM   242  C C   . ILE A 1 107 ? -0.544  -6.270  3.024   1.00 74.05  ? 112 ILE B C   1 
ATOM   243  O O   . ILE A 1 107 ? 0.632   -6.612  2.812   1.00 70.84  ? 112 ILE B O   1 
ATOM   244  C CB  . ILE A 1 107 ? -1.199  -4.898  5.007   1.00 65.22  ? 112 ILE B CB  1 
ATOM   245  C CG1 . ILE A 1 107 ? -1.792  -3.563  5.455   1.00 68.26  ? 112 ILE B CG1 1 
ATOM   246  C CG2 . ILE A 1 107 ? 0.080   -5.251  5.789   1.00 63.55  ? 112 ILE B CG2 1 
ATOM   247  C CD1 . ILE A 1 107 ? -1.683  -3.290  6.941   1.00 66.88  ? 112 ILE B CD1 1 
ATOM   248  N N   . ASN A 1 108 ? -1.576  -7.097  2.867   1.00 73.26  ? 113 ASN B N   1 
ATOM   249  C CA  . ASN A 1 108 ? -1.368  -8.470  2.455   1.00 69.93  ? 113 ASN B CA  1 
ATOM   250  C C   . ASN A 1 108 ? -0.787  -8.486  1.087   1.00 71.19  ? 113 ASN B C   1 
ATOM   251  O O   . ASN A 1 108 ? 0.167   -9.203  0.834   1.00 74.51  ? 113 ASN B O   1 
ATOM   252  C CB  . ASN A 1 108 ? -2.660  -9.257  2.458   1.00 76.00  ? 113 ASN B CB  1 
ATOM   253  C CG  . ASN A 1 108 ? -3.086  -9.654  3.837   1.00 84.02  ? 113 ASN B CG  1 
ATOM   254  O OD1 . ASN A 1 108 ? -2.270  -9.736  4.772   1.00 84.07  ? 113 ASN B OD1 1 
ATOM   255  N ND2 . ASN A 1 108 ? -4.379  -9.913  3.983   1.00 83.10  ? 113 ASN B ND2 1 
ATOM   256  N N   . ASN A 1 109 ? -1.383  -7.696  0.201   1.00 69.54  ? 114 ASN B N   1 
ATOM   257  C CA  . ASN A 1 109 ? -0.878  -7.570  -1.149  1.00 67.71  ? 114 ASN B CA  1 
ATOM   258  C C   . ASN A 1 109 ? 0.600   -7.211  -1.123  1.00 70.93  ? 114 ASN B C   1 
ATOM   259  O O   . ASN A 1 109 ? 1.420   -7.895  -1.720  1.00 70.37  ? 114 ASN B O   1 
ATOM   260  C CB  . ASN A 1 109 ? -1.653  -6.517  -1.908  1.00 69.88  ? 114 ASN B CB  1 
ATOM   261  C CG  . ASN A 1 109 ? -2.646  -7.110  -2.840  1.00 71.35  ? 114 ASN B CG  1 
ATOM   262  O OD1 . ASN A 1 109 ? -2.299  -7.946  -3.675  1.00 71.48  ? 114 ASN B OD1 1 
ATOM   263  N ND2 . ASN A 1 109 ? -3.900  -6.685  -2.720  1.00 71.16  ? 114 ASN B ND2 1 
ATOM   264  N N   . ALA A 1 110 ? 0.942   -6.155  -0.398  1.00 69.62  ? 115 ALA B N   1 
ATOM   265  C CA  . ALA A 1 110 ? 2.326   -5.718  -0.304  1.00 70.32  ? 115 ALA B CA  1 
ATOM   266  C C   . ALA A 1 110 ? 3.265   -6.852  0.092   1.00 66.87  ? 115 ALA B C   1 
ATOM   267  O O   . ALA A 1 110 ? 4.423   -6.866  -0.304  1.00 67.54  ? 115 ALA B O   1 
ATOM   268  C CB  . ALA A 1 110 ? 2.449   -4.554  0.696   1.00 71.84  ? 115 ALA B CB  1 
ATOM   269  N N   . ARG A 1 111 ? 2.762   -7.801  0.870   1.00 69.87  ? 116 ARG B N   1 
ATOM   270  C CA  . ARG A 1 111 ? 3.590   -8.892  1.371   1.00 69.25  ? 116 ARG B CA  1 
ATOM   271  C C   . ARG A 1 111 ? 4.027   -9.847  0.279   1.00 72.93  ? 116 ARG B C   1 
ATOM   272  O O   . ARG A 1 111 ? 5.117   -10.425 0.346   1.00 71.98  ? 116 ARG B O   1 
ATOM   273  C CB  . ARG A 1 111 ? 2.846   -9.649  2.447   1.00 70.24  ? 116 ARG B CB  1 
ATOM   274  C CG  . ARG A 1 111 ? 2.913   -8.937  3.745   1.00 76.30  ? 116 ARG B CG  1 
ATOM   275  C CD  . ARG A 1 111 ? 2.756   -9.892  4.856   1.00 76.03  ? 116 ARG B CD  1 
ATOM   276  N NE  . ARG A 1 111 ? 1.415   -9.831  5.418   1.00 84.47  ? 116 ARG B NE  1 
ATOM   277  C CZ  . ARG A 1 111 ? 1.036   -10.546 6.471   1.00 87.85  ? 116 ARG B CZ  1 
ATOM   278  N NH1 . ARG A 1 111 ? 1.910   -11.372 7.053   1.00 76.33  ? 116 ARG B NH1 1 
ATOM   279  N NH2 . ARG A 1 111 ? -0.203  -10.437 6.931   1.00 82.95  ? 116 ARG B NH2 1 
ATOM   280  N N   . ASP A 1 112 ? 3.176   -9.991  -0.735  1.00 73.18  ? 117 ASP B N   1 
ATOM   281  C CA  . ASP A 1 112 ? 3.467   -10.833 -1.896  1.00 71.98  ? 117 ASP B CA  1 
ATOM   282  C C   . ASP A 1 112 ? 4.414   -10.183 -2.913  1.00 75.63  ? 117 ASP B C   1 
ATOM   283  O O   . ASP A 1 112 ? 4.839   -10.850 -3.853  1.00 85.73  ? 117 ASP B O   1 
ATOM   284  C CB  . ASP A 1 112 ? 2.174   -11.214 -2.629  1.00 74.03  ? 117 ASP B CB  1 
ATOM   285  C CG  . ASP A 1 112 ? 1.105   -11.764 -1.703  1.00 72.85  ? 117 ASP B CG  1 
ATOM   286  O OD1 . ASP A 1 112 ? 1.445   -12.494 -0.753  1.00 70.63  ? 117 ASP B OD1 1 
ATOM   287  O OD2 . ASP A 1 112 ? -0.083  -11.479 -1.947  1.00 75.00  ? 117 ASP B OD2 1 
ATOM   288  N N   . GLY A 1 113 ? 4.732   -8.898  -2.745  1.00 69.63  ? 118 GLY B N   1 
ATOM   289  C CA  . GLY A 1 113 ? 5.561   -8.187  -3.706  1.00 63.19  ? 118 GLY B CA  1 
ATOM   290  C C   . GLY A 1 113 ? 4.695   -7.325  -4.592  1.00 65.91  ? 118 GLY B C   1 
ATOM   291  O O   . GLY A 1 113 ? 5.168   -6.652  -5.503  1.00 68.45  ? 118 GLY B O   1 
ATOM   292  N N   . CYS A 1 114 ? 3.405   -7.353  -4.305  1.00 65.30  ? 119 CYS B N   1 
ATOM   293  C CA  . CYS A 1 114 ? 2.435   -6.494  -4.961  1.00 67.93  ? 119 CYS B CA  1 
ATOM   294  C C   . CYS A 1 114 ? 2.248   -5.131  -4.267  1.00 72.14  ? 119 CYS B C   1 
ATOM   295  O O   . CYS A 1 114 ? 1.430   -4.991  -3.343  1.00 67.72  ? 119 CYS B O   1 
ATOM   296  C CB  . CYS A 1 114 ? 1.094   -7.200  -5.027  1.00 66.87  ? 119 CYS B CB  1 
ATOM   297  S SG  . CYS A 1 114 ? -0.035  -6.301  -6.016  1.00 79.75  ? 119 CYS B SG  1 
ATOM   298  N N   . VAL A 1 115 ? 2.983   -4.121  -4.728  1.00 70.85  ? 120 VAL B N   1 
ATOM   299  C CA  . VAL A 1 115 ? 2.983   -2.822  -4.047  1.00 73.36  ? 120 VAL B CA  1 
ATOM   300  C C   . VAL A 1 115 ? 2.550   -1.662  -4.955  1.00 66.78  ? 120 VAL B C   1 
ATOM   301  O O   . VAL A 1 115 ? 2.601   -1.754  -6.173  1.00 65.00  ? 120 VAL B O   1 
ATOM   302  C CB  . VAL A 1 115 ? 4.374   -2.550  -3.408  1.00 69.92  ? 120 VAL B CB  1 
ATOM   303  C CG1 . VAL A 1 115 ? 4.518   -3.364  -2.150  1.00 66.83  ? 120 VAL B CG1 1 
ATOM   304  C CG2 . VAL A 1 115 ? 5.499   -2.915  -4.365  1.00 65.72  ? 120 VAL B CG2 1 
ATOM   305  N N   . PRO A 1 116 ? 2.071   -0.575  -4.348  1.00 66.74  ? 121 PRO B N   1 
ATOM   306  C CA  . PRO A 1 116 ? 1.687   0.569   -5.170  1.00 67.82  ? 121 PRO B CA  1 
ATOM   307  C C   . PRO A 1 116 ? 2.902   1.378   -5.567  1.00 71.35  ? 121 PRO B C   1 
ATOM   308  O O   . PRO A 1 116 ? 3.839   1.484   -4.784  1.00 72.57  ? 121 PRO B O   1 
ATOM   309  C CB  . PRO A 1 116 ? 0.759   1.359   -4.247  1.00 74.32  ? 121 PRO B CB  1 
ATOM   310  C CG  . PRO A 1 116 ? 1.201   1.010   -2.878  1.00 65.86  ? 121 PRO B CG  1 
ATOM   311  C CD  . PRO A 1 116 ? 1.708   -0.394  -2.932  1.00 64.78  ? 121 PRO B CD  1 
ATOM   312  N N   . LEU A 1 117 ? 2.908   1.930   -6.771  1.00 71.56  ? 122 LEU B N   1 
ATOM   313  C CA  . LEU A 1 117 ? 4.051   2.721   -7.182  1.00 68.63  ? 122 LEU B CA  1 
ATOM   314  C C   . LEU A 1 117 ? 3.855   4.158   -6.781  1.00 70.82  ? 122 LEU B C   1 
ATOM   315  O O   . LEU A 1 117 ? 4.831   4.870   -6.592  1.00 78.01  ? 122 LEU B O   1 
ATOM   316  C CB  . LEU A 1 117 ? 4.283   2.623   -8.687  1.00 73.04  ? 122 LEU B CB  1 
ATOM   317  C CG  . LEU A 1 117 ? 4.851   1.288   -9.135  1.00 65.34  ? 122 LEU B CG  1 
ATOM   318  C CD1 . LEU A 1 117 ? 4.739   1.159   -10.626 1.00 61.63  ? 122 LEU B CD1 1 
ATOM   319  C CD2 . LEU A 1 117 ? 6.271   1.175   -8.675  1.00 65.96  ? 122 LEU B CD2 1 
ATOM   320  N N   . ASN A 1 118 ? 2.602   4.591   -6.668  1.00 69.25  ? 123 ASN B N   1 
ATOM   321  C CA  . ASN A 1 118 ? 2.319   5.949   -6.198  1.00 71.86  ? 123 ASN B CA  1 
ATOM   322  C C   . ASN A 1 118 ? 1.270   5.959   -5.090  1.00 72.72  ? 123 ASN B C   1 
ATOM   323  O O   . ASN A 1 118 ? 0.878   4.909   -4.580  1.00 71.68  ? 123 ASN B O   1 
ATOM   324  C CB  . ASN A 1 118 ? 1.870   6.861   -7.346  1.00 76.29  ? 123 ASN B CB  1 
ATOM   325  C CG  . ASN A 1 118 ? 0.471   6.529   -7.866  1.00 78.72  ? 123 ASN B CG  1 
ATOM   326  O OD1 . ASN A 1 118 ? 0.030   5.380   -7.836  1.00 73.72  ? 123 ASN B OD1 1 
ATOM   327  N ND2 . ASN A 1 118 ? -0.241  7.556   -8.328  1.00 80.41  ? 123 ASN B ND2 1 
ATOM   328  N N   . ILE A 1 119 ? 0.833   7.143   -4.686  1.00 73.45  ? 124 ILE B N   1 
ATOM   329  C CA  . ILE A 1 119 ? -0.192  7.203   -3.658  1.00 77.78  ? 124 ILE B CA  1 
ATOM   330  C C   . ILE A 1 119 ? -1.448  6.596   -4.263  1.00 79.13  ? 124 ILE B C   1 
ATOM   331  O O   . ILE A 1 119 ? -1.799  6.914   -5.395  1.00 78.23  ? 124 ILE B O   1 
ATOM   332  C CB  . ILE A 1 119 ? -0.443  8.646   -3.155  1.00 72.26  ? 124 ILE B CB  1 
ATOM   333  C CG1 . ILE A 1 119 ? 0.814   9.233   -2.530  1.00 81.16  ? 124 ILE B CG1 1 
ATOM   334  C CG2 . ILE A 1 119 ? -1.523  8.668   -2.105  1.00 75.04  ? 124 ILE B CG2 1 
ATOM   335  C CD1 . ILE A 1 119 ? 0.571   10.536  -1.797  1.00 73.06  ? 124 ILE B CD1 1 
ATOM   336  N N   . ILE A 1 120 ? -2.106  5.702   -3.531  1.00 75.40  ? 125 ILE B N   1 
ATOM   337  C CA  . ILE A 1 120 ? -3.429  5.279   -3.944  1.00 72.30  ? 125 ILE B CA  1 
ATOM   338  C C   . ILE A 1 120 ? -4.247  6.542   -4.016  1.00 71.58  ? 125 ILE B C   1 
ATOM   339  O O   . ILE A 1 120 ? -4.256  7.319   -3.077  1.00 78.81  ? 125 ILE B O   1 
ATOM   340  C CB  . ILE A 1 120 ? -4.047  4.252   -2.992  1.00 68.61  ? 125 ILE B CB  1 
ATOM   341  C CG1 . ILE A 1 120 ? -3.168  3.022   -2.854  1.00 65.55  ? 125 ILE B CG1 1 
ATOM   342  C CG2 . ILE A 1 120 ? -5.344  3.775   -3.537  1.00 75.75  ? 125 ILE B CG2 1 
ATOM   343  C CD1 . ILE A 1 120 ? -3.817  1.919   -2.041  1.00 66.57  ? 125 ILE B CD1 1 
ATOM   344  N N   . PRO A 1 121 ? -4.892  6.793   -5.153  1.00 79.18  ? 126 PRO B N   1 
ATOM   345  C CA  . PRO A 1 121 ? -5.715  7.999   -5.240  1.00 87.07  ? 126 PRO B CA  1 
ATOM   346  C C   . PRO A 1 121 ? -7.187  7.722   -4.942  1.00 92.38  ? 126 PRO B C   1 
ATOM   347  O O   . PRO A 1 121 ? -7.744  6.718   -5.388  1.00 86.09  ? 126 PRO B O   1 
ATOM   348  C CB  . PRO A 1 121 ? -5.516  8.448   -6.686  1.00 82.21  ? 126 PRO B CB  1 
ATOM   349  C CG  . PRO A 1 121 ? -5.362  7.166   -7.426  1.00 84.98  ? 126 PRO B CG  1 
ATOM   350  C CD  . PRO A 1 121 ? -4.690  6.177   -6.475  1.00 87.92  ? 126 PRO B CD  1 
ATOM   351  N N   . LEU A 1 122 ? -7.789  8.641   -4.187  1.00 99.33  ? 127 LEU B N   1 
ATOM   352  C CA  . LEU A 1 122 ? -9.141  8.512   -3.648  1.00 94.24  ? 127 LEU B CA  1 
ATOM   353  C C   . LEU A 1 122 ? -10.208 8.730   -4.710  1.00 99.81  ? 127 LEU B C   1 
ATOM   354  O O   . LEU A 1 122 ? -11.293 8.136   -4.666  1.00 96.63  ? 127 LEU B O   1 
ATOM   355  C CB  . LEU A 1 122 ? -9.346  9.527   -2.520  1.00 93.43  ? 127 LEU B CB  1 
ATOM   356  C CG  . LEU A 1 122 ? -8.383  9.435   -1.339  1.00 92.51  ? 127 LEU B CG  1 
ATOM   357  C CD1 . LEU A 1 122 ? -8.123  10.805  -0.694  1.00 74.43  ? 127 LEU B CD1 1 
ATOM   358  C CD2 . LEU A 1 122 ? -8.943  8.437   -0.342  1.00 89.47  ? 127 LEU B CD2 1 
ATOM   359  N N   . THR A 1 123 ? -9.879  9.609   -5.654  1.00 102.19 ? 128 THR B N   1 
ATOM   360  C CA  . THR A 1 123 ? -10.823 10.127  -6.633  1.00 91.84  ? 128 THR B CA  1 
ATOM   361  C C   . THR A 1 123 ? -11.237 9.077   -7.676  1.00 106.88 ? 128 THR B C   1 
ATOM   362  O O   . THR A 1 123 ? -11.486 7.917   -7.336  1.00 107.09 ? 128 THR B O   1 
ATOM   363  C CB  . THR A 1 123 ? -10.235 11.360  -7.326  1.00 91.31  ? 128 THR B CB  1 
ATOM   364  O OG1 . THR A 1 123 ? -9.069  10.977  -8.053  1.00 96.04  ? 128 THR B OG1 1 
ATOM   365  C CG2 . THR A 1 123 ? -9.826  12.394  -6.302  1.00 96.35  ? 128 THR B CG2 1 
ATOM   366  N N   . THR A 1 124 ? -11.341 9.474   -8.940  1.00 110.11 ? 129 THR B N   1 
ATOM   367  C CA  . THR A 1 124 ? -11.964 8.592   -9.922  1.00 104.26 ? 129 THR B CA  1 
ATOM   368  C C   . THR A 1 124 ? -11.172 8.508   -11.205 1.00 98.89  ? 129 THR B C   1 
ATOM   369  O O   . THR A 1 124 ? -11.180 7.488   -11.881 1.00 105.29 ? 129 THR B O   1 
ATOM   370  C CB  . THR A 1 124 ? -13.379 9.061   -10.266 1.00 103.37 ? 129 THR B CB  1 
ATOM   371  O OG1 . THR A 1 124 ? -13.320 10.415  -10.737 1.00 104.95 ? 129 THR B OG1 1 
ATOM   372  C CG2 . THR A 1 124 ? -14.303 8.972   -9.029  1.00 97.73  ? 129 THR B CG2 1 
ATOM   373  N N   . ALA A 1 125 ? -10.493 9.590   -11.545 1.00 95.41  ? 130 ALA B N   1 
ATOM   374  C CA  . ALA A 1 125 ? -9.751  9.631   -12.785 1.00 96.86  ? 130 ALA B CA  1 
ATOM   375  C C   . ALA A 1 125 ? -8.281  9.936   -12.521 1.00 96.86  ? 130 ALA B C   1 
ATOM   376  O O   . ALA A 1 125 ? -7.475  10.048  -13.450 1.00 90.84  ? 130 ALA B O   1 
ATOM   377  C CB  . ALA A 1 125 ? -10.361 10.657  -13.720 1.00 102.40 ? 130 ALA B CB  1 
ATOM   378  N N   . ALA A 1 126 ? -7.935  10.086  -11.245 1.00 97.38  ? 131 ALA B N   1 
ATOM   379  C CA  . ALA A 1 126 ? -6.534  10.078  -10.863 1.00 92.71  ? 131 ALA B CA  1 
ATOM   380  C C   . ALA A 1 126 ? -6.031  8.647   -10.970 1.00 87.96  ? 131 ALA B C   1 
ATOM   381  O O   . ALA A 1 126 ? -6.738  7.692   -10.612 1.00 83.55  ? 131 ALA B O   1 
ATOM   382  C CB  . ALA A 1 126 ? -6.337  10.614  -9.480  1.00 90.66  ? 131 ALA B CB  1 
ATOM   383  N N   . LYS A 1 127 ? -4.810  8.504   -11.472 1.00 85.25  ? 132 LYS B N   1 
ATOM   384  C CA  . LYS A 1 127 ? -4.296  7.194   -11.838 1.00 84.59  ? 132 LYS B CA  1 
ATOM   385  C C   . LYS A 1 127 ? -3.564  6.477   -10.701 1.00 84.80  ? 132 LYS B C   1 
ATOM   386  O O   . LYS A 1 127 ? -2.930  7.082   -9.831  1.00 82.37  ? 132 LYS B O   1 
ATOM   387  C CB  . LYS A 1 127 ? -3.379  7.307   -13.064 1.00 81.81  ? 132 LYS B CB  1 
ATOM   388  C CG  . LYS A 1 127 ? -2.038  7.993   -12.830 1.00 80.47  ? 132 LYS B CG  1 
ATOM   389  C CD  . LYS A 1 127 ? -1.164  7.840   -14.081 1.00 87.11  ? 132 LYS B CD  1 
ATOM   390  C CE  . LYS A 1 127 ? 0.305   8.105   -13.805 1.00 82.71  ? 132 LYS B CE  1 
ATOM   391  N NZ  . LYS A 1 127 ? 0.793   7.350   -12.623 1.00 79.43  ? 132 LYS B NZ  1 
ATOM   392  N N   . LEU A 1 128 ? -3.692  5.160   -10.736 1.00 81.10  ? 133 LEU B N   1 
ATOM   393  C CA  . LEU A 1 128 ? -3.022  4.274   -9.823  1.00 76.84  ? 133 LEU B CA  1 
ATOM   394  C C   . LEU A 1 128 ? -2.001  3.451   -10.597 1.00 74.07  ? 133 LEU B C   1 
ATOM   395  O O   . LEU A 1 128 ? -2.204  3.130   -11.761 1.00 71.29  ? 133 LEU B O   1 
ATOM   396  C CB  . LEU A 1 128 ? -4.045  3.376   -9.126  1.00 79.11  ? 133 LEU B CB  1 
ATOM   397  C CG  . LEU A 1 128 ? -3.563  2.271   -8.183  1.00 73.08  ? 133 LEU B CG  1 
ATOM   398  C CD1 . LEU A 1 128 ? -4.279  2.373   -6.866  1.00 75.68  ? 133 LEU B CD1 1 
ATOM   399  C CD2 . LEU A 1 128 ? -3.829  0.916   -8.780  1.00 75.97  ? 133 LEU B CD2 1 
ATOM   400  N N   . MET A 1 129 ? -0.897  3.119   -9.940  1.00 76.84  ? 134 MET B N   1 
ATOM   401  C CA  . MET A 1 129 ? 0.109   2.241   -10.507 1.00 70.09  ? 134 MET B CA  1 
ATOM   402  C C   . MET A 1 129 ? 0.523   1.230   -9.449  1.00 70.09  ? 134 MET B C   1 
ATOM   403  O O   . MET A 1 129 ? 0.700   1.608   -8.287  1.00 69.35  ? 134 MET B O   1 
ATOM   404  C CB  . MET A 1 129 ? 1.296   3.047   -10.998 1.00 64.66  ? 134 MET B CB  1 
ATOM   405  C CG  . MET A 1 129 ? 0.941   3.952   -12.140 1.00 71.14  ? 134 MET B CG  1 
ATOM   406  S SD  . MET A 1 129 ? 2.337   4.895   -12.739 1.00 81.19  ? 134 MET B SD  1 
ATOM   407  C CE  . MET A 1 129 ? 2.330   4.404   -14.460 1.00 72.39  ? 134 MET B CE  1 
ATOM   408  N N   . VAL A 1 130 ? 0.624   -0.052  -9.831  1.00 67.01  ? 135 VAL B N   1 
ATOM   409  C CA  . VAL A 1 130 ? 1.086   -1.116  -8.917  1.00 69.54  ? 135 VAL B CA  1 
ATOM   410  C C   . VAL A 1 130 ? 1.923   -2.163  -9.630  1.00 66.41  ? 135 VAL B C   1 
ATOM   411  O O   . VAL A 1 130 ? 1.799   -2.351  -10.827 1.00 69.23  ? 135 VAL B O   1 
ATOM   412  C CB  . VAL A 1 130 ? -0.083  -1.832  -8.190  1.00 67.45  ? 135 VAL B CB  1 
ATOM   413  C CG1 . VAL A 1 130 ? -1.035  -0.842  -7.542  1.00 69.43  ? 135 VAL B CG1 1 
ATOM   414  C CG2 . VAL A 1 130 ? -0.841  -2.680  -9.168  1.00 72.17  ? 135 VAL B CG2 1 
ATOM   415  N N   . VAL A 1 131 ? 2.763   -2.867  -8.883  1.00 66.13  ? 136 VAL B N   1 
ATOM   416  C CA  . VAL A 1 131 ? 3.557   -3.923  -9.473  1.00 64.43  ? 136 VAL B CA  1 
ATOM   417  C C   . VAL A 1 131 ? 2.887   -5.255  -9.180  1.00 66.17  ? 136 VAL B C   1 
ATOM   418  O O   . VAL A 1 131 ? 2.411   -5.506  -8.064  1.00 63.22  ? 136 VAL B O   1 
ATOM   419  C CB  . VAL A 1 131 ? 5.016   -3.888  -8.983  1.00 62.63  ? 136 VAL B CB  1 
ATOM   420  C CG1 . VAL A 1 131 ? 5.055   -3.900  -7.516  1.00 68.47  ? 136 VAL B CG1 1 
ATOM   421  C CG2 . VAL A 1 131 ? 5.795   -5.085  -9.507  1.00 61.94  ? 136 VAL B CG2 1 
ATOM   422  N N   . ILE A 1 132 ? 2.810   -6.073  -10.231 1.00 66.31  ? 137 ILE B N   1 
ATOM   423  C CA  . ILE A 1 132 ? 2.348   -7.451  -10.175 1.00 65.18  ? 137 ILE B CA  1 
ATOM   424  C C   . ILE A 1 132 ? 3.538   -8.332  -10.526 1.00 65.43  ? 137 ILE B C   1 
ATOM   425  O O   . ILE A 1 132 ? 4.024   -8.280  -11.655 1.00 68.10  ? 137 ILE B O   1 
ATOM   426  C CB  . ILE A 1 132 ? 1.180   -7.706  -11.146 1.00 67.07  ? 137 ILE B CB  1 
ATOM   427  C CG1 . ILE A 1 132 ? -0.142  -7.163  -10.597 1.00 67.08  ? 137 ILE B CG1 1 
ATOM   428  C CG2 . ILE A 1 132 ? 1.044   -9.182  -11.400 1.00 74.16  ? 137 ILE B CG2 1 
ATOM   429  C CD1 . ILE A 1 132 ? -0.320  -5.720  -10.758 1.00 65.70  ? 137 ILE B CD1 1 
ATOM   430  N N   . PRO A 1 133 ? 4.034   -9.122  -9.560  1.00 65.51  ? 138 PRO B N   1 
ATOM   431  C CA  . PRO A 1 133 ? 5.232   -9.962  -9.744  1.00 63.69  ? 138 PRO B CA  1 
ATOM   432  C C   . PRO A 1 133 ? 4.926   -11.351 -10.297 1.00 68.08  ? 138 PRO B C   1 
ATOM   433  O O   . PRO A 1 133 ? 5.752   -12.005 -10.923 1.00 67.54  ? 138 PRO B O   1 
ATOM   434  C CB  . PRO A 1 133 ? 5.774   -10.079 -8.324  1.00 62.00  ? 138 PRO B CB  1 
ATOM   435  C CG  . PRO A 1 133 ? 4.544   -10.061 -7.475  1.00 64.00  ? 138 PRO B CG  1 
ATOM   436  C CD  . PRO A 1 133 ? 3.522   -9.194  -8.178  1.00 65.34  ? 138 PRO B CD  1 
ATOM   437  N N   . ASP A 1 134 ? 3.707   -11.791 -10.044 1.00 67.74  ? 139 ASP B N   1 
ATOM   438  C CA  . ASP A 1 134 ? 3.334   -13.166 -10.199 1.00 66.78  ? 139 ASP B CA  1 
ATOM   439  C C   . ASP A 1 134 ? 2.226   -13.214 -11.176 1.00 71.78  ? 139 ASP B C   1 
ATOM   440  O O   . ASP A 1 134 ? 1.440   -12.277 -11.256 1.00 72.67  ? 139 ASP B O   1 
ATOM   441  C CB  . ASP A 1 134 ? 2.841   -13.739 -8.875  1.00 69.65  ? 139 ASP B CB  1 
ATOM   442  C CG  . ASP A 1 134 ? 3.904   -14.453 -8.124  1.00 72.69  ? 139 ASP B CG  1 
ATOM   443  O OD1 . ASP A 1 134 ? 4.999   -14.648 -8.691  1.00 71.98  ? 139 ASP B OD1 1 
ATOM   444  O OD2 . ASP A 1 134 ? 3.648   -14.808 -6.953  1.00 78.23  ? 139 ASP B OD2 1 
ATOM   445  N N   . TYR A 1 135 ? 2.129   -14.322 -11.886 1.00 72.60  ? 140 TYR B N   1 
ATOM   446  C CA  . TYR A 1 135 ? 0.901   -14.636 -12.573 1.00 70.73  ? 140 TYR B CA  1 
ATOM   447  C C   . TYR A 1 135 ? -0.193  -14.973 -11.548 1.00 70.00  ? 140 TYR B C   1 
ATOM   448  O O   . TYR A 1 135 ? -1.352  -14.712 -11.794 1.00 76.84  ? 140 TYR B O   1 
ATOM   449  C CB  . TYR A 1 135 ? 1.143   -15.782 -13.552 1.00 80.05  ? 140 TYR B CB  1 
ATOM   450  C CG  . TYR A 1 135 ? -0.115  -16.318 -14.206 1.00 91.59  ? 140 TYR B CG  1 
ATOM   451  C CD1 . TYR A 1 135 ? -0.610  -17.578 -13.878 1.00 88.05  ? 140 TYR B CD1 1 
ATOM   452  C CD2 . TYR A 1 135 ? -0.805  -15.565 -15.148 1.00 84.38  ? 140 TYR B CD2 1 
ATOM   453  C CE1 . TYR A 1 135 ? -1.757  -18.061 -14.462 1.00 81.23  ? 140 TYR B CE1 1 
ATOM   454  C CE2 . TYR A 1 135 ? -1.936  -16.036 -15.725 1.00 81.93  ? 140 TYR B CE2 1 
ATOM   455  C CZ  . TYR A 1 135 ? -2.412  -17.278 -15.385 1.00 92.15  ? 140 TYR B CZ  1 
ATOM   456  O OH  . TYR A 1 135 ? -3.556  -17.746 -15.986 1.00 109.30 ? 140 TYR B OH  1 
ATOM   457  N N   . ASN A 1 136 ? 0.172   -15.521 -10.387 1.00 70.92  ? 141 ASN B N   1 
ATOM   458  C CA  . ASN A 1 136 ? -0.793  -15.741 -9.295  1.00 69.60  ? 141 ASN B CA  1 
ATOM   459  C C   . ASN A 1 136 ? -1.472  -14.446 -8.928  1.00 77.01  ? 141 ASN B C   1 
ATOM   460  O O   . ASN A 1 136 ? -2.701  -14.340 -8.948  1.00 79.41  ? 141 ASN B O   1 
ATOM   461  C CB  . ASN A 1 136 ? -0.125  -16.258 -8.034  1.00 74.47  ? 141 ASN B CB  1 
ATOM   462  C CG  . ASN A 1 136 ? 0.862   -17.350 -8.310  1.00 86.98  ? 141 ASN B CG  1 
ATOM   463  O OD1 . ASN A 1 136 ? 1.601   -17.292 -9.297  1.00 82.19  ? 141 ASN B OD1 1 
ATOM   464  N ND2 . ASN A 1 136 ? 0.927   -18.335 -7.413  1.00 92.82  ? 141 ASN B ND2 1 
ATOM   465  N N   . THR A 1 137 ? -0.637  -13.475 -8.552  1.00 75.64  ? 142 THR B N   1 
ATOM   466  C CA  . THR A 1 137 ? -1.093  -12.163 -8.152  1.00 72.18  ? 142 THR B CA  1 
ATOM   467  C C   . THR A 1 137 ? -1.997  -11.610 -9.209  1.00 74.61  ? 142 THR B C   1 
ATOM   468  O O   . THR A 1 137 ? -3.091  -11.135 -8.907  1.00 81.90  ? 142 THR B O   1 
ATOM   469  C CB  . THR A 1 137 ? 0.056   -11.189 -7.935  1.00 72.67  ? 142 THR B CB  1 
ATOM   470  O OG1 . THR A 1 137 ? 1.121   -11.852 -7.252  1.00 70.76  ? 142 THR B OG1 1 
ATOM   471  C CG2 . THR A 1 137 ? -0.429  -10.013 -7.098  1.00 66.79  ? 142 THR B CG2 1 
ATOM   472  N N   . TYR A 1 138 ? -1.549  -11.680 -10.453 1.00 71.31  ? 143 TYR B N   1 
ATOM   473  C CA  . TYR A 1 138 ? -2.410  -11.269 -11.545 1.00 78.82  ? 143 TYR B CA  1 
ATOM   474  C C   . TYR A 1 138 ? -3.768  -11.955 -11.484 1.00 77.60  ? 143 TYR B C   1 
ATOM   475  O O   . TYR A 1 138 ? -4.792  -11.282 -11.550 1.00 77.15  ? 143 TYR B O   1 
ATOM   476  C CB  . TYR A 1 138 ? -1.769  -11.541 -12.895 1.00 80.71  ? 143 TYR B CB  1 
ATOM   477  C CG  . TYR A 1 138 ? -2.432  -10.721 -13.964 1.00 83.21  ? 143 TYR B CG  1 
ATOM   478  C CD1 . TYR A 1 138 ? -1.946  -9.476  -14.287 1.00 83.77  ? 143 TYR B CD1 1 
ATOM   479  C CD2 . TYR A 1 138 ? -3.561  -11.181 -14.634 1.00 87.72  ? 143 TYR B CD2 1 
ATOM   480  C CE1 . TYR A 1 138 ? -2.546  -8.704  -15.247 1.00 90.61  ? 143 TYR B CE1 1 
ATOM   481  C CE2 . TYR A 1 138 ? -4.171  -10.415 -15.603 1.00 86.09  ? 143 TYR B CE2 1 
ATOM   482  C CZ  . TYR A 1 138 ? -3.656  -9.171  -15.898 1.00 88.89  ? 143 TYR B CZ  1 
ATOM   483  O OH  . TYR A 1 138 ? -4.232  -8.376  -16.859 1.00 104.34 ? 143 TYR B OH  1 
ATOM   484  N N   . LYS A 1 139 ? -3.780  -13.279 -11.340 1.00 75.11  ? 144 LYS B N   1 
ATOM   485  C CA  . LYS A 1 139 ? -5.049  -14.009 -11.314 1.00 84.11  ? 144 LYS B CA  1 
ATOM   486  C C   . LYS A 1 139 ? -5.917  -13.575 -10.137 1.00 83.97  ? 144 LYS B C   1 
ATOM   487  O O   . LYS A 1 139 ? -7.130  -13.369 -10.297 1.00 76.19  ? 144 LYS B O   1 
ATOM   488  C CB  . LYS A 1 139 ? -4.836  -15.533 -11.269 1.00 85.24  ? 144 LYS B CB  1 
ATOM   489  C CG  . LYS A 1 139 ? -4.693  -16.147 -12.638 1.00 88.79  ? 144 LYS B CG  1 
ATOM   490  C CD  . LYS A 1 139 ? -5.713  -15.543 -13.557 1.00 93.57  ? 144 LYS B CD  1 
ATOM   491  C CE  . LYS A 1 139 ? -5.168  -15.293 -14.969 1.00 93.19  ? 144 LYS B CE  1 
ATOM   492  N NZ  . LYS A 1 139 ? -6.148  -14.446 -15.760 1.00 95.37  ? 144 LYS B NZ  1 
ATOM   493  N N   . ASN A 1 140 ? -5.301  -13.427 -8.964  1.00 83.33  ? 145 ASN B N   1 
ATOM   494  C CA  . ASN A 1 140 ? -6.047  -13.052 -7.752  1.00 91.16  ? 145 ASN B CA  1 
ATOM   495  C C   . ASN A 1 140 ? -6.636  -11.631 -7.833  1.00 83.99  ? 145 ASN B C   1 
ATOM   496  O O   . ASN A 1 140 ? -7.646  -11.335 -7.198  1.00 85.90  ? 145 ASN B O   1 
ATOM   497  C CB  . ASN A 1 140 ? -5.155  -13.172 -6.506  1.00 88.40  ? 145 ASN B CB  1 
ATOM   498  C CG  . ASN A 1 140 ? -4.406  -14.498 -6.442  1.00 96.23  ? 145 ASN B CG  1 
ATOM   499  O OD1 . ASN A 1 140 ? -4.819  -15.492 -7.046  1.00 99.38  ? 145 ASN B OD1 1 
ATOM   500  N ND2 . ASN A 1 140 ? -3.290  -14.515 -5.716  1.00 98.05  ? 145 ASN B ND2 1 
ATOM   501  N N   . THR A 1 141 ? -6.018  -10.766 -8.632  1.00 84.43  ? 146 THR B N   1 
ATOM   502  C CA  . THR A 1 141 ? -6.351  -9.342  -8.610  1.00 85.70  ? 146 THR B CA  1 
ATOM   503  C C   . THR A 1 141 ? -6.945  -8.826  -9.920  1.00 86.87  ? 146 THR B C   1 
ATOM   504  O O   . THR A 1 141 ? -7.738  -7.879  -9.924  1.00 84.68  ? 146 THR B O   1 
ATOM   505  C CB  . THR A 1 141 ? -5.107  -8.509  -8.269  1.00 81.38  ? 146 THR B CB  1 
ATOM   506  O OG1 . THR A 1 141 ? -4.198  -8.533  -9.380  1.00 77.97  ? 146 THR B OG1 1 
ATOM   507  C CG2 . THR A 1 141 ? -4.427  -9.075  -7.024  1.00 70.67  ? 146 THR B CG2 1 
ATOM   508  N N   . CYS A 1 142 ? -6.561  -9.440  -11.032 1.00 84.27  ? 147 CYS B N   1 
ATOM   509  C CA  . CYS A 1 142 ? -7.133  -9.041  -12.309 1.00 90.41  ? 147 CYS B CA  1 
ATOM   510  C C   . CYS A 1 142 ? -8.087  -10.098 -12.905 1.00 89.01  ? 147 CYS B C   1 
ATOM   511  O O   . CYS A 1 142 ? -8.019  -11.292 -12.593 1.00 81.17  ? 147 CYS B O   1 
ATOM   512  C CB  . CYS A 1 142 ? -6.015  -8.701  -13.298 1.00 93.21  ? 147 CYS B CB  1 
ATOM   513  S SG  . CYS A 1 142 ? -5.129  -7.152  -12.925 1.00 80.34  ? 147 CYS B SG  1 
ATOM   514  N N   . ASP A 1 143 ? -8.976  -9.622  -13.770 1.00 88.41  ? 148 ASP B N   1 
ATOM   515  C CA  . ASP A 1 143 ? -10.062 -10.419 -14.309 1.00 90.04  ? 148 ASP B CA  1 
ATOM   516  C C   . ASP A 1 143 ? -10.710 -9.613  -15.429 1.00 84.63  ? 148 ASP B C   1 
ATOM   517  O O   . ASP A 1 143 ? -11.529 -8.729  -15.182 1.00 85.38  ? 148 ASP B O   1 
ATOM   518  C CB  . ASP A 1 143 ? -11.061 -10.773 -13.197 1.00 96.03  ? 148 ASP B CB  1 
ATOM   519  C CG  . ASP A 1 143 ? -12.305 -11.469 -13.715 1.00 94.34  ? 148 ASP B CG  1 
ATOM   520  O OD1 . ASP A 1 143 ? -12.172 -12.515 -14.399 1.00 93.54  ? 148 ASP B OD1 1 
ATOM   521  O OD2 . ASP A 1 143 ? -13.415 -10.979 -13.403 1.00 91.58  ? 148 ASP B OD2 1 
ATOM   522  N N   . GLY A 1 144 ? -10.334 -9.914  -16.663 1.00 77.95  ? 149 GLY B N   1 
ATOM   523  C CA  . GLY A 1 144 ? -10.732 -9.073  -17.773 1.00 83.74  ? 149 GLY B CA  1 
ATOM   524  C C   . GLY A 1 144 ? -10.030 -7.752  -17.567 1.00 86.29  ? 149 GLY B C   1 
ATOM   525  O O   . GLY A 1 144 ? -8.822  -7.733  -17.319 1.00 89.85  ? 149 GLY B O   1 
ATOM   526  N N   . THR A 1 145 ? -10.791 -6.662  -17.604 1.00 80.65  ? 150 THR B N   1 
ATOM   527  C CA  . THR A 1 145 ? -10.237 -5.311  -17.502 1.00 82.76  ? 150 THR B CA  1 
ATOM   528  C C   . THR A 1 145 ? -10.318 -4.680  -16.107 1.00 89.52  ? 150 THR B C   1 
ATOM   529  O O   . THR A 1 145 ? -9.880  -3.546  -15.889 1.00 88.19  ? 150 THR B O   1 
ATOM   530  C CB  . THR A 1 145 ? -10.947 -4.376  -18.475 1.00 87.01  ? 150 THR B CB  1 
ATOM   531  O OG1 . THR A 1 145 ? -12.365 -4.588  -18.382 1.00 77.75  ? 150 THR B OG1 1 
ATOM   532  C CG2 . THR A 1 145 ? -10.467 -4.646  -19.888 1.00 84.77  ? 150 THR B CG2 1 
ATOM   533  N N   . THR A 1 146 ? -10.897 -5.402  -15.163 1.00 87.65  ? 151 THR B N   1 
ATOM   534  C CA  . THR A 1 146 ? -11.089 -4.829  -13.851 1.00 89.12  ? 151 THR B CA  1 
ATOM   535  C C   . THR A 1 146 ? -9.955  -5.250  -12.938 1.00 85.74  ? 151 THR B C   1 
ATOM   536  O O   . THR A 1 146 ? -9.440  -6.363  -13.036 1.00 81.19  ? 151 THR B O   1 
ATOM   537  C CB  . THR A 1 146 ? -12.457 -5.228  -13.261 1.00 91.99  ? 151 THR B CB  1 
ATOM   538  O OG1 . THR A 1 146 ? -12.461 -6.626  -12.937 1.00 89.05  ? 151 THR B OG1 1 
ATOM   539  C CG2 . THR A 1 146 ? -13.571 -4.906  -14.266 1.00 77.98  ? 151 THR B CG2 1 
ATOM   540  N N   . PHE A 1 147 ? -9.564  -4.339  -12.057 1.00 82.90  ? 152 PHE B N   1 
ATOM   541  C CA  . PHE A 1 147 ? -8.472  -4.598  -11.143 1.00 79.35  ? 152 PHE B CA  1 
ATOM   542  C C   . PHE A 1 147 ? -8.954  -4.396  -9.721  1.00 78.04  ? 152 PHE B C   1 
ATOM   543  O O   . PHE A 1 147 ? -9.255  -3.281  -9.321  1.00 80.20  ? 152 PHE B O   1 
ATOM   544  C CB  . PHE A 1 147 ? -7.288  -3.683  -11.449 1.00 73.25  ? 152 PHE B CB  1 
ATOM   545  C CG  . PHE A 1 147 ? -6.189  -3.786  -10.458 1.00 75.82  ? 152 PHE B CG  1 
ATOM   546  C CD1 . PHE A 1 147 ? -5.744  -5.029  -10.024 1.00 80.10  ? 152 PHE B CD1 1 
ATOM   547  C CD2 . PHE A 1 147 ? -5.601  -2.650  -9.938  1.00 78.31  ? 152 PHE B CD2 1 
ATOM   548  C CE1 . PHE A 1 147 ? -4.723  -5.141  -9.095  1.00 72.35  ? 152 PHE B CE1 1 
ATOM   549  C CE2 . PHE A 1 147 ? -4.581  -2.755  -9.007  1.00 75.60  ? 152 PHE B CE2 1 
ATOM   550  C CZ  . PHE A 1 147 ? -4.145  -4.004  -8.586  1.00 73.38  ? 152 PHE B CZ  1 
ATOM   551  N N   . THR A 1 148 ? -9.039  -5.473  -8.950  1.00 79.62  ? 153 THR B N   1 
ATOM   552  C CA  . THR A 1 148 ? -9.564  -5.350  -7.597  1.00 81.88  ? 153 THR B CA  1 
ATOM   553  C C   . THR A 1 148 ? -8.449  -4.992  -6.631  1.00 83.61  ? 153 THR B C   1 
ATOM   554  O O   . THR A 1 148 ? -7.517  -5.769  -6.393  1.00 76.62  ? 153 THR B O   1 
ATOM   555  C CB  . THR A 1 148 ? -10.277 -6.638  -7.117  1.00 86.60  ? 153 THR B CB  1 
ATOM   556  O OG1 . THR A 1 148 ? -9.384  -7.759  -7.192  1.00 87.32  ? 153 THR B OG1 1 
ATOM   557  C CG2 . THR A 1 148 ? -11.530 -6.899  -7.950  1.00 86.11  ? 153 THR B CG2 1 
ATOM   558  N N   . TYR A 1 149 ? -8.555  -3.789  -6.086  1.00 84.70  ? 154 TYR B N   1 
ATOM   559  C CA  . TYR A 1 149 ? -7.533  -3.288  -5.196  1.00 79.63  ? 154 TYR B CA  1 
ATOM   560  C C   . TYR A 1 149 ? -8.089  -2.296  -4.170  1.00 79.08  ? 154 TYR B C   1 
ATOM   561  O O   . TYR A 1 149 ? -8.870  -1.408  -4.500  1.00 78.84  ? 154 TYR B O   1 
ATOM   562  C CB  . TYR A 1 149 ? -6.410  -2.640  -6.005  1.00 73.33  ? 154 TYR B CB  1 
ATOM   563  C CG  . TYR A 1 149 ? -5.189  -2.331  -5.174  1.00 72.44  ? 154 TYR B CG  1 
ATOM   564  C CD1 . TYR A 1 149 ? -4.437  -3.355  -4.619  1.00 71.46  ? 154 TYR B CD1 1 
ATOM   565  C CD2 . TYR A 1 149 ? -4.805  -1.027  -4.923  1.00 65.77  ? 154 TYR B CD2 1 
ATOM   566  C CE1 . TYR A 1 149 ? -3.335  -3.094  -3.859  1.00 67.72  ? 154 TYR B CE1 1 
ATOM   567  C CE2 . TYR A 1 149 ? -3.700  -0.762  -4.159  1.00 67.91  ? 154 TYR B CE2 1 
ATOM   568  C CZ  . TYR A 1 149 ? -2.964  -1.800  -3.627  1.00 66.55  ? 154 TYR B CZ  1 
ATOM   569  O OH  . TYR A 1 149 ? -1.851  -1.562  -2.844  1.00 64.54  ? 154 TYR B OH  1 
ATOM   570  N N   . ALA A 1 150 ? -7.677  -2.482  -2.920  1.00 80.26  ? 155 ALA B N   1 
ATOM   571  C CA  . ALA A 1 150 ? -7.981  -1.549  -1.849  1.00 78.82  ? 155 ALA B CA  1 
ATOM   572  C C   . ALA A 1 150 ? -9.486  -1.384  -1.671  1.00 85.31  ? 155 ALA B C   1 
ATOM   573  O O   . ALA A 1 150 ? -9.978  -0.267  -1.474  1.00 80.12  ? 155 ALA B O   1 
ATOM   574  C CB  . ALA A 1 150 ? -7.328  -0.226  -2.114  1.00 73.13  ? 155 ALA B CB  1 
ATOM   575  N N   . SER A 1 151 ? -10.198 -2.510  -1.745  1.00 84.79  ? 156 SER B N   1 
ATOM   576  C CA  . SER A 1 151 ? -11.627 -2.562  -1.461  1.00 90.10  ? 156 SER B CA  1 
ATOM   577  C C   . SER A 1 151 ? -12.394 -1.535  -2.280  1.00 96.90  ? 156 SER B C   1 
ATOM   578  O O   . SER A 1 151 ? -13.320 -0.886  -1.771  1.00 90.73  ? 156 SER B O   1 
ATOM   579  C CB  . SER A 1 151 ? -11.886 -2.348  0.028   1.00 84.38  ? 156 SER B CB  1 
ATOM   580  O OG  . SER A 1 151 ? -11.554 -3.525  0.736   1.00 85.08  ? 156 SER B OG  1 
ATOM   581  N N   . ALA A 1 152 ? -11.955 -1.373  -3.533  1.00 95.23  ? 157 ALA B N   1 
ATOM   582  C CA  . ALA A 1 152 ? -12.678 -0.649  -4.587  1.00 92.43  ? 157 ALA B CA  1 
ATOM   583  C C   . ALA A 1 152 ? -12.214 -1.180  -5.947  1.00 91.26  ? 157 ALA B C   1 
ATOM   584  O O   . ALA A 1 152 ? -11.231 -1.936  -6.038  1.00 76.19  ? 157 ALA B O   1 
ATOM   585  C CB  . ALA A 1 152 ? -12.463 0.870   -4.492  1.00 88.28  ? 157 ALA B CB  1 
ATOM   586  N N   . LEU A 1 153 ? -12.931 -0.776  -6.996  1.00 92.59  ? 158 LEU B N   1 
ATOM   587  C CA  . LEU A 1 153 ? -12.736 -1.323  -8.339  1.00 90.47  ? 158 LEU B CA  1 
ATOM   588  C C   . LEU A 1 153 ? -11.980 -0.387  -9.295  1.00 95.93  ? 158 LEU B C   1 
ATOM   589  O O   . LEU A 1 153 ? -12.224 0.834   -9.317  1.00 93.78  ? 158 LEU B O   1 
ATOM   590  C CB  . LEU A 1 153 ? -14.095 -1.682  -8.935  1.00 86.29  ? 158 LEU B CB  1 
ATOM   591  C CG  . LEU A 1 153 ? -14.588 -3.025  -8.419  1.00 84.78  ? 158 LEU B CG  1 
ATOM   592  C CD1 . LEU A 1 153 ? -15.954 -3.336  -8.991  1.00 81.59  ? 158 LEU B CD1 1 
ATOM   593  C CD2 . LEU A 1 153 ? -13.574 -4.102  -8.773  1.00 83.52  ? 158 LEU B CD2 1 
ATOM   594  N N   . TRP A 1 154 ? -11.081 -0.976  -10.092 1.00 84.09  ? 159 TRP B N   1 
ATOM   595  C CA  . TRP A 1 154 ? -10.186 -0.209  -10.958 1.00 82.83  ? 159 TRP B CA  1 
ATOM   596  C C   . TRP A 1 154 ? -10.199 -0.705  -12.397 1.00 83.68  ? 159 TRP B C   1 
ATOM   597  O O   . TRP A 1 154 ? -10.352 -1.906  -12.655 1.00 81.43  ? 159 TRP B O   1 
ATOM   598  C CB  . TRP A 1 154 ? -8.745  -0.243  -10.417 1.00 82.53  ? 159 TRP B CB  1 
ATOM   599  C CG  . TRP A 1 154 ? -8.616  0.062   -8.944  1.00 79.91  ? 159 TRP B CG  1 
ATOM   600  C CD1 . TRP A 1 154 ? -8.849  -0.792  -7.905  1.00 81.22  ? 159 TRP B CD1 1 
ATOM   601  C CD2 . TRP A 1 154 ? -8.221  1.301   -8.358  1.00 81.40  ? 159 TRP B CD2 1 
ATOM   602  N NE1 . TRP A 1 154 ? -8.631  -0.161  -6.714  1.00 82.47  ? 159 TRP B NE1 1 
ATOM   603  C CE2 . TRP A 1 154 ? -8.246  1.129   -6.962  1.00 84.60  ? 159 TRP B CE2 1 
ATOM   604  C CE3 . TRP A 1 154 ? -7.851  2.547   -8.880  1.00 92.43  ? 159 TRP B CE3 1 
ATOM   605  C CZ2 . TRP A 1 154 ? -7.912  2.157   -6.074  1.00 87.57  ? 159 TRP B CZ2 1 
ATOM   606  C CZ3 . TRP A 1 154 ? -7.519  3.577   -7.996  1.00 87.55  ? 159 TRP B CZ3 1 
ATOM   607  C CH2 . TRP A 1 154 ? -7.552  3.371   -6.610  1.00 90.05  ? 159 TRP B CH2 1 
ATOM   608  N N   . GLU A 1 155 ? -10.015 0.224   -13.330 1.00 81.67  ? 160 GLU B N   1 
ATOM   609  C CA  . GLU A 1 155 ? -10.094 -0.099  -14.752 1.00 85.02  ? 160 GLU B CA  1 
ATOM   610  C C   . GLU A 1 155 ? -8.733  -0.146  -15.402 1.00 84.13  ? 160 GLU B C   1 
ATOM   611  O O   . GLU A 1 155 ? -8.160  0.889   -15.725 1.00 83.13  ? 160 GLU B O   1 
ATOM   612  C CB  . GLU A 1 155 ? -10.960 0.913   -15.496 1.00 87.61  ? 160 GLU B CB  1 
ATOM   613  C CG  . GLU A 1 155 ? -11.073 0.654   -16.999 1.00 94.48  ? 160 GLU B CG  1 
ATOM   614  C CD  . GLU A 1 155 ? -12.104 -0.421  -17.364 1.00 103.45 ? 160 GLU B CD  1 
ATOM   615  O OE1 . GLU A 1 155 ? -12.770 -0.981  -16.452 1.00 94.37  ? 160 GLU B OE1 1 
ATOM   616  O OE2 . GLU A 1 155 ? -12.263 -0.686  -18.582 1.00 99.70  ? 160 GLU B OE2 1 
ATOM   617  N N   . ILE A 1 156 ? -8.234  -1.354  -15.610 1.00 83.01  ? 161 ILE B N   1 
ATOM   618  C CA  . ILE A 1 156 ? -6.955  -1.542  -16.253 1.00 76.69  ? 161 ILE B CA  1 
ATOM   619  C C   . ILE A 1 156 ? -6.893  -0.740  -17.549 1.00 81.89  ? 161 ILE B C   1 
ATOM   620  O O   . ILE A 1 156 ? -7.531  -1.079  -18.540 1.00 89.15  ? 161 ILE B O   1 
ATOM   621  C CB  . ILE A 1 156 ? -6.698  -3.011  -16.502 1.00 73.51  ? 161 ILE B CB  1 
ATOM   622  C CG1 . ILE A 1 156 ? -6.878  -3.794  -15.210 1.00 77.24  ? 161 ILE B CG1 1 
ATOM   623  C CG2 . ILE A 1 156 ? -5.298  -3.229  -17.009 1.00 77.95  ? 161 ILE B CG2 1 
ATOM   624  C CD1 . ILE A 1 156 ? -6.860  -5.276  -15.414 1.00 77.82  ? 161 ILE B CD1 1 
ATOM   625  N N   . GLN A 1 157 ? -6.139  0.349   -17.503 1.00 78.25  ? 162 GLN B N   1 
ATOM   626  C CA  . GLN A 1 157 ? -5.870  1.188   -18.663 1.00 82.00  ? 162 GLN B CA  1 
ATOM   627  C C   . GLN A 1 157 ? -4.798  0.604   -19.594 1.00 76.99  ? 162 GLN B C   1 
ATOM   628  O O   . GLN A 1 157 ? -4.992  0.490   -20.804 1.00 82.59  ? 162 GLN B O   1 
ATOM   629  C CB  . GLN A 1 157 ? -5.436  2.585   -18.200 1.00 74.66  ? 162 GLN B CB  1 
ATOM   630  C CG  . GLN A 1 157 ? -6.492  3.321   -17.402 1.00 81.34  ? 162 GLN B CG  1 
ATOM   631  C CD  . GLN A 1 157 ? -7.756  3.584   -18.206 1.00 89.64  ? 162 GLN B CD  1 
ATOM   632  O OE1 . GLN A 1 157 ? -7.741  4.311   -19.205 1.00 87.98  ? 162 GLN B OE1 1 
ATOM   633  N NE2 . GLN A 1 157 ? -8.856  2.978   -17.776 1.00 93.62  ? 162 GLN B NE2 1 
ATOM   634  N N   . GLN A 1 158 ? -3.654  0.265   -19.013 1.00 74.09  ? 163 GLN B N   1 
ATOM   635  C CA  . GLN A 1 158 ? -2.540  -0.296  -19.755 1.00 76.27  ? 163 GLN B CA  1 
ATOM   636  C C   . GLN A 1 158 ? -1.644  -1.122  -18.827 1.00 75.93  ? 163 GLN B C   1 
ATOM   637  O O   . GLN A 1 158 ? -1.577  -0.885  -17.621 1.00 74.63  ? 163 GLN B O   1 
ATOM   638  C CB  . GLN A 1 158 ? -1.721  0.811   -20.437 1.00 80.57  ? 163 GLN B CB  1 
ATOM   639  C CG  . GLN A 1 158 ? -0.936  1.700   -19.463 1.00 82.92  ? 163 GLN B CG  1 
ATOM   640  C CD  . GLN A 1 158 ? 0.434   2.120   -19.993 1.00 87.21  ? 163 GLN B CD  1 
ATOM   641  O OE1 . GLN A 1 158 ? 0.736   1.930   -21.170 1.00 84.08  ? 163 GLN B OE1 1 
ATOM   642  N NE2 . GLN A 1 158 ? 1.279   2.659   -19.109 1.00 79.06  ? 163 GLN B NE2 1 
ATOM   643  N N   . VAL A 1 159 ? -0.950  -2.088  -19.408 1.00 71.73  ? 164 VAL B N   1 
ATOM   644  C CA  . VAL A 1 159 ? -0.021  -2.917  -18.670 1.00 67.60  ? 164 VAL B CA  1 
ATOM   645  C C   . VAL A 1 159 ? 1.284   -2.939  -19.445 1.00 69.64  ? 164 VAL B C   1 
ATOM   646  O O   . VAL A 1 159 ? 1.266   -2.965  -20.684 1.00 70.05  ? 164 VAL B O   1 
ATOM   647  C CB  . VAL A 1 159 ? -0.602  -4.326  -18.458 1.00 70.50  ? 164 VAL B CB  1 
ATOM   648  C CG1 . VAL A 1 159 ? 0.489   -5.348  -18.143 1.00 73.19  ? 164 VAL B CG1 1 
ATOM   649  C CG2 . VAL A 1 159 ? -1.642  -4.293  -17.368 1.00 72.25  ? 164 VAL B CG2 1 
ATOM   650  N N   . VAL A 1 160 ? 2.411   -2.865  -18.734 1.00 69.37  ? 165 VAL B N   1 
ATOM   651  C CA  . VAL A 1 160 ? 3.734   -2.943  -19.370 1.00 71.75  ? 165 VAL B CA  1 
ATOM   652  C C   . VAL A 1 160 ? 4.624   -3.951  -18.652 1.00 69.94  ? 165 VAL B C   1 
ATOM   653  O O   . VAL A 1 160 ? 4.464   -4.193  -17.461 1.00 66.10  ? 165 VAL B O   1 
ATOM   654  C CB  . VAL A 1 160 ? 4.427   -1.577  -19.427 1.00 68.10  ? 165 VAL B CB  1 
ATOM   655  C CG1 . VAL A 1 160 ? 3.446   -0.505  -19.855 1.00 73.60  ? 165 VAL B CG1 1 
ATOM   656  C CG2 . VAL A 1 160 ? 5.070   -1.244  -18.095 1.00 71.07  ? 165 VAL B CG2 1 
ATOM   657  N N   . ASP A 1 161 ? 5.553   -4.554  -19.388 1.00 71.36  ? 166 ASP B N   1 
ATOM   658  C CA  . ASP A 1 161 ? 6.408   -5.584  -18.809 1.00 68.98  ? 166 ASP B CA  1 
ATOM   659  C C   . ASP A 1 161 ? 7.623   -4.961  -18.162 1.00 69.84  ? 166 ASP B C   1 
ATOM   660  O O   . ASP A 1 161 ? 7.779   -3.746  -18.195 1.00 76.21  ? 166 ASP B O   1 
ATOM   661  C CB  . ASP A 1 161 ? 6.822   -6.607  -19.870 1.00 73.13  ? 166 ASP B CB  1 
ATOM   662  C CG  . ASP A 1 161 ? 7.754   -6.037  -20.915 1.00 77.10  ? 166 ASP B CG  1 
ATOM   663  O OD1 . ASP A 1 161 ? 7.997   -4.813  -20.921 1.00 76.81  ? 166 ASP B OD1 1 
ATOM   664  O OD2 . ASP A 1 161 ? 8.250   -6.833  -21.742 1.00 80.54  ? 166 ASP B OD2 1 
ATOM   665  N N   . ALA A 1 162 ? 8.486   -5.779  -17.572 1.00 71.33  ? 167 ALA B N   1 
ATOM   666  C CA  . ALA A 1 162 ? 9.660   -5.236  -16.891 1.00 70.32  ? 167 ALA B CA  1 
ATOM   667  C C   . ALA A 1 162 ? 10.496  -4.342  -17.819 1.00 72.71  ? 167 ALA B C   1 
ATOM   668  O O   . ALA A 1 162 ? 11.160  -3.421  -17.362 1.00 81.70  ? 167 ALA B O   1 
ATOM   669  C CB  . ALA A 1 162 ? 10.503  -6.349  -16.340 1.00 70.63  ? 167 ALA B CB  1 
ATOM   670  N N   . ASP A 1 163 ? 10.421  -4.591  -19.122 1.00 77.99  ? 168 ASP B N   1 
ATOM   671  C CA  . ASP A 1 163 ? 11.281  -3.917  -20.093 1.00 79.03  ? 168 ASP B CA  1 
ATOM   672  C C   . ASP A 1 163 ? 10.690  -2.590  -20.524 1.00 76.01  ? 168 ASP B C   1 
ATOM   673  O O   . ASP A 1 163 ? 11.120  -2.014  -21.525 1.00 78.64  ? 168 ASP B O   1 
ATOM   674  C CB  . ASP A 1 163 ? 11.504  -4.808  -21.326 1.00 82.09  ? 168 ASP B CB  1 
ATOM   675  C CG  . ASP A 1 163 ? 12.227  -6.109  -20.995 1.00 84.52  ? 168 ASP B CG  1 
ATOM   676  O OD1 . ASP A 1 163 ? 12.923  -6.166  -19.957 1.00 77.72  ? 168 ASP B OD1 1 
ATOM   677  O OD2 . ASP A 1 163 ? 12.093  -7.078  -21.775 1.00 93.27  ? 168 ASP B OD2 1 
ATOM   678  N N   . SER A 1 164 ? 9.708   -2.122  -19.757 1.00 75.40  ? 169 SER B N   1 
ATOM   679  C CA  . SER A 1 164 ? 8.888   -0.955  -20.100 1.00 74.47  ? 169 SER B CA  1 
ATOM   680  C C   . SER A 1 164 ? 8.050   -1.146  -21.365 1.00 72.61  ? 169 SER B C   1 
ATOM   681  O O   . SER A 1 164 ? 7.513   -0.180  -21.896 1.00 78.38  ? 169 SER B O   1 
ATOM   682  C CB  . SER A 1 164 ? 9.759   0.298   -20.256 1.00 80.39  ? 169 SER B CB  1 
ATOM   683  O OG  . SER A 1 164 ? 10.011  0.908   -18.998 1.00 89.23  ? 169 SER B OG  1 
ATOM   684  N N   . LYS A 1 165 ? 7.918   -2.376  -21.847 1.00 71.57  ? 170 LYS B N   1 
ATOM   685  C CA  . LYS A 1 165 ? 7.183   -2.604  -23.086 1.00 74.86  ? 170 LYS B CA  1 
ATOM   686  C C   . LYS A 1 165 ? 5.744   -3.096  -22.844 1.00 73.41  ? 170 LYS B C   1 
ATOM   687  O O   . LYS A 1 165 ? 5.486   -3.927  -21.969 1.00 69.54  ? 170 LYS B O   1 
ATOM   688  C CB  . LYS A 1 165 ? 7.948   -3.587  -23.970 1.00 73.11  ? 170 LYS B CB  1 
ATOM   689  C CG  . LYS A 1 165 ? 9.402   -3.182  -24.202 1.00 84.44  ? 170 LYS B CG  1 
ATOM   690  C CD  . LYS A 1 165 ? 10.009  -3.836  -25.455 1.00 88.86  ? 170 LYS B CD  1 
ATOM   691  C CE  . LYS A 1 165 ? 11.420  -4.385  -25.188 1.00 84.86  ? 170 LYS B CE  1 
ATOM   692  N NZ  . LYS A 1 165 ? 12.356  -3.351  -24.635 1.00 92.74  ? 170 LYS B NZ  1 
ATOM   693  N N   . ILE A 1 166 ? 4.823   -2.544  -23.633 1.00 72.17  ? 171 ILE B N   1 
ATOM   694  C CA  . ILE A 1 166 ? 3.386   -2.812  -23.541 1.00 74.13  ? 171 ILE B CA  1 
ATOM   695  C C   . ILE A 1 166 ? 3.064   -4.307  -23.581 1.00 78.34  ? 171 ILE B C   1 
ATOM   696  O O   . ILE A 1 166 ? 3.722   -5.093  -24.277 1.00 76.67  ? 171 ILE B O   1 
ATOM   697  C CB  . ILE A 1 166 ? 2.623   -2.073  -24.673 1.00 73.82  ? 171 ILE B CB  1 
ATOM   698  C CG1 . ILE A 1 166 ? 2.770   -0.547  -24.551 1.00 81.78  ? 171 ILE B CG1 1 
ATOM   699  C CG2 . ILE A 1 166 ? 1.152   -2.453  -24.694 1.00 72.45  ? 171 ILE B CG2 1 
ATOM   700  C CD1 . ILE A 1 166 ? 2.186   0.055   -23.299 1.00 77.58  ? 171 ILE B CD1 1 
ATOM   701  N N   . VAL A 1 167 ? 2.054   -4.693  -22.810 1.00 72.82  ? 172 VAL B N   1 
ATOM   702  C CA  . VAL A 1 167 ? 1.575   -6.062  -22.786 1.00 73.92  ? 172 VAL B CA  1 
ATOM   703  C C   . VAL A 1 167 ? 0.074   -5.981  -22.975 1.00 74.77  ? 172 VAL B C   1 
ATOM   704  O O   . VAL A 1 167 ? -0.602  -5.175  -22.337 1.00 73.90  ? 172 VAL B O   1 
ATOM   705  C CB  . VAL A 1 167 ? 1.962   -6.800  -21.470 1.00 70.27  ? 172 VAL B CB  1 
ATOM   706  C CG1 . VAL A 1 167 ? 1.366   -8.175  -21.431 1.00 68.33  ? 172 VAL B CG1 1 
ATOM   707  C CG2 . VAL A 1 167 ? 3.463   -6.913  -21.348 1.00 71.19  ? 172 VAL B CG2 1 
ATOM   708  N N   . GLN A 1 168 ? -0.448  -6.793  -23.879 1.00 72.69  ? 173 GLN B N   1 
ATOM   709  C CA  . GLN A 1 168 ? -1.880  -6.838  -24.082 1.00 72.54  ? 173 GLN B CA  1 
ATOM   710  C C   . GLN A 1 168 ? -2.489  -7.847  -23.115 1.00 77.94  ? 173 GLN B C   1 
ATOM   711  O O   . GLN A 1 168 ? -1.972  -8.959  -22.947 1.00 78.22  ? 173 GLN B O   1 
ATOM   712  C CB  . GLN A 1 168 ? -2.225  -7.211  -25.530 1.00 73.79  ? 173 GLN B CB  1 
ATOM   713  C CG  . GLN A 1 168 ? -2.008  -6.115  -26.579 1.00 76.19  ? 173 GLN B CG  1 
ATOM   714  C CD  . GLN A 1 168 ? -2.778  -4.818  -26.325 1.00 78.19  ? 173 GLN B CD  1 
ATOM   715  O OE1 . GLN A 1 168 ? -3.600  -4.709  -25.405 1.00 78.45  ? 173 GLN B OE1 1 
ATOM   716  N NE2 . GLN A 1 168 ? -2.524  -3.830  -27.170 1.00 84.05  ? 173 GLN B NE2 1 
ATOM   717  N N   . LEU A 1 169 ? -3.608  -7.470  -22.509 1.00 75.69  ? 174 LEU B N   1 
ATOM   718  C CA  . LEU A 1 169 ? -4.330  -8.321  -21.576 1.00 74.01  ? 174 LEU B CA  1 
ATOM   719  C C   . LEU A 1 169 ? -4.353  -9.814  -21.972 1.00 80.00  ? 174 LEU B C   1 
ATOM   720  O O   . LEU A 1 169 ? -4.439  -10.698 -21.115 1.00 84.26  ? 174 LEU B O   1 
ATOM   721  C CB  . LEU A 1 169 ? -5.751  -7.783  -21.429 1.00 70.44  ? 174 LEU B CB  1 
ATOM   722  C CG  . LEU A 1 169 ? -6.018  -6.682  -20.387 1.00 78.80  ? 174 LEU B CG  1 
ATOM   723  C CD1 . LEU A 1 169 ? -5.897  -5.255  -20.906 1.00 73.92  ? 174 LEU B CD1 1 
ATOM   724  C CD2 . LEU A 1 169 ? -7.399  -6.880  -19.817 1.00 79.13  ? 174 LEU B CD2 1 
ATOM   725  N N   . SER A 1 170 ? -4.238  -10.084 -23.270 1.00 84.92  ? 175 SER B N   1 
ATOM   726  C CA  . SER A 1 170 ? -4.437  -11.425 -23.809 1.00 85.77  ? 175 SER B CA  1 
ATOM   727  C C   . SER A 1 170 ? -3.129  -12.195 -23.908 1.00 79.90  ? 175 SER B C   1 
ATOM   728  O O   . SER A 1 170 ? -3.116  -13.372 -24.293 1.00 82.85  ? 175 SER B O   1 
ATOM   729  C CB  . SER A 1 170 ? -5.126  -11.367 -25.192 1.00 84.33  ? 175 SER B CB  1 
ATOM   730  O OG  . SER A 1 170 ? -4.499  -10.467 -26.089 1.00 74.40  ? 175 SER B OG  1 
ATOM   731  N N   . GLU A 1 171 ? -2.030  -11.532 -23.573 1.00 80.70  ? 176 GLU B N   1 
ATOM   732  C CA  . GLU A 1 171 ? -0.745  -12.229 -23.454 1.00 84.49  ? 176 GLU B CA  1 
ATOM   733  C C   . GLU A 1 171 ? -0.520  -12.684 -22.013 1.00 80.29  ? 176 GLU B C   1 
ATOM   734  O O   . GLU A 1 171 ? -0.002  -13.772 -21.777 1.00 83.51  ? 176 GLU B O   1 
ATOM   735  C CB  . GLU A 1 171 ? 0.394   -11.342 -23.907 1.00 78.51  ? 176 GLU B CB  1 
ATOM   736  C CG  . GLU A 1 171 ? -0.004  -10.368 -24.981 1.00 75.84  ? 176 GLU B CG  1 
ATOM   737  C CD  . GLU A 1 171 ? 1.148   -9.483  -25.342 1.00 76.66  ? 176 GLU B CD  1 
ATOM   738  O OE1 . GLU A 1 171 ? 2.291   -10.013 -25.334 1.00 79.89  ? 176 GLU B OE1 1 
ATOM   739  O OE2 . GLU A 1 171 ? 0.921   -8.275  -25.592 1.00 70.68  ? 176 GLU B OE2 1 
ATOM   740  N N   . ILE A 1 172 ? -0.912  -11.835 -21.063 1.00 84.01  ? 177 ILE B N   1 
ATOM   741  C CA  . ILE A 1 172 ? -1.108  -12.235 -19.669 1.00 84.31  ? 177 ILE B CA  1 
ATOM   742  C C   . ILE A 1 172 ? -2.164  -13.329 -19.637 1.00 75.30  ? 177 ILE B C   1 
ATOM   743  O O   . ILE A 1 172 ? -3.340  -13.082 -19.378 1.00 80.67  ? 177 ILE B O   1 
ATOM   744  C CB  . ILE A 1 172 ? -1.519  -11.030 -18.793 1.00 87.21  ? 177 ILE B CB  1 
ATOM   745  C CG1 . ILE A 1 172 ? -0.706  -9.787  -19.191 1.00 76.19  ? 177 ILE B CG1 1 
ATOM   746  C CG2 . ILE A 1 172 ? -1.364  -11.367 -17.303 1.00 80.06  ? 177 ILE B CG2 1 
ATOM   747  C CD1 . ILE A 1 172 ? -1.454  -8.487  -19.053 1.00 75.57  ? 177 ILE B CD1 1 
ATOM   748  N N   . SER A 1 173 ? -1.737  -14.547 -19.899 1.00 77.67  ? 178 SER B N   1 
ATOM   749  C CA  . SER A 1 173 ? -2.662  -15.588 -20.287 1.00 86.81  ? 178 SER B CA  1 
ATOM   750  C C   . SER A 1 173 ? -2.322  -16.898 -19.617 1.00 92.73  ? 178 SER B C   1 
ATOM   751  O O   . SER A 1 173 ? -1.198  -17.100 -19.159 1.00 87.75  ? 178 SER B O   1 
ATOM   752  C CB  . SER A 1 173 ? -2.624  -15.754 -21.816 1.00 89.27  ? 178 SER B CB  1 
ATOM   753  O OG  . SER A 1 173 ? -3.138  -17.005 -22.239 1.00 89.58  ? 178 SER B OG  1 
ATOM   754  N N   . MET A 1 174 ? -3.289  -17.802 -19.566 1.00 104.56 ? 179 MET B N   1 
ATOM   755  C CA  . MET A 1 174 ? -2.928  -19.198 -19.419 1.00 103.24 ? 179 MET B CA  1 
ATOM   756  C C   . MET A 1 174 ? -2.146  -19.549 -20.692 1.00 96.05  ? 179 MET B C   1 
ATOM   757  O O   . MET A 1 174 ? -2.447  -19.025 -21.767 1.00 98.12  ? 179 MET B O   1 
ATOM   758  C CB  . MET A 1 174 ? -4.152  -20.107 -19.196 1.00 101.21 ? 179 MET B CB  1 
ATOM   759  C CG  . MET A 1 174 ? -4.567  -20.289 -17.700 1.00 107.51 ? 179 MET B CG  1 
ATOM   760  S SD  . MET A 1 174 ? -3.551  -21.329 -16.579 1.00 92.32  ? 179 MET B SD  1 
ATOM   761  C CE  . MET A 1 174 ? -4.693  -21.671 -15.230 1.00 62.80  ? 179 MET B CE  1 
ATOM   762  N N   . ASP A 1 175 ? -1.119  -20.385 -20.530 1.00 90.57  ? 180 ASP B N   1 
ATOM   763  C CA  . ASP A 1 175 ? -0.136  -20.748 -21.560 1.00 94.60  ? 180 ASP B CA  1 
ATOM   764  C C   . ASP A 1 175 ? 0.988   -19.727 -21.748 1.00 88.12  ? 180 ASP B C   1 
ATOM   765  O O   . ASP A 1 175 ? 2.145   -20.128 -21.811 1.00 85.86  ? 180 ASP B O   1 
ATOM   766  C CB  . ASP A 1 175 ? -0.823  -21.012 -22.902 1.00 92.78  ? 180 ASP B CB  1 
ATOM   767  C CG  . ASP A 1 175 ? -1.616  -22.289 -22.891 1.00 100.17 ? 180 ASP B CG  1 
ATOM   768  O OD1 . ASP A 1 175 ? -2.704  -22.331 -22.264 1.00 100.69 ? 180 ASP B OD1 1 
ATOM   769  O OD2 . ASP A 1 175 ? -1.147  -23.258 -23.515 1.00 103.92 ? 180 ASP B OD2 1 
ATOM   770  N N   . ASN A 1 176 ? 0.682   -18.431 -21.820 1.00 86.02  ? 181 ASN B N   1 
ATOM   771  C CA  . ASN A 1 176 ? 1.731   -17.482 -22.213 1.00 89.81  ? 181 ASN B CA  1 
ATOM   772  C C   . ASN A 1 176 ? 2.486   -16.825 -21.062 1.00 89.05  ? 181 ASN B C   1 
ATOM   773  O O   . ASN A 1 176 ? 3.639   -16.400 -21.231 1.00 84.95  ? 181 ASN B O   1 
ATOM   774  C CB  . ASN A 1 176 ? 1.179   -16.379 -23.106 1.00 87.68  ? 181 ASN B CB  1 
ATOM   775  C CG  . ASN A 1 176 ? 2.275   -15.666 -23.867 1.00 87.61  ? 181 ASN B CG  1 
ATOM   776  O OD1 . ASN A 1 176 ? 3.292   -16.270 -24.210 1.00 93.30  ? 181 ASN B OD1 1 
ATOM   777  N ND2 . ASN A 1 176 ? 2.093   -14.371 -24.104 1.00 90.82  ? 181 ASN B ND2 1 
ATOM   778  N N   . SER A 1 177 ? 1.852   -16.768 -19.897 1.00 86.81  ? 182 SER B N   1 
ATOM   779  C CA  . SER A 1 177 ? 2.460   -16.191 -18.695 1.00 80.20  ? 182 SER B CA  1 
ATOM   780  C C   . SER A 1 177 ? 3.960   -16.498 -18.442 1.00 84.77  ? 182 SER B C   1 
ATOM   781  O O   . SER A 1 177 ? 4.672   -15.649 -17.902 1.00 85.25  ? 182 SER B O   1 
ATOM   782  C CB  . SER A 1 177 ? 1.641   -16.619 -17.466 1.00 85.77  ? 182 SER B CB  1 
ATOM   783  O OG  . SER A 1 177 ? 2.028   -17.890 -16.960 1.00 87.47  ? 182 SER B OG  1 
ATOM   784  N N   . PRO A 1 178 ? 4.454   -17.696 -18.814 1.00 83.20  ? 183 PRO B N   1 
ATOM   785  C CA  . PRO A 1 178 ? 5.885   -17.889 -18.550 1.00 76.16  ? 183 PRO B CA  1 
ATOM   786  C C   . PRO A 1 178 ? 6.821   -17.276 -19.573 1.00 74.37  ? 183 PRO B C   1 
ATOM   787  O O   . PRO A 1 178 ? 8.032   -17.403 -19.422 1.00 74.47  ? 183 PRO B O   1 
ATOM   788  C CB  . PRO A 1 178 ? 6.040   -19.411 -18.555 1.00 82.80  ? 183 PRO B CB  1 
ATOM   789  C CG  . PRO A 1 178 ? 4.904   -19.924 -19.315 1.00 85.09  ? 183 PRO B CG  1 
ATOM   790  C CD  . PRO A 1 178 ? 3.782   -18.969 -19.125 1.00 83.91  ? 183 PRO B CD  1 
ATOM   791  N N   . ASN A 1 179 ? 6.280   -16.629 -20.596 1.00 81.23  ? 184 ASN B N   1 
ATOM   792  C CA  . ASN A 1 179 ? 7.122   -15.999 -21.612 1.00 84.99  ? 184 ASN B CA  1 
ATOM   793  C C   . ASN A 1 179 ? 7.187   -14.486 -21.432 1.00 79.14  ? 184 ASN B C   1 
ATOM   794  O O   . ASN A 1 179 ? 7.965   -13.801 -22.089 1.00 82.16  ? 184 ASN B O   1 
ATOM   795  C CB  . ASN A 1 179 ? 6.618   -16.349 -23.016 1.00 86.27  ? 184 ASN B CB  1 
ATOM   796  C CG  . ASN A 1 179 ? 6.679   -17.840 -23.307 1.00 86.50  ? 184 ASN B CG  1 
ATOM   797  O OD1 . ASN A 1 179 ? 7.683   -18.501 -23.026 1.00 85.01  ? 184 ASN B OD1 1 
ATOM   798  N ND2 . ASN A 1 179 ? 5.612   -18.374 -23.887 1.00 86.65  ? 184 ASN B ND2 1 
ATOM   799  N N   . LEU A 1 180 ? 6.360   -13.983 -20.524 1.00 76.71  ? 185 LEU B N   1 
ATOM   800  C CA  . LEU A 1 180 ? 6.294   -12.568 -20.184 1.00 71.37  ? 185 LEU B CA  1 
ATOM   801  C C   . LEU A 1 180 ? 7.458   -12.117 -19.290 1.00 78.83  ? 185 LEU B C   1 
ATOM   802  O O   . LEU A 1 180 ? 8.129   -12.943 -18.662 1.00 76.83  ? 185 LEU B O   1 
ATOM   803  C CB  . LEU A 1 180 ? 4.966   -12.286 -19.480 1.00 70.81  ? 185 LEU B CB  1 
ATOM   804  C CG  . LEU A 1 180 ? 3.702   -12.534 -20.301 1.00 76.62  ? 185 LEU B CG  1 
ATOM   805  C CD1 . LEU A 1 180 ? 2.514   -12.628 -19.381 1.00 78.54  ? 185 LEU B CD1 1 
ATOM   806  C CD2 . LEU A 1 180 ? 3.494   -11.411 -21.309 1.00 78.74  ? 185 LEU B CD2 1 
ATOM   807  N N   . ALA A 1 181 ? 7.678   -10.800 -19.216 1.00 83.57  ? 186 ALA B N   1 
ATOM   808  C CA  . ALA A 1 181 ? 8.782   -10.220 -18.438 1.00 65.77  ? 186 ALA B CA  1 
ATOM   809  C C   . ALA A 1 181 ? 8.296   -9.675  -17.099 1.00 72.13  ? 186 ALA B C   1 
ATOM   810  O O   . ALA A 1 181 ? 8.160   -8.456  -16.914 1.00 72.04  ? 186 ALA B O   1 
ATOM   811  C CB  . ALA A 1 181 ? 9.461   -9.122  -19.226 1.00 66.25  ? 186 ALA B CB  1 
ATOM   812  N N   . TRP A 1 182 ? 8.027   -10.589 -16.174 1.00 71.02  ? 187 TRP B N   1 
ATOM   813  C CA  . TRP A 1 182 ? 7.674   -10.237 -14.815 1.00 68.61  ? 187 TRP B CA  1 
ATOM   814  C C   . TRP A 1 182 ? 8.819   -9.462  -14.155 1.00 70.31  ? 187 TRP B C   1 
ATOM   815  O O   . TRP A 1 182 ? 9.988   -9.692  -14.459 1.00 69.93  ? 187 TRP B O   1 
ATOM   816  C CB  . TRP A 1 182 ? 7.331   -11.505 -14.039 1.00 68.83  ? 187 TRP B CB  1 
ATOM   817  C CG  . TRP A 1 182 ? 6.206   -12.254 -14.682 1.00 72.26  ? 187 TRP B CG  1 
ATOM   818  C CD1 . TRP A 1 182 ? 6.298   -13.350 -15.503 1.00 73.47  ? 187 TRP B CD1 1 
ATOM   819  C CD2 . TRP A 1 182 ? 4.813   -11.936 -14.590 1.00 71.16  ? 187 TRP B CD2 1 
ATOM   820  N NE1 . TRP A 1 182 ? 5.045   -13.740 -15.910 1.00 72.00  ? 187 TRP B NE1 1 
ATOM   821  C CE2 . TRP A 1 182 ? 4.120   -12.890 -15.368 1.00 72.91  ? 187 TRP B CE2 1 
ATOM   822  C CE3 . TRP A 1 182 ? 4.084   -10.951 -13.913 1.00 69.87  ? 187 TRP B CE3 1 
ATOM   823  C CZ2 . TRP A 1 182 ? 2.728   -12.879 -15.479 1.00 72.32  ? 187 TRP B CZ2 1 
ATOM   824  C CZ3 . TRP A 1 182 ? 2.702   -10.952 -14.025 1.00 69.33  ? 187 TRP B CZ3 1 
ATOM   825  C CH2 . TRP A 1 182 ? 2.042   -11.906 -14.807 1.00 71.72  ? 187 TRP B CH2 1 
ATOM   826  N N   . PRO A 1 183 ? 8.488   -8.514  -13.268 1.00 71.12  ? 188 PRO B N   1 
ATOM   827  C CA  . PRO A 1 183 ? 7.134   -8.156  -12.861 1.00 67.91  ? 188 PRO B CA  1 
ATOM   828  C C   . PRO A 1 183 ? 6.506   -7.193  -13.850 1.00 68.37  ? 188 PRO B C   1 
ATOM   829  O O   . PRO A 1 183 ? 7.254   -6.533  -14.579 1.00 68.26  ? 188 PRO B O   1 
ATOM   830  C CB  . PRO A 1 183 ? 7.363   -7.479  -11.525 1.00 64.98  ? 188 PRO B CB  1 
ATOM   831  C CG  . PRO A 1 183 ? 8.630   -6.765  -11.732 1.00 62.36  ? 188 PRO B CG  1 
ATOM   832  C CD  . PRO A 1 183 ? 9.478   -7.641  -12.621 1.00 65.10  ? 188 PRO B CD  1 
ATOM   833  N N   . LEU A 1 184 ? 5.176   -7.118  -13.864 1.00 67.48  ? 189 LEU B N   1 
ATOM   834  C CA  . LEU A 1 184 ? 4.450   -6.198  -14.717 1.00 64.39  ? 189 LEU B CA  1 
ATOM   835  C C   . LEU A 1 184 ? 3.927   -5.013  -13.908 1.00 64.36  ? 189 LEU B C   1 
ATOM   836  O O   . LEU A 1 184 ? 3.894   -5.059  -12.688 1.00 64.02  ? 189 LEU B O   1 
ATOM   837  C CB  . LEU A 1 184 ? 3.281   -6.902  -15.407 1.00 65.62  ? 189 LEU B CB  1 
ATOM   838  C CG  . LEU A 1 184 ? 3.359   -8.301  -16.021 1.00 65.69  ? 189 LEU B CG  1 
ATOM   839  C CD1 . LEU A 1 184 ? 1.998   -8.682  -16.605 1.00 65.24  ? 189 LEU B CD1 1 
ATOM   840  C CD2 . LEU A 1 184 ? 4.454   -8.446  -17.079 1.00 67.68  ? 189 LEU B CD2 1 
ATOM   841  N N   . ILE A 1 185 ? 3.484   -3.967  -14.603 1.00 67.17  ? 190 ILE B N   1 
ATOM   842  C CA  . ILE A 1 185 ? 2.953   -2.771  -13.963 1.00 63.87  ? 190 ILE B CA  1 
ATOM   843  C C   . ILE A 1 185 ? 1.595   -2.381  -14.517 1.00 66.62  ? 190 ILE B C   1 
ATOM   844  O O   . ILE A 1 185 ? 1.455   -2.017  -15.684 1.00 69.61  ? 190 ILE B O   1 
ATOM   845  C CB  . ILE A 1 185 ? 3.927   -1.601  -14.107 1.00 65.61  ? 190 ILE B CB  1 
ATOM   846  C CG1 . ILE A 1 185 ? 5.161   -1.836  -13.243 1.00 62.94  ? 190 ILE B CG1 1 
ATOM   847  C CG2 . ILE A 1 185 ? 3.253   -0.290  -13.721 1.00 64.57  ? 190 ILE B CG2 1 
ATOM   848  C CD1 . ILE A 1 185 ? 6.288   -0.914  -13.554 1.00 61.21  ? 190 ILE B CD1 1 
ATOM   849  N N   . VAL A 1 186 ? 0.593   -2.423  -13.658 1.00 69.30  ? 191 VAL B N   1 
ATOM   850  C CA  . VAL A 1 186 ? -0.747  -2.023  -14.035 1.00 71.36  ? 191 VAL B CA  1 
ATOM   851  C C   . VAL A 1 186 ? -0.944  -0.538  -13.722 1.00 71.32  ? 191 VAL B C   1 
ATOM   852  O O   . VAL A 1 186 ? -0.788  -0.113  -12.579 1.00 75.27  ? 191 VAL B O   1 
ATOM   853  C CB  . VAL A 1 186 ? -1.803  -2.892  -13.312 1.00 69.14  ? 191 VAL B CB  1 
ATOM   854  C CG1 . VAL A 1 186 ? -3.208  -2.449  -13.660 1.00 74.96  ? 191 VAL B CG1 1 
ATOM   855  C CG2 . VAL A 1 186 ? -1.626  -4.324  -13.680 1.00 75.47  ? 191 VAL B CG2 1 
ATOM   856  N N   . THR A 1 187 ? -1.257  0.247   -14.747 1.00 69.63  ? 192 THR B N   1 
ATOM   857  C CA  . THR A 1 187 ? -1.869  1.543   -14.533 1.00 73.09  ? 192 THR B CA  1 
ATOM   858  C C   . THR A 1 187 ? -3.383  1.406   -14.647 1.00 75.69  ? 192 THR B C   1 
ATOM   859  O O   . THR A 1 187 ? -3.903  1.226   -15.737 1.00 77.21  ? 192 THR B O   1 
ATOM   860  C CB  . THR A 1 187 ? -1.394  2.591   -15.540 1.00 72.90  ? 192 THR B CB  1 
ATOM   861  O OG1 . THR A 1 187 ? 0.040   2.544   -15.650 1.00 78.35  ? 192 THR B OG1 1 
ATOM   862  C CG2 . THR A 1 187 ? -1.842  3.989   -15.092 1.00 67.17  ? 192 THR B CG2 1 
ATOM   863  N N   . ALA A 1 188 ? -4.087  1.493   -13.525 1.00 75.59  ? 193 ALA B N   1 
ATOM   864  C CA  . ALA A 1 188 ? -5.542  1.454   -13.544 1.00 78.23  ? 193 ALA B CA  1 
ATOM   865  C C   . ALA A 1 188 ? -6.145  2.782   -13.084 1.00 76.82  ? 193 ALA B C   1 
ATOM   866  O O   . ALA A 1 188 ? -5.445  3.662   -12.600 1.00 79.16  ? 193 ALA B O   1 
ATOM   867  C CB  . ALA A 1 188 ? -6.054  0.308   -12.682 1.00 74.84  ? 193 ALA B CB  1 
ATOM   868  N N   . LEU A 1 189 ? -7.455  2.908   -13.272 1.00 85.18  ? 194 LEU B N   1 
ATOM   869  C CA  . LEU A 1 189 ? -8.236  4.076   -12.878 1.00 84.36  ? 194 LEU B CA  1 
ATOM   870  C C   . LEU A 1 189 ? -9.370  3.630   -11.961 1.00 89.53  ? 194 LEU B C   1 
ATOM   871  O O   . LEU A 1 189 ? -9.794  2.479   -12.029 1.00 79.12  ? 194 LEU B O   1 
ATOM   872  C CB  . LEU A 1 189 ? -8.798  4.796   -14.106 1.00 78.68  ? 194 LEU B CB  1 
ATOM   873  C CG  . LEU A 1 189 ? -7.905  5.871   -14.722 1.00 84.37  ? 194 LEU B CG  1 
ATOM   874  C CD1 . LEU A 1 189 ? -8.674  6.724   -15.699 1.00 93.79  ? 194 LEU B CD1 1 
ATOM   875  C CD2 . LEU A 1 189 ? -7.352  6.746   -13.630 1.00 96.76  ? 194 LEU B CD2 1 
ATOM   876  N N   . ARG A 1 190 ? -9.864  4.527   -11.107 1.00 94.64  ? 195 ARG B N   1 
ATOM   877  C CA  . ARG A 1 190 ? -10.925 4.142   -10.176 1.00 92.13  ? 195 ARG B CA  1 
ATOM   878  C C   . ARG A 1 190 ? -12.296 4.282   -10.839 1.00 94.34  ? 195 ARG B C   1 
ATOM   879  O O   . ARG A 1 190 ? -12.502 5.150   -11.687 1.00 92.36  ? 195 ARG B O   1 
ATOM   880  C CB  . ARG A 1 190 ? -10.863 4.969   -8.889  1.00 97.74  ? 195 ARG B CB  1 
ATOM   881  C CG  . ARG A 1 190 ? -11.146 4.137   -7.631  1.00 96.59  ? 195 ARG B CG  1 
ATOM   882  C CD  . ARG A 1 190 ? -11.189 4.969   -6.337  1.00 89.91  ? 195 ARG B CD  1 
ATOM   883  N NE  . ARG A 1 190 ? -11.252 4.102   -5.165  1.00 88.78  ? 195 ARG B NE  1 
ATOM   884  C CZ  . ARG A 1 190 ? -10.280 3.987   -4.263  1.00 98.34  ? 195 ARG B CZ  1 
ATOM   885  N NH1 . ARG A 1 190 ? -9.172  4.718   -4.386  1.00 90.28  ? 195 ARG B NH1 1 
ATOM   886  N NH2 . ARG A 1 190 ? -10.420 3.150   -3.234  1.00 88.34  ? 195 ARG B NH2 1 
ATOM   887  N N   . ALA A 1 191 ? -13.224 3.411   -10.451 1.00 94.73  ? 196 ALA B N   1 
ATOM   888  C CA  . ALA A 1 191 ? -14.529 3.317   -11.100 1.00 98.81  ? 196 ALA B CA  1 
ATOM   889  C C   . ALA A 1 191 ? -15.461 4.475   -10.747 1.00 112.47 ? 196 ALA B C   1 
ATOM   890  O O   . ALA A 1 191 ? -16.676 4.285   -10.599 1.00 113.73 ? 196 ALA B O   1 
ATOM   891  C CB  . ALA A 1 191 ? -15.189 1.995   -10.742 1.00 103.86 ? 196 ALA B CB  1 
ATOM   892  N N   . SER B 2 1   ? -15.686 5.862   18.404  1.00 104.04 ? 1   SER A N   1 
ATOM   893  C CA  . SER B 2 1   ? -15.642 4.405   18.257  1.00 110.06 ? 1   SER A CA  1 
ATOM   894  C C   . SER B 2 1   ? -14.221 3.915   17.978  1.00 108.59 ? 1   SER A C   1 
ATOM   895  O O   . SER B 2 1   ? -13.316 4.032   18.816  1.00 106.21 ? 1   SER A O   1 
ATOM   896  C CB  . SER B 2 1   ? -16.610 3.954   17.135  1.00 114.85 ? 1   SER A CB  1 
ATOM   897  O OG  . SER B 2 1   ? -16.061 4.200   15.837  1.00 115.06 ? 1   SER A OG  1 
ATOM   898  N N   . LYS B 2 2   ? -14.048 3.323   16.807  1.00 100.98 ? 2   LYS A N   1 
ATOM   899  C CA  . LYS B 2 2   ? -12.729 2.944   16.366  1.00 103.73 ? 2   LYS A CA  1 
ATOM   900  C C   . LYS B 2 2   ? -12.229 4.110   15.510  1.00 100.32 ? 2   LYS A C   1 
ATOM   901  O O   . LYS B 2 2   ? -11.035 4.205   15.180  1.00 94.92  ? 2   LYS A O   1 
ATOM   902  C CB  . LYS B 2 2   ? -12.751 1.622   15.590  1.00 105.66 ? 2   LYS A CB  1 
ATOM   903  C CG  . LYS B 2 2   ? -11.468 0.799   15.720  1.00 99.40  ? 2   LYS A CG  1 
ATOM   904  C CD  . LYS B 2 2   ? -11.267 -0.174  14.549  1.00 104.41 ? 2   LYS A CD  1 
ATOM   905  C CE  . LYS B 2 2   ? -12.531 -0.886  14.140  1.00 111.90 ? 2   LYS A CE  1 
ATOM   906  N NZ  . LYS B 2 2   ? -12.279 -2.336  13.859  1.00 109.32 ? 2   LYS A NZ  1 
ATOM   907  N N   . MET B 2 3   ? -13.157 5.011   15.179  1.00 95.41  ? 3   MET A N   1 
ATOM   908  C CA  . MET B 2 3   ? -12.827 6.326   14.642  1.00 90.27  ? 3   MET A CA  1 
ATOM   909  C C   . MET B 2 3   ? -11.773 7.012   15.529  1.00 93.00  ? 3   MET A C   1 
ATOM   910  O O   . MET B 2 3   ? -10.979 7.843   15.065  1.00 91.63  ? 3   MET A O   1 
ATOM   911  C CB  . MET B 2 3   ? -14.093 7.166   14.542  1.00 94.64  ? 3   MET A CB  1 
ATOM   912  C CG  . MET B 2 3   ? -13.898 8.548   13.936  1.00 98.23  ? 3   MET A CG  1 
ATOM   913  S SD  . MET B 2 3   ? -14.087 8.606   12.143  1.00 125.00 ? 3   MET A SD  1 
ATOM   914  C CE  . MET B 2 3   ? -15.011 10.116  12.027  1.00 94.03  ? 3   MET A CE  1 
ATOM   915  N N   . SER B 2 4   ? -11.771 6.627   16.804  1.00 93.30  ? 4   SER A N   1 
ATOM   916  C CA  . SER B 2 4   ? -10.756 7.036   17.763  1.00 90.33  ? 4   SER A CA  1 
ATOM   917  C C   . SER B 2 4   ? -9.414  6.405   17.419  1.00 90.57  ? 4   SER A C   1 
ATOM   918  O O   . SER B 2 4   ? -8.357  7.019   17.609  1.00 93.58  ? 4   SER A O   1 
ATOM   919  C CB  . SER B 2 4   ? -11.175 6.638   19.187  1.00 93.41  ? 4   SER A CB  1 
ATOM   920  O OG  . SER B 2 4   ? -10.547 5.437   19.624  1.00 89.28  ? 4   SER A OG  1 
ATOM   921  N N   . ASP B 2 5   ? -9.468  5.174   16.915  1.00 87.44  ? 5   ASP A N   1 
ATOM   922  C CA  . ASP B 2 5   ? -8.287  4.334   16.769  1.00 79.68  ? 5   ASP A CA  1 
ATOM   923  C C   . ASP B 2 5   ? -7.600  4.562   15.431  1.00 78.12  ? 5   ASP A C   1 
ATOM   924  O O   . ASP B 2 5   ? -6.378  4.579   15.348  1.00 78.52  ? 5   ASP A O   1 
ATOM   925  C CB  . ASP B 2 5   ? -8.685  2.866   16.936  1.00 90.48  ? 5   ASP A CB  1 
ATOM   926  C CG  . ASP B 2 5   ? -8.940  2.494   18.394  1.00 97.57  ? 5   ASP A CG  1 
ATOM   927  O OD1 . ASP B 2 5   ? -8.061  2.806   19.223  1.00 96.07  ? 5   ASP A OD1 1 
ATOM   928  O OD2 . ASP B 2 5   ? -10.010 1.912   18.713  1.00 85.36  ? 5   ASP A OD2 1 
ATOM   929  N N   . VAL B 2 6   ? -8.398  4.753   14.385  1.00 79.23  ? 6   VAL A N   1 
ATOM   930  C CA  . VAL B 2 6   ? -7.882  5.086   13.064  1.00 76.12  ? 6   VAL A CA  1 
ATOM   931  C C   . VAL B 2 6   ? -7.136  6.430   13.127  1.00 81.95  ? 6   VAL A C   1 
ATOM   932  O O   . VAL B 2 6   ? -6.120  6.641   12.439  1.00 76.41  ? 6   VAL A O   1 
ATOM   933  C CB  . VAL B 2 6   ? -9.029  5.107   12.027  1.00 80.81  ? 6   VAL A CB  1 
ATOM   934  C CG1 . VAL B 2 6   ? -10.121 6.073   12.456  1.00 89.06  ? 6   VAL A CG1 1 
ATOM   935  C CG2 . VAL B 2 6   ? -8.535  5.417   10.625  1.00 73.59  ? 6   VAL A CG2 1 
ATOM   936  N N   . LYS B 2 7   ? -7.620  7.329   13.982  1.00 81.16  ? 7   LYS A N   1 
ATOM   937  C CA  . LYS B 2 7   ? -6.956  8.609   14.185  1.00 75.07  ? 7   LYS A CA  1 
ATOM   938  C C   . LYS B 2 7   ? -5.663  8.443   14.965  1.00 73.37  ? 7   LYS A C   1 
ATOM   939  O O   . LYS B 2 7   ? -4.711  9.158   14.708  1.00 77.68  ? 7   LYS A O   1 
ATOM   940  C CB  . LYS B 2 7   ? -7.884  9.596   14.896  1.00 74.87  ? 7   LYS A CB  1 
ATOM   941  C CG  . LYS B 2 7   ? -8.940  10.178  13.973  1.00 78.98  ? 7   LYS A CG  1 
ATOM   942  C CD  . LYS B 2 7   ? -9.713  11.307  14.606  1.00 78.46  ? 7   LYS A CD  1 
ATOM   943  C CE  . LYS B 2 7   ? -11.072 11.473  13.919  1.00 84.40  ? 7   LYS A CE  1 
ATOM   944  N NZ  . LYS B 2 7   ? -11.831 12.660  14.405  1.00 70.90  ? 7   LYS A NZ  1 
ATOM   945  N N   . CYS B 2 8   ? -5.605  7.512   15.911  1.00 71.37  ? 8   CYS A N   1 
ATOM   946  C CA  . CYS B 2 8   ? -4.361  7.326   16.649  1.00 69.33  ? 8   CYS A CA  1 
ATOM   947  C C   . CYS B 2 8   ? -3.344  6.698   15.702  1.00 72.25  ? 8   CYS A C   1 
ATOM   948  O O   . CYS B 2 8   ? -2.217  7.197   15.547  1.00 68.92  ? 8   CYS A O   1 
ATOM   949  C CB  . CYS B 2 8   ? -4.558  6.460   17.901  1.00 77.06  ? 8   CYS A CB  1 
ATOM   950  S SG  . CYS B 2 8   ? -2.994  5.873   18.749  1.00 111.80 ? 8   CYS A SG  1 
ATOM   951  N N   . THR B 2 9   ? -3.747  5.612   15.050  1.00 71.49  ? 9   THR A N   1 
ATOM   952  C CA  . THR B 2 9   ? -2.870  4.957   14.092  1.00 72.33  ? 9   THR A CA  1 
ATOM   953  C C   . THR B 2 9   ? -2.307  5.948   13.070  1.00 69.41  ? 9   THR A C   1 
ATOM   954  O O   . THR B 2 9   ? -1.141  5.861   12.698  1.00 65.82  ? 9   THR A O   1 
ATOM   955  C CB  . THR B 2 9   ? -3.590  3.855   13.334  1.00 76.40  ? 9   THR A CB  1 
ATOM   956  O OG1 . THR B 2 9   ? -4.426  3.113   14.226  1.00 72.34  ? 9   THR A OG1 1 
ATOM   957  C CG2 . THR B 2 9   ? -2.574  2.940   12.697  1.00 72.27  ? 9   THR A CG2 1 
ATOM   958  N N   . SER B 2 10  ? -3.136  6.898   12.640  1.00 67.90  ? 10  SER A N   1 
ATOM   959  C CA  . SER B 2 10  ? -2.726  7.838   11.608  1.00 69.92  ? 10  SER A CA  1 
ATOM   960  C C   . SER B 2 10  ? -1.632  8.790   12.139  1.00 68.83  ? 10  SER A C   1 
ATOM   961  O O   . SER B 2 10  ? -0.631  9.069   11.452  1.00 64.81  ? 10  SER A O   1 
ATOM   962  C CB  . SER B 2 10  ? -3.939  8.599   11.064  1.00 67.83  ? 10  SER A CB  1 
ATOM   963  O OG  . SER B 2 10  ? -4.196  9.793   11.764  1.00 68.92  ? 10  SER A OG  1 
ATOM   964  N N   . VAL B 2 11  ? -1.798  9.249   13.374  1.00 68.21  ? 11  VAL A N   1 
ATOM   965  C CA  . VAL B 2 11  ? -0.763  10.017  14.051  1.00 64.18  ? 11  VAL A CA  1 
ATOM   966  C C   . VAL B 2 11  ? 0.559   9.233   14.088  1.00 63.83  ? 11  VAL A C   1 
ATOM   967  O O   . VAL B 2 11  ? 1.628   9.810   13.928  1.00 59.98  ? 11  VAL A O   1 
ATOM   968  C CB  . VAL B 2 11  ? -1.207  10.381  15.463  1.00 62.72  ? 11  VAL A CB  1 
ATOM   969  C CG1 . VAL B 2 11  ? -0.041  10.945  16.223  1.00 62.94  ? 11  VAL A CG1 1 
ATOM   970  C CG2 . VAL B 2 11  ? -2.368  11.357  15.419  1.00 61.16  ? 11  VAL A CG2 1 
ATOM   971  N N   . VAL B 2 12  ? 0.480   7.913   14.284  1.00 63.68  ? 12  VAL A N   1 
ATOM   972  C CA  . VAL B 2 12  ? 1.683   7.089   14.458  1.00 62.96  ? 12  VAL A CA  1 
ATOM   973  C C   . VAL B 2 12  ? 2.318   6.804   13.102  1.00 63.84  ? 12  VAL A C   1 
ATOM   974  O O   . VAL B 2 12  ? 3.538   6.741   12.965  1.00 62.07  ? 12  VAL A O   1 
ATOM   975  C CB  . VAL B 2 12  ? 1.375   5.773   15.198  1.00 61.84  ? 12  VAL A CB  1 
ATOM   976  C CG1 . VAL B 2 12  ? 2.625   4.956   15.356  1.00 59.23  ? 12  VAL A CG1 1 
ATOM   977  C CG2 . VAL B 2 12  ? 0.750   6.042   16.542  1.00 63.64  ? 12  VAL A CG2 1 
ATOM   978  N N   . LEU B 2 13  ? 1.468   6.640   12.099  1.00 66.07  ? 13  LEU A N   1 
ATOM   979  C CA  . LEU B 2 13  ? 1.910   6.448   10.727  1.00 65.28  ? 13  LEU A CA  1 
ATOM   980  C C   . LEU B 2 13  ? 2.715   7.642   10.236  1.00 64.16  ? 13  LEU A C   1 
ATOM   981  O O   . LEU B 2 13  ? 3.774   7.481   9.626   1.00 65.94  ? 13  LEU A O   1 
ATOM   982  C CB  . LEU B 2 13  ? 0.699   6.231   9.838   1.00 64.24  ? 13  LEU A CB  1 
ATOM   983  C CG  . LEU B 2 13  ? 0.851   6.016   8.345   1.00 64.49  ? 13  LEU A CG  1 
ATOM   984  C CD1 . LEU B 2 13  ? 1.836   4.898   8.096   1.00 65.07  ? 13  LEU A CD1 1 
ATOM   985  C CD2 . LEU B 2 13  ? -0.527  5.669   7.819   1.00 62.36  ? 13  LEU A CD2 1 
ATOM   986  N N   . LEU B 2 14  ? 2.210   8.840   10.514  1.00 64.17  ? 14  LEU A N   1 
ATOM   987  C CA  . LEU B 2 14  ? 2.893   10.058  10.113  1.00 62.42  ? 14  LEU A CA  1 
ATOM   988  C C   . LEU B 2 14  ? 4.255   10.058  10.746  1.00 61.16  ? 14  LEU A C   1 
ATOM   989  O O   . LEU B 2 14  ? 5.253   10.238  10.076  1.00 67.10  ? 14  LEU A O   1 
ATOM   990  C CB  . LEU B 2 14  ? 2.103   11.300  10.518  1.00 63.10  ? 14  LEU A CB  1 
ATOM   991  C CG  . LEU B 2 14  ? 2.609   12.605  9.895   1.00 66.17  ? 14  LEU A CG  1 
ATOM   992  C CD1 . LEU B 2 14  ? 2.526   12.580  8.377   1.00 61.96  ? 14  LEU A CD1 1 
ATOM   993  C CD2 . LEU B 2 14  ? 1.868   13.801  10.472  1.00 65.07  ? 14  LEU A CD2 1 
ATOM   994  N N   . SER B 2 15  ? 4.287   9.787   12.040  1.00 64.42  ? 15  SER A N   1 
ATOM   995  C CA  . SER B 2 15  ? 5.526   9.720   12.804  1.00 61.91  ? 15  SER A CA  1 
ATOM   996  C C   . SER B 2 15  ? 6.518   8.676   12.281  1.00 63.62  ? 15  SER A C   1 
ATOM   997  O O   . SER B 2 15  ? 7.738   8.847   12.410  1.00 61.82  ? 15  SER A O   1 
ATOM   998  C CB  . SER B 2 15  ? 5.191   9.446   14.267  1.00 60.32  ? 15  SER A CB  1 
ATOM   999  O OG  . SER B 2 15  ? 6.320   8.982   14.976  1.00 64.48  ? 15  SER A OG  1 
ATOM   1000 N N   . VAL B 2 16  ? 6.005   7.583   11.718  1.00 66.26  ? 16  VAL A N   1 
ATOM   1001 C CA  . VAL B 2 16  ? 6.878   6.576   11.115  1.00 66.45  ? 16  VAL A CA  1 
ATOM   1002 C C   . VAL B 2 16  ? 7.525   7.127   9.846   1.00 66.08  ? 16  VAL A C   1 
ATOM   1003 O O   . VAL B 2 16  ? 8.733   6.987   9.644   1.00 64.11  ? 16  VAL A O   1 
ATOM   1004 C CB  . VAL B 2 16  ? 6.146   5.287   10.780  1.00 61.85  ? 16  VAL A CB  1 
ATOM   1005 C CG1 . VAL B 2 16  ? 7.100   4.372   10.085  1.00 62.30  ? 16  VAL A CG1 1 
ATOM   1006 C CG2 . VAL B 2 16  ? 5.594   4.626   12.033  1.00 64.13  ? 16  VAL A CG2 1 
ATOM   1007 N N   . LEU B 2 17  ? 6.702   7.727   8.988   1.00 64.82  ? 17  LEU A N   1 
ATOM   1008 C CA  . LEU B 2 17  ? 7.198   8.365   7.773   1.00 68.30  ? 17  LEU A CA  1 
ATOM   1009 C C   . LEU B 2 17  ? 8.227   9.412   8.146   1.00 69.26  ? 17  LEU A C   1 
ATOM   1010 O O   . LEU B 2 17  ? 9.243   9.562   7.472   1.00 68.12  ? 17  LEU A O   1 
ATOM   1011 C CB  . LEU B 2 17  ? 6.062   9.003   6.973   1.00 65.45  ? 17  LEU A CB  1 
ATOM   1012 C CG  . LEU B 2 17  ? 5.130   7.944   6.398   1.00 68.57  ? 17  LEU A CG  1 
ATOM   1013 C CD1 . LEU B 2 17  ? 3.842   8.552   5.851   1.00 63.53  ? 17  LEU A CD1 1 
ATOM   1014 C CD2 . LEU B 2 17  ? 5.879   7.124   5.330   1.00 70.20  ? 17  LEU A CD2 1 
ATOM   1015 N N   . GLN B 2 18  ? 7.952   10.108  9.245   1.00 66.57  ? 18  GLN A N   1 
ATOM   1016 C CA  . GLN B 2 18  ? 8.850   11.106  9.786   1.00 65.14  ? 18  GLN A CA  1 
ATOM   1017 C C   . GLN B 2 18  ? 10.226  10.467  9.940   1.00 68.74  ? 18  GLN A C   1 
ATOM   1018 O O   . GLN B 2 18  ? 11.178  10.880  9.289   1.00 69.84  ? 18  GLN A O   1 
ATOM   1019 C CB  . GLN B 2 18  ? 8.313   11.633  11.124  1.00 64.46  ? 18  GLN A CB  1 
ATOM   1020 C CG  . GLN B 2 18  ? 8.444   13.121  11.353  1.00 65.07  ? 18  GLN A CG  1 
ATOM   1021 C CD  . GLN B 2 18  ? 9.844   13.480  11.759  1.00 79.14  ? 18  GLN A CD  1 
ATOM   1022 O OE1 . GLN B 2 18  ? 10.588  12.638  12.279  1.00 83.67  ? 18  GLN A OE1 1 
ATOM   1023 N NE2 . GLN B 2 18  ? 10.231  14.720  11.513  1.00 74.05  ? 18  GLN A NE2 1 
ATOM   1024 N N   . GLN B 2 19  ? 10.297  9.408   10.744  1.00 67.87  ? 19  GLN A N   1 
ATOM   1025 C CA  . GLN B 2 19  ? 11.555  8.766   11.115  1.00 71.62  ? 19  GLN A CA  1 
ATOM   1026 C C   . GLN B 2 19  ? 12.260  8.029   9.965   1.00 78.41  ? 19  GLN A C   1 
ATOM   1027 O O   . GLN B 2 19  ? 13.372  7.498   10.124  1.00 79.01  ? 19  GLN A O   1 
ATOM   1028 C CB  . GLN B 2 19  ? 11.302  7.786   12.255  1.00 73.23  ? 19  GLN A CB  1 
ATOM   1029 C CG  . GLN B 2 19  ? 12.206  8.031   13.446  1.00 90.53  ? 19  GLN A CG  1 
ATOM   1030 C CD  . GLN B 2 19  ? 11.797  7.226   14.657  1.00 92.66  ? 19  GLN A CD  1 
ATOM   1031 O OE1 . GLN B 2 19  ? 10.761  6.555   14.648  1.00 97.38  ? 19  GLN A OE1 1 
ATOM   1032 N NE2 . GLN B 2 19  ? 12.619  7.261   15.696  1.00 82.45  ? 19  GLN A NE2 1 
ATOM   1033 N N   . LEU B 2 20  ? 11.591  7.969   8.819   1.00 73.39  ? 20  LEU A N   1 
ATOM   1034 C CA  . LEU B 2 20  ? 12.195  7.451   7.612   1.00 70.35  ? 20  LEU A CA  1 
ATOM   1035 C C   . LEU B 2 20  ? 12.513  8.640   6.704   1.00 70.47  ? 20  LEU A C   1 
ATOM   1036 O O   . LEU B 2 20  ? 12.748  8.478   5.520   1.00 72.22  ? 20  LEU A O   1 
ATOM   1037 C CB  . LEU B 2 20  ? 11.269  6.444   6.920   1.00 74.53  ? 20  LEU A CB  1 
ATOM   1038 C CG  . LEU B 2 20  ? 10.742  5.244   7.714   1.00 67.98  ? 20  LEU A CG  1 
ATOM   1039 C CD1 . LEU B 2 20  ? 9.428   4.785   7.123   1.00 69.26  ? 20  LEU A CD1 1 
ATOM   1040 C CD2 . LEU B 2 20  ? 11.744  4.102   7.686   1.00 72.91  ? 20  LEU A CD2 1 
ATOM   1041 N N   . ARG B 2 21  ? 12.481  9.836   7.279   1.00 71.13  ? 21  ARG A N   1 
ATOM   1042 C CA  . ARG B 2 21  ? 13.051  11.041  6.667   1.00 73.38  ? 21  ARG A CA  1 
ATOM   1043 C C   . ARG B 2 21  ? 12.319  11.525  5.425   1.00 75.70  ? 21  ARG A C   1 
ATOM   1044 O O   . ARG B 2 21  ? 12.945  11.886  4.438   1.00 88.50  ? 21  ARG A O   1 
ATOM   1045 C CB  . ARG B 2 21  ? 14.528  10.807  6.332   1.00 70.77  ? 21  ARG A CB  1 
ATOM   1046 C CG  . ARG B 2 21  ? 15.370  10.448  7.538   1.00 73.86  ? 21  ARG A CG  1 
ATOM   1047 C CD  . ARG B 2 21  ? 16.847  10.318  7.194   1.00 76.09  ? 21  ARG A CD  1 
ATOM   1048 N NE  . ARG B 2 21  ? 17.718  10.516  8.350   1.00 71.71  ? 21  ARG A NE  1 
ATOM   1049 C CZ  . ARG B 2 21  ? 18.227  9.540   9.096   1.00 75.19  ? 21  ARG A CZ  1 
ATOM   1050 N NH1 . ARG B 2 21  ? 17.959  8.274   8.815   1.00 78.42  ? 21  ARG A NH1 1 
ATOM   1051 N NH2 . ARG B 2 21  ? 19.013  9.836   10.123  1.00 75.27  ? 21  ARG A NH2 1 
ATOM   1052 N N   . VAL B 2 22  ? 10.995  11.585  5.498   1.00 80.65  ? 22  VAL A N   1 
ATOM   1053 C CA  . VAL B 2 22  ? 10.167  11.959  4.354   1.00 79.34  ? 22  VAL A CA  1 
ATOM   1054 C C   . VAL B 2 22  ? 10.102  13.476  4.151   1.00 82.06  ? 22  VAL A C   1 
ATOM   1055 O O   . VAL B 2 22  ? 9.885   13.929  3.028   1.00 94.95  ? 22  VAL A O   1 
ATOM   1056 C CB  . VAL B 2 22  ? 8.740   11.339  4.499   1.00 71.62  ? 22  VAL A CB  1 
ATOM   1057 C CG1 . VAL B 2 22  ? 7.779   11.837  3.435   1.00 67.63  ? 22  VAL A CG1 1 
ATOM   1058 C CG2 . VAL B 2 22  ? 8.833   9.844   4.423   1.00 70.02  ? 22  VAL A CG2 1 
ATOM   1059 N N   . GLU B 2 23  ? 10.299  14.267  5.206   1.00 79.25  ? 23  GLU A N   1 
ATOM   1060 C CA  . GLU B 2 23  ? 10.191  15.728  5.070   1.00 81.85  ? 23  GLU A CA  1 
ATOM   1061 C C   . GLU B 2 23  ? 11.222  16.285  4.090   1.00 85.34  ? 23  GLU A C   1 
ATOM   1062 O O   . GLU B 2 23  ? 11.045  17.373  3.547   1.00 83.56  ? 23  GLU A O   1 
ATOM   1063 C CB  . GLU B 2 23  ? 10.340  16.432  6.421   1.00 74.06  ? 23  GLU A CB  1 
ATOM   1064 C CG  . GLU B 2 23  ? 9.323   16.009  7.456   1.00 74.81  ? 23  GLU A CG  1 
ATOM   1065 C CD  . GLU B 2 23  ? 9.761   16.340  8.881   1.00 85.14  ? 23  GLU A CD  1 
ATOM   1066 O OE1 . GLU B 2 23  ? 9.278   17.345  9.456   1.00 79.82  ? 23  GLU A OE1 1 
ATOM   1067 O OE2 . GLU B 2 23  ? 10.614  15.603  9.425   1.00 80.84  ? 23  GLU A OE2 1 
ATOM   1068 N N   . SER B 2 24  ? 12.289  15.527  3.854   1.00 87.00  ? 24  SER A N   1 
ATOM   1069 C CA  . SER B 2 24  ? 13.282  15.897  2.846   1.00 91.32  ? 24  SER A CA  1 
ATOM   1070 C C   . SER B 2 24  ? 12.791  15.613  1.427   1.00 98.43  ? 24  SER A C   1 
ATOM   1071 O O   . SER B 2 24  ? 13.580  15.618  0.487   1.00 107.82 ? 24  SER A O   1 
ATOM   1072 C CB  . SER B 2 24  ? 14.601  15.168  3.091   1.00 90.89  ? 24  SER A CB  1 
ATOM   1073 O OG  . SER B 2 24  ? 15.383  15.871  4.036   1.00 104.65 ? 24  SER A OG  1 
ATOM   1074 N N   . SER B 2 25  ? 11.495  15.331  1.293   1.00 99.95  ? 25  SER A N   1 
ATOM   1075 C CA  . SER B 2 25  ? 10.794  15.351  0.007   1.00 99.37  ? 25  SER A CA  1 
ATOM   1076 C C   . SER B 2 25  ? 9.552   16.201  0.155   1.00 89.55  ? 25  SER A C   1 
ATOM   1077 O O   . SER B 2 25  ? 8.435   15.679  0.211   1.00 84.57  ? 25  SER A O   1 
ATOM   1078 C CB  . SER B 2 25  ? 10.393  13.963  -0.470  1.00 98.25  ? 25  SER A CB  1 
ATOM   1079 O OG  . SER B 2 25  ? 9.298   14.089  -1.365  1.00 91.34  ? 25  SER A OG  1 
ATOM   1080 N N   . SER B 2 26  ? 9.760   17.513  0.182   1.00 85.41  ? 26  SER A N   1 
ATOM   1081 C CA  . SER B 2 26  ? 8.763   18.470  0.640   1.00 85.65  ? 26  SER A CA  1 
ATOM   1082 C C   . SER B 2 26  ? 7.363   18.324  0.060   1.00 81.34  ? 26  SER A C   1 
ATOM   1083 O O   . SER B 2 26  ? 6.487   19.136  0.348   1.00 87.52  ? 26  SER A O   1 
ATOM   1084 C CB  . SER B 2 26  ? 9.266   19.878  0.356   1.00 88.68  ? 26  SER A CB  1 
ATOM   1085 O OG  . SER B 2 26  ? 9.590   19.996  -1.009  1.00 82.01  ? 26  SER A OG  1 
ATOM   1086 N N   . LYS B 2 27  ? 7.138   17.292  -0.739  1.00 82.16  ? 27  LYS A N   1 
ATOM   1087 C CA  . LYS B 2 27  ? 5.851   17.162  -1.398  1.00 79.86  ? 27  LYS A CA  1 
ATOM   1088 C C   . LYS B 2 27  ? 5.146   15.867  -1.100  1.00 70.83  ? 27  LYS A C   1 
ATOM   1089 O O   . LYS B 2 27  ? 3.933   15.811  -1.006  1.00 71.24  ? 27  LYS A O   1 
ATOM   1090 C CB  . LYS B 2 27  ? 6.015   17.309  -2.893  1.00 86.88  ? 27  LYS A CB  1 
ATOM   1091 C CG  . LYS B 2 27  ? 5.894   18.742  -3.298  1.00 90.02  ? 27  LYS A CG  1 
ATOM   1092 C CD  . LYS B 2 27  ? 4.590   19.221  -2.761  1.00 91.97  ? 27  LYS A CD  1 
ATOM   1093 C CE  . LYS B 2 27  ? 4.079   20.419  -3.427  1.00 91.96  ? 27  LYS A CE  1 
ATOM   1094 N NZ  . LYS B 2 27  ? 2.610   20.278  -3.265  1.00 94.41  ? 27  LYS A NZ  1 
ATOM   1095 N N   . LEU B 2 28  ? 5.924   14.818  -0.952  1.00 78.65  ? 28  LEU A N   1 
ATOM   1096 C CA  . LEU B 2 28  ? 5.417   13.593  -0.397  1.00 74.49  ? 28  LEU A CA  1 
ATOM   1097 C C   . LEU B 2 28  ? 4.945   13.877  1.016   1.00 69.82  ? 28  LEU A C   1 
ATOM   1098 O O   . LEU B 2 28  ? 3.884   13.408  1.429   1.00 72.21  ? 28  LEU A O   1 
ATOM   1099 C CB  . LEU B 2 28  ? 6.499   12.521  -0.408  1.00 78.44  ? 28  LEU A CB  1 
ATOM   1100 C CG  . LEU B 2 28  ? 6.041   11.101  -0.111  1.00 76.42  ? 28  LEU A CG  1 
ATOM   1101 C CD1 . LEU B 2 28  ? 4.833   10.717  -0.959  1.00 69.11  ? 28  LEU A CD1 1 
ATOM   1102 C CD2 . LEU B 2 28  ? 7.198   10.189  -0.357  1.00 80.78  ? 28  LEU A CD2 1 
ATOM   1103 N N   . TRP B 2 29  ? 5.727   14.673  1.741   1.00 70.02  ? 29  TRP A N   1 
ATOM   1104 C CA  . TRP B 2 29  ? 5.403   15.000  3.122   1.00 69.59  ? 29  TRP A CA  1 
ATOM   1105 C C   . TRP B 2 29  ? 4.190   15.914  3.181   1.00 67.59  ? 29  TRP A C   1 
ATOM   1106 O O   . TRP B 2 29  ? 3.288   15.719  3.999   1.00 68.17  ? 29  TRP A O   1 
ATOM   1107 C CB  . TRP B 2 29  ? 6.599   15.637  3.832   1.00 72.63  ? 29  TRP A CB  1 
ATOM   1108 C CG  . TRP B 2 29  ? 6.330   15.905  5.262   1.00 66.51  ? 29  TRP A CG  1 
ATOM   1109 C CD1 . TRP B 2 29  ? 6.103   17.119  5.826   1.00 70.85  ? 29  TRP A CD1 1 
ATOM   1110 C CD2 . TRP B 2 29  ? 6.222   14.942  6.324   1.00 70.64  ? 29  TRP A CD2 1 
ATOM   1111 N NE1 . TRP B 2 29  ? 5.867   16.985  7.179   1.00 74.66  ? 29  TRP A NE1 1 
ATOM   1112 C CE2 . TRP B 2 29  ? 5.938   15.657  7.511   1.00 71.39  ? 29  TRP A CE2 1 
ATOM   1113 C CE3 . TRP B 2 29  ? 6.335   13.545  6.388   1.00 69.98  ? 29  TRP A CE3 1 
ATOM   1114 C CZ2 . TRP B 2 29  ? 5.776   15.030  8.748   1.00 62.78  ? 29  TRP A CZ2 1 
ATOM   1115 C CZ3 . TRP B 2 29  ? 6.164   12.920  7.622   1.00 69.88  ? 29  TRP A CZ3 1 
ATOM   1116 C CH2 . TRP B 2 29  ? 5.885   13.666  8.785   1.00 66.06  ? 29  TRP A CH2 1 
ATOM   1117 N N   . ALA B 2 30  ? 4.161   16.901  2.298   1.00 68.04  ? 30  ALA A N   1 
ATOM   1118 C CA  . ALA B 2 30  ? 2.979   17.738  2.105   1.00 65.21  ? 30  ALA A CA  1 
ATOM   1119 C C   . ALA B 2 30  ? 1.691   16.910  1.994   1.00 70.98  ? 30  ALA A C   1 
ATOM   1120 O O   . ALA B 2 30  ? 0.704   17.145  2.702   1.00 68.57  ? 30  ALA A O   1 
ATOM   1121 C CB  . ALA B 2 30  ? 3.158   18.563  0.883   1.00 67.43  ? 30  ALA A CB  1 
ATOM   1122 N N   . GLN B 2 31  ? 1.720   15.930  1.094   1.00 75.51  ? 31  GLN A N   1 
ATOM   1123 C CA  . GLN B 2 31  ? 0.601   15.012  0.891   1.00 69.30  ? 31  GLN A CA  1 
ATOM   1124 C C   . GLN B 2 31  ? 0.287   14.237  2.156   1.00 68.54  ? 31  GLN A C   1 
ATOM   1125 O O   . GLN B 2 31  ? -0.875  14.143  2.559   1.00 66.91  ? 31  GLN A O   1 
ATOM   1126 C CB  . GLN B 2 31  ? 0.918   14.057  -0.259  1.00 72.43  ? 31  GLN A CB  1 
ATOM   1127 C CG  . GLN B 2 31  ? 0.930   14.743  -1.634  1.00 74.19  ? 31  GLN A CG  1 
ATOM   1128 C CD  . GLN B 2 31  ? 1.574   13.894  -2.728  1.00 82.37  ? 31  GLN A CD  1 
ATOM   1129 O OE1 . GLN B 2 31  ? 2.557   13.172  -2.495  1.00 76.38  ? 31  GLN A OE1 1 
ATOM   1130 N NE2 . GLN B 2 31  ? 1.024   13.987  -3.938  1.00 86.43  ? 31  GLN A NE2 1 
ATOM   1131 N N   . CYS B 2 32  ? 1.328   13.695  2.786   1.00 66.04  ? 32  CYS A N   1 
ATOM   1132 C CA  . CYS B 2 32  ? 1.149   12.936  4.007   1.00 65.11  ? 32  CYS A CA  1 
ATOM   1133 C C   . CYS B 2 32  ? 0.495   13.745  5.091   1.00 67.41  ? 32  CYS A C   1 
ATOM   1134 O O   . CYS B 2 32  ? -0.438  13.283  5.757   1.00 65.89  ? 32  CYS A O   1 
ATOM   1135 C CB  . CYS B 2 32  ? 2.476   12.429  4.497   1.00 64.03  ? 32  CYS A CB  1 
ATOM   1136 S SG  . CYS B 2 32  ? 3.044   11.208  3.410   1.00 68.10  ? 32  CYS A SG  1 
ATOM   1137 N N   . VAL B 2 33  ? 1.004   14.954  5.272   1.00 67.33  ? 33  VAL A N   1 
ATOM   1138 C CA  . VAL B 2 33  ? 0.532   15.804  6.342   1.00 66.76  ? 33  VAL A CA  1 
ATOM   1139 C C   . VAL B 2 33  ? -0.931  16.089  6.150   1.00 72.33  ? 33  VAL A C   1 
ATOM   1140 O O   . VAL B 2 33  ? -1.739  15.943  7.060   1.00 71.37  ? 33  VAL A O   1 
ATOM   1141 C CB  . VAL B 2 33  ? 1.307   17.090  6.402   1.00 66.35  ? 33  VAL A CB  1 
ATOM   1142 C CG1 . VAL B 2 33  ? 0.519   18.110  7.204   1.00 75.94  ? 33  VAL A CG1 1 
ATOM   1143 C CG2 . VAL B 2 33  ? 2.686   16.839  7.015   1.00 63.15  ? 33  VAL A CG2 1 
ATOM   1144 N N   . GLN B 2 34  ? -1.260  16.491  4.933   1.00 78.82  ? 34  GLN A N   1 
ATOM   1145 C CA  . GLN B 2 34  ? -2.628  16.806  4.577   1.00 76.59  ? 34  GLN A CA  1 
ATOM   1146 C C   . GLN B 2 34  ? -3.496  15.549  4.710   1.00 75.34  ? 34  GLN A C   1 
ATOM   1147 O O   . GLN B 2 34  ? -4.610  15.606  5.246   1.00 75.56  ? 34  GLN A O   1 
ATOM   1148 C CB  . GLN B 2 34  ? -2.672  17.392  3.165   1.00 72.41  ? 34  GLN A CB  1 
ATOM   1149 C CG  . GLN B 2 34  ? -4.026  17.354  2.480   1.00 83.85  ? 34  GLN A CG  1 
ATOM   1150 C CD  . GLN B 2 34  ? -5.023  18.332  3.072   1.00 91.95  ? 34  GLN A CD  1 
ATOM   1151 O OE1 . GLN B 2 34  ? -5.417  18.228  4.242   1.00 86.98  ? 34  GLN A OE1 1 
ATOM   1152 N NE2 . GLN B 2 34  ? -5.438  19.298  2.261   1.00 100.62 ? 34  GLN A NE2 1 
ATOM   1153 N N   . LEU B 2 35  ? -2.988  14.406  4.254   1.00 72.80  ? 35  LEU A N   1 
ATOM   1154 C CA  . LEU B 2 35  ? -3.752  13.173  4.430   1.00 72.36  ? 35  LEU A CA  1 
ATOM   1155 C C   . LEU B 2 35  ? -3.969  12.925  5.911   1.00 73.86  ? 35  LEU A C   1 
ATOM   1156 O O   . LEU B 2 35  ? -4.995  12.419  6.300   1.00 72.45  ? 35  LEU A O   1 
ATOM   1157 C CB  . LEU B 2 35  ? -3.070  11.979  3.781   1.00 65.04  ? 35  LEU A CB  1 
ATOM   1158 C CG  . LEU B 2 35  ? -3.419  11.809  2.303   1.00 70.18  ? 35  LEU A CG  1 
ATOM   1159 C CD1 . LEU B 2 35  ? -2.339  11.020  1.573   1.00 69.46  ? 35  LEU A CD1 1 
ATOM   1160 C CD2 . LEU B 2 35  ? -4.798  11.157  2.122   1.00 69.80  ? 35  LEU A CD2 1 
ATOM   1161 N N   . HIS B 2 36  ? -3.008  13.338  6.728   1.00 77.54  ? 36  HIS A N   1 
ATOM   1162 C CA  . HIS B 2 36  ? -3.065  13.146  8.172   1.00 71.89  ? 36  HIS A CA  1 
ATOM   1163 C C   . HIS B 2 36  ? -4.019  14.121  8.880   1.00 71.99  ? 36  HIS A C   1 
ATOM   1164 O O   . HIS B 2 36  ? -4.738  13.765  9.813   1.00 67.73  ? 36  HIS A O   1 
ATOM   1165 C CB  . HIS B 2 36  ? -1.660  13.288  8.738   1.00 73.51  ? 36  HIS A CB  1 
ATOM   1166 C CG  . HIS B 2 36  ? -1.617  13.382  10.225  1.00 71.80  ? 36  HIS A CG  1 
ATOM   1167 N ND1 . HIS B 2 36  ? -1.693  14.582  10.899  1.00 68.42  ? 36  HIS A ND1 1 
ATOM   1168 C CD2 . HIS B 2 36  ? -1.499  12.424  11.177  1.00 66.07  ? 36  HIS A CD2 1 
ATOM   1169 C CE1 . HIS B 2 36  ? -1.634  14.357  12.194  1.00 70.83  ? 36  HIS A CE1 1 
ATOM   1170 N NE2 . HIS B 2 36  ? -1.506  13.054  12.393  1.00 66.99  ? 36  HIS A NE2 1 
ATOM   1171 N N   . ASN B 2 37  ? -4.013  15.366  8.441   1.00 78.15  ? 37  ASN A N   1 
ATOM   1172 C CA  . ASN B 2 37  ? -4.921  16.334  9.015   1.00 77.65  ? 37  ASN A CA  1 
ATOM   1173 C C   . ASN B 2 37  ? -6.335  16.002  8.608   1.00 79.97  ? 37  ASN A C   1 
ATOM   1174 O O   . ASN B 2 37  ? -7.272  16.280  9.346   1.00 80.63  ? 37  ASN A O   1 
ATOM   1175 C CB  . ASN B 2 37  ? -4.578  17.751  8.570   1.00 81.57  ? 37  ASN A CB  1 
ATOM   1176 C CG  . ASN B 2 37  ? -3.138  18.089  8.804   1.00 83.34  ? 37  ASN A CG  1 
ATOM   1177 O OD1 . ASN B 2 37  ? -2.420  17.338  9.466   1.00 90.60  ? 37  ASN A OD1 1 
ATOM   1178 N ND2 . ASN B 2 37  ? -2.697  19.222  8.266   1.00 80.14  ? 37  ASN A ND2 1 
ATOM   1179 N N   . ASP B 2 38  ? -6.483  15.413  7.428   1.00 80.42  ? 38  ASP A N   1 
ATOM   1180 C CA  . ASP B 2 38  ? -7.808  15.177  6.879   1.00 76.99  ? 38  ASP A CA  1 
ATOM   1181 C C   . ASP B 2 38  ? -8.552  14.214  7.763   1.00 73.46  ? 38  ASP A C   1 
ATOM   1182 O O   . ASP B 2 38  ? -9.716  14.446  8.075   1.00 71.53  ? 38  ASP A O   1 
ATOM   1183 C CB  . ASP B 2 38  ? -7.735  14.625  5.452   1.00 79.93  ? 38  ASP A CB  1 
ATOM   1184 C CG  . ASP B 2 38  ? -7.608  15.713  4.400   1.00 82.82  ? 38  ASP A CG  1 
ATOM   1185 O OD1 . ASP B 2 38  ? -7.799  16.902  4.739   1.00 79.46  ? 38  ASP A OD1 1 
ATOM   1186 O OD2 . ASP B 2 38  ? -7.318  15.365  3.229   1.00 85.50  ? 38  ASP A OD2 1 
ATOM   1187 N N   . ILE B 2 39  ? -7.863  13.150  8.190   1.00 72.88  ? 39  ILE A N   1 
ATOM   1188 C CA  . ILE B 2 39  ? -8.526  12.084  8.930   1.00 74.40  ? 39  ILE A CA  1 
ATOM   1189 C C   . ILE B 2 39  ? -8.665  12.398  10.411  1.00 73.21  ? 39  ILE A C   1 
ATOM   1190 O O   . ILE B 2 39  ? -9.584  11.910  11.076  1.00 73.96  ? 39  ILE A O   1 
ATOM   1191 C CB  . ILE B 2 39  ? -7.831  10.697  8.751   1.00 70.98  ? 39  ILE A CB  1 
ATOM   1192 C CG1 . ILE B 2 39  ? -7.267  10.185  10.064  1.00 66.11  ? 39  ILE A CG1 1 
ATOM   1193 C CG2 . ILE B 2 39  ? -6.804  10.692  7.663   1.00 70.89  ? 39  ILE A CG2 1 
ATOM   1194 C CD1 . ILE B 2 39  ? -7.538  8.755   10.232  1.00 67.98  ? 39  ILE A CD1 1 
ATOM   1195 N N   . LEU B 2 40  ? -7.780  13.214  10.950  1.00 73.09  ? 40  LEU A N   1 
ATOM   1196 C CA  . LEU B 2 40  ? -7.987  13.559  12.333  1.00 75.84  ? 40  LEU A CA  1 
ATOM   1197 C C   . LEU B 2 40  ? -9.279  14.360  12.374  1.00 78.60  ? 40  LEU A C   1 
ATOM   1198 O O   . LEU B 2 40  ? -10.070 14.255  13.308  1.00 80.61  ? 40  LEU A O   1 
ATOM   1199 C CB  . LEU B 2 40  ? -6.806  14.327  12.898  1.00 79.31  ? 40  LEU A CB  1 
ATOM   1200 C CG  . LEU B 2 40  ? -5.662  13.423  13.383  1.00 74.77  ? 40  LEU A CG  1 
ATOM   1201 C CD1 . LEU B 2 40  ? -4.539  14.288  13.895  1.00 73.18  ? 40  LEU A CD1 1 
ATOM   1202 C CD2 . LEU B 2 40  ? -6.116  12.487  14.470  1.00 71.75  ? 40  LEU A CD2 1 
ATOM   1203 N N   . LEU B 2 41  ? -9.517  15.097  11.299  1.00 80.34  ? 41  LEU A N   1 
ATOM   1204 C CA  . LEU B 2 41  ? -10.712 15.916  11.162  1.00 80.65  ? 41  LEU A CA  1 
ATOM   1205 C C   . LEU B 2 41  ? -11.982 15.118  10.824  1.00 86.79  ? 41  LEU A C   1 
ATOM   1206 O O   . LEU B 2 41  ? -13.090 15.566  11.142  1.00 87.26  ? 41  LEU A O   1 
ATOM   1207 C CB  . LEU B 2 41  ? -10.473 16.983  10.097  1.00 78.55  ? 41  LEU A CB  1 
ATOM   1208 C CG  . LEU B 2 41  ? -9.519  18.086  10.567  1.00 87.57  ? 41  LEU A CG  1 
ATOM   1209 C CD1 . LEU B 2 41  ? -9.009  18.922  9.386   1.00 84.30  ? 41  LEU A CD1 1 
ATOM   1210 C CD2 . LEU B 2 41  ? -10.180 18.955  11.646  1.00 91.36  ? 41  LEU A CD2 1 
ATOM   1211 N N   . ALA B 2 42  ? -11.820 13.946  10.206  1.00 84.63  ? 42  ALA A N   1 
ATOM   1212 C CA  . ALA B 2 42  ? -12.954 13.142  9.721   1.00 90.86  ? 42  ALA A CA  1 
ATOM   1213 C C   . ALA B 2 42  ? -14.126 13.081  10.708  1.00 92.41  ? 42  ALA A C   1 
ATOM   1214 O O   . ALA B 2 42  ? -13.929 13.009  11.919  1.00 86.79  ? 42  ALA A O   1 
ATOM   1215 C CB  . ALA B 2 42  ? -12.493 11.728  9.376   1.00 76.84  ? 42  ALA A CB  1 
ATOM   1216 N N   . LYS B 2 43  ? -15.345 13.122  10.177  1.00 97.64  ? 43  LYS A N   1 
ATOM   1217 C CA  . LYS B 2 43  ? -16.528 13.138  11.021  1.00 96.21  ? 43  LYS A CA  1 
ATOM   1218 C C   . LYS B 2 43  ? -17.342 11.855  10.854  1.00 94.88  ? 43  LYS A C   1 
ATOM   1219 O O   . LYS B 2 43  ? -18.318 11.625  11.580  1.00 88.98  ? 43  LYS A O   1 
ATOM   1220 C CB  . LYS B 2 43  ? -17.377 14.379  10.727  1.00 98.40  ? 43  LYS A CB  1 
ATOM   1221 C CG  . LYS B 2 43  ? -18.464 14.627  11.761  1.00 97.32  ? 43  LYS A CG  1 
ATOM   1222 C CD  . LYS B 2 43  ? -17.906 14.529  13.193  1.00 89.02  ? 43  LYS A CD  1 
ATOM   1223 C CE  . LYS B 2 43  ? -18.894 13.855  14.155  1.00 89.38  ? 43  LYS A CE  1 
ATOM   1224 N NZ  . LYS B 2 43  ? -19.343 12.517  13.646  1.00 95.38  ? 43  LYS A NZ  1 
ATOM   1225 N N   . ASP B 2 44  ? -16.928 11.007  9.910   1.00 96.55  ? 44  ASP A N   1 
ATOM   1226 C CA  . ASP B 2 44  ? -17.391 9.615   9.898   1.00 90.28  ? 44  ASP A CA  1 
ATOM   1227 C C   . ASP B 2 44  ? -16.269 8.656   9.518   1.00 89.17  ? 44  ASP A C   1 
ATOM   1228 O O   . ASP B 2 44  ? -15.396 8.987   8.720   1.00 91.71  ? 44  ASP A O   1 
ATOM   1229 C CB  . ASP B 2 44  ? -18.595 9.415   8.965   1.00 88.60  ? 44  ASP A CB  1 
ATOM   1230 C CG  . ASP B 2 44  ? -18.222 9.448   7.498   1.00 90.26  ? 44  ASP A CG  1 
ATOM   1231 O OD1 . ASP B 2 44  ? -17.340 10.249  7.135   1.00 101.04 ? 44  ASP A OD1 1 
ATOM   1232 O OD2 . ASP B 2 44  ? -18.817 8.677   6.713   1.00 78.10  ? 44  ASP A OD2 1 
ATOM   1233 N N   . THR B 2 45  ? -16.320 7.460   10.096  1.00 89.59  ? 45  THR A N   1 
ATOM   1234 C CA  . THR B 2 45  ? -15.259 6.466   9.961   1.00 93.99  ? 45  THR A CA  1 
ATOM   1235 C C   . THR B 2 45  ? -14.880 6.132   8.510   1.00 92.75  ? 45  THR A C   1 
ATOM   1236 O O   . THR B 2 45  ? -13.792 5.617   8.250   1.00 89.53  ? 45  THR A O   1 
ATOM   1237 C CB  . THR B 2 45  ? -15.655 5.150   10.649  1.00 83.24  ? 45  THR A CB  1 
ATOM   1238 O OG1 . THR B 2 45  ? -16.641 4.493   9.846   1.00 82.38  ? 45  THR A OG1 1 
ATOM   1239 C CG2 . THR B 2 45  ? -16.238 5.420   12.025  1.00 89.70  ? 45  THR A CG2 1 
ATOM   1240 N N   . THR B 2 46  ? -15.770 6.418   7.569   1.00 88.69  ? 46  THR A N   1 
ATOM   1241 C CA  . THR B 2 46  ? -15.554 5.992   6.190   1.00 86.91  ? 46  THR A CA  1 
ATOM   1242 C C   . THR B 2 46  ? -14.486 6.832   5.510   1.00 80.35  ? 46  THR A C   1 
ATOM   1243 O O   . THR B 2 46  ? -13.434 6.322   5.147   1.00 81.43  ? 46  THR A O   1 
ATOM   1244 C CB  . THR B 2 46  ? -16.862 6.051   5.387   1.00 88.17  ? 46  THR A CB  1 
ATOM   1245 O OG1 . THR B 2 46  ? -17.711 4.962   5.788   1.00 80.54  ? 46  THR A OG1 1 
ATOM   1246 C CG2 . THR B 2 46  ? -16.581 5.978   3.887   1.00 79.99  ? 46  THR A CG2 1 
ATOM   1247 N N   . GLU B 2 47  ? -14.784 8.111   5.334   1.00 80.61  ? 47  GLU A N   1 
ATOM   1248 C CA  . GLU B 2 47  ? -13.835 9.116   4.894   1.00 78.44  ? 47  GLU A CA  1 
ATOM   1249 C C   . GLU B 2 47  ? -12.455 8.876   5.511   1.00 86.36  ? 47  GLU A C   1 
ATOM   1250 O O   . GLU B 2 47  ? -11.452 8.730   4.802   1.00 84.14  ? 47  GLU A O   1 
ATOM   1251 C CB  . GLU B 2 47  ? -14.368 10.486  5.288   1.00 82.86  ? 47  GLU A CB  1 
ATOM   1252 C CG  . GLU B 2 47  ? -13.749 11.672  4.607   1.00 86.22  ? 47  GLU A CG  1 
ATOM   1253 C CD  . GLU B 2 47  ? -14.164 12.970  5.283   1.00 94.40  ? 47  GLU A CD  1 
ATOM   1254 O OE1 . GLU B 2 47  ? -14.422 12.945  6.511   1.00 89.71  ? 47  GLU A OE1 1 
ATOM   1255 O OE2 . GLU B 2 47  ? -14.236 14.009  4.592   1.00 100.86 ? 47  GLU A OE2 1 
ATOM   1256 N N   . ALA B 2 48  ? -12.431 8.816   6.842   1.00 89.20  ? 48  ALA A N   1 
ATOM   1257 C CA  . ALA B 2 48  ? -11.241 8.473   7.627   1.00 78.63  ? 48  ALA A CA  1 
ATOM   1258 C C   . ALA B 2 48  ? -10.511 7.243   7.098   1.00 75.01  ? 48  ALA A C   1 
ATOM   1259 O O   . ALA B 2 48  ? -9.347  7.308   6.723   1.00 77.65  ? 48  ALA A O   1 
ATOM   1260 C CB  . ALA B 2 48  ? -11.636 8.245   9.104   1.00 82.67  ? 48  ALA A CB  1 
ATOM   1261 N N   . PHE B 2 49  ? -11.200 6.113   7.080   1.00 79.37  ? 49  PHE A N   1 
ATOM   1262 C CA  . PHE B 2 49  ? -10.579 4.880   6.638   1.00 76.94  ? 49  PHE A CA  1 
ATOM   1263 C C   . PHE B 2 49  ? -10.106 5.008   5.205   1.00 75.22  ? 49  PHE A C   1 
ATOM   1264 O O   . PHE B 2 49  ? -9.112  4.408   4.833   1.00 75.11  ? 49  PHE A O   1 
ATOM   1265 C CB  . PHE B 2 49  ? -11.539 3.714   6.797   1.00 68.64  ? 49  PHE A CB  1 
ATOM   1266 C CG  . PHE B 2 49  ? -11.416 3.035   8.115   1.00 71.34  ? 49  PHE A CG  1 
ATOM   1267 C CD1 . PHE B 2 49  ? -10.249 2.364   8.448   1.00 71.49  ? 49  PHE A CD1 1 
ATOM   1268 C CD2 . PHE B 2 49  ? -12.445 3.092   9.040   1.00 75.66  ? 49  PHE A CD2 1 
ATOM   1269 C CE1 . PHE B 2 49  ? -10.114 1.740   9.667   1.00 69.98  ? 49  PHE A CE1 1 
ATOM   1270 C CE2 . PHE B 2 49  ? -12.317 2.473   10.273  1.00 77.40  ? 49  PHE A CE2 1 
ATOM   1271 C CZ  . PHE B 2 49  ? -11.145 1.793   10.586  1.00 73.19  ? 49  PHE A CZ  1 
ATOM   1272 N N   . GLU B 2 50  ? -10.788 5.837   4.425   1.00 78.42  ? 50  GLU A N   1 
ATOM   1273 C CA  . GLU B 2 50  ? -10.418 6.019   3.027   1.00 82.26  ? 50  GLU A CA  1 
ATOM   1274 C C   . GLU B 2 50  ? -9.184  6.883   2.899   1.00 76.47  ? 50  GLU A C   1 
ATOM   1275 O O   . GLU B 2 50  ? -8.328  6.608   2.069   1.00 72.20  ? 50  GLU A O   1 
ATOM   1276 C CB  . GLU B 2 50  ? -11.572 6.629   2.226   1.00 80.26  ? 50  GLU A CB  1 
ATOM   1277 C CG  . GLU B 2 50  ? -12.306 5.610   1.371   1.00 87.59  ? 50  GLU A CG  1 
ATOM   1278 C CD  . GLU B 2 50  ? -13.748 6.000   1.110   1.00 106.60 ? 50  GLU A CD  1 
ATOM   1279 O OE1 . GLU B 2 50  ? -14.561 5.102   0.793   1.00 111.79 ? 50  GLU A OE1 1 
ATOM   1280 O OE2 . GLU B 2 50  ? -14.069 7.207   1.228   1.00 114.39 ? 50  GLU A OE2 1 
ATOM   1281 N N   . LYS B 2 51  ? -9.092  7.937   3.703   1.00 72.13  ? 51  LYS A N   1 
ATOM   1282 C CA  . LYS B 2 51  ? -7.897  8.765   3.667   1.00 68.18  ? 51  LYS A CA  1 
ATOM   1283 C C   . LYS B 2 51  ? -6.736  8.015   4.338   1.00 71.83  ? 51  LYS A C   1 
ATOM   1284 O O   . LYS B 2 51  ? -5.566  8.281   4.066   1.00 70.74  ? 51  LYS A O   1 
ATOM   1285 C CB  . LYS B 2 51  ? -8.139  10.103  4.352   1.00 68.82  ? 51  LYS A CB  1 
ATOM   1286 C CG  . LYS B 2 51  ? -9.331  10.856  3.861   1.00 73.48  ? 51  LYS A CG  1 
ATOM   1287 C CD  . LYS B 2 51  ? -9.016  11.634  2.604   1.00 84.05  ? 51  LYS A CD  1 
ATOM   1288 C CE  . LYS B 2 51  ? -10.235 12.401  2.145   1.00 79.19  ? 51  LYS A CE  1 
ATOM   1289 N NZ  . LYS B 2 51  ? -10.535 13.527  3.070   1.00 86.63  ? 51  LYS A NZ  1 
ATOM   1290 N N   . MET B 2 52  ? -7.068  7.069   5.211   1.00 72.65  ? 52  MET A N   1 
ATOM   1291 C CA  . MET B 2 52  ? -6.055  6.253   5.866   1.00 72.78  ? 52  MET A CA  1 
ATOM   1292 C C   . MET B 2 52  ? -5.456  5.213   4.911   1.00 69.52  ? 52  MET A C   1 
ATOM   1293 O O   . MET B 2 52  ? -4.309  4.820   5.061   1.00 74.07  ? 52  MET A O   1 
ATOM   1294 C CB  . MET B 2 52  ? -6.642  5.568   7.102   1.00 70.18  ? 52  MET A CB  1 
ATOM   1295 C CG  . MET B 2 52  ? -5.683  4.633   7.803   1.00 68.77  ? 52  MET A CG  1 
ATOM   1296 S SD  . MET B 2 52  ? -4.235  5.491   8.426   1.00 70.26  ? 52  MET A SD  1 
ATOM   1297 C CE  . MET B 2 52  ? -4.034  4.630   9.959   1.00 65.09  ? 52  MET A CE  1 
ATOM   1298 N N   . VAL B 2 53  ? -6.218  4.754   3.929   1.00 70.84  ? 53  VAL A N   1 
ATOM   1299 C CA  . VAL B 2 53  ? -5.658  3.782   3.003   1.00 71.92  ? 53  VAL A CA  1 
ATOM   1300 C C   . VAL B 2 53  ? -4.653  4.502   2.112   1.00 68.76  ? 53  VAL A C   1 
ATOM   1301 O O   . VAL B 2 53  ? -3.618  3.949   1.770   1.00 73.57  ? 53  VAL A O   1 
ATOM   1302 C CB  . VAL B 2 53  ? -6.762  3.034   2.180   1.00 73.45  ? 53  VAL A CB  1 
ATOM   1303 C CG1 . VAL B 2 53  ? -7.566  3.972   1.327   1.00 70.55  ? 53  VAL A CG1 1 
ATOM   1304 C CG2 . VAL B 2 53  ? -6.140  1.994   1.282   1.00 69.79  ? 53  VAL A CG2 1 
ATOM   1305 N N   . SER B 2 54  ? -4.929  5.751   1.774   1.00 66.83  ? 54  SER A N   1 
ATOM   1306 C CA  . SER B 2 54  ? -4.026  6.505   0.926   1.00 67.23  ? 54  SER A CA  1 
ATOM   1307 C C   . SER B 2 54  ? -2.732  6.815   1.660   1.00 68.51  ? 54  SER A C   1 
ATOM   1308 O O   . SER B 2 54  ? -1.644  6.643   1.110   1.00 65.66  ? 54  SER A O   1 
ATOM   1309 C CB  . SER B 2 54  ? -4.691  7.794   0.457   1.00 73.21  ? 54  SER A CB  1 
ATOM   1310 O OG  . SER B 2 54  ? -5.580  7.544   -0.609  1.00 74.10  ? 54  SER A OG  1 
ATOM   1311 N N   . LEU B 2 55  ? -2.860  7.267   2.907   1.00 70.13  ? 55  LEU A N   1 
ATOM   1312 C CA  . LEU B 2 55  ? -1.686  7.538   3.749   1.00 68.03  ? 55  LEU A CA  1 
ATOM   1313 C C   . LEU B 2 55  ? -0.771  6.320   3.883   1.00 64.64  ? 55  LEU A C   1 
ATOM   1314 O O   . LEU B 2 55  ? 0.430   6.439   3.654   1.00 69.30  ? 55  LEU A O   1 
ATOM   1315 C CB  . LEU B 2 55  ? -2.105  8.030   5.145   1.00 65.66  ? 55  LEU A CB  1 
ATOM   1316 C CG  . LEU B 2 55  ? -0.984  8.683   5.956   1.00 66.36  ? 55  LEU A CG  1 
ATOM   1317 C CD1 . LEU B 2 55  ? -0.476  9.933   5.254   1.00 66.73  ? 55  LEU A CD1 1 
ATOM   1318 C CD2 . LEU B 2 55  ? -1.419  9.006   7.385   1.00 63.36  ? 55  LEU A CD2 1 
ATOM   1319 N N   . LEU B 2 56  ? -1.324  5.152   4.215   1.00 62.88  ? 56  LEU A N   1 
ATOM   1320 C CA  . LEU B 2 56  ? -0.511  3.937   4.334   1.00 63.19  ? 56  LEU A CA  1 
ATOM   1321 C C   . LEU B 2 56  ? 0.184   3.588   3.013   1.00 64.95  ? 56  LEU A C   1 
ATOM   1322 O O   . LEU B 2 56  ? 1.321   3.129   3.007   1.00 70.00  ? 56  LEU A O   1 
ATOM   1323 C CB  . LEU B 2 56  ? -1.355  2.749   4.807   1.00 63.81  ? 56  LEU A CB  1 
ATOM   1324 C CG  . LEU B 2 56  ? -0.703  1.356   4.972   1.00 59.63  ? 56  LEU A CG  1 
ATOM   1325 C CD1 . LEU B 2 56  ? 0.675   1.385   5.573   1.00 61.37  ? 56  LEU A CD1 1 
ATOM   1326 C CD2 . LEU B 2 56  ? -1.583  0.429   5.788   1.00 63.60  ? 56  LEU A CD2 1 
ATOM   1327 N N   . SER B 2 57  ? -0.487  3.813   1.897   1.00 64.94  ? 57  SER A N   1 
ATOM   1328 C CA  . SER B 2 57  ? 0.095   3.494   0.606   1.00 65.61  ? 57  SER A CA  1 
ATOM   1329 C C   . SER B 2 57  ? 1.467   4.146   0.427   1.00 67.69  ? 57  SER A C   1 
ATOM   1330 O O   . SER B 2 57  ? 2.337   3.552   -0.221  1.00 68.48  ? 57  SER A O   1 
ATOM   1331 C CB  . SER B 2 57  ? -0.852  3.903   -0.540  1.00 66.89  ? 57  SER A CB  1 
ATOM   1332 O OG  . SER B 2 57  ? -1.052  5.301   -0.626  1.00 67.32  ? 57  SER A OG  1 
ATOM   1333 N N   . VAL B 2 58  ? 1.669   5.334   1.014   1.00 64.66  ? 58  VAL A N   1 
ATOM   1334 C CA  . VAL B 2 58  ? 2.955   6.038   0.902   1.00 63.95  ? 58  VAL A CA  1 
ATOM   1335 C C   . VAL B 2 58  ? 4.077   5.237   1.538   1.00 69.98  ? 58  VAL A C   1 
ATOM   1336 O O   . VAL B 2 58  ? 5.173   5.101   0.974   1.00 69.67  ? 58  VAL A O   1 
ATOM   1337 C CB  . VAL B 2 58  ? 2.893   7.425   1.532   1.00 65.04  ? 58  VAL A CB  1 
ATOM   1338 C CG1 . VAL B 2 58  ? 4.271   7.881   1.902   1.00 66.47  ? 58  VAL A CG1 1 
ATOM   1339 C CG2 . VAL B 2 58  ? 2.300   8.398   0.564   1.00 68.47  ? 58  VAL A CG2 1 
ATOM   1340 N N   . LEU B 2 59  ? 3.801   4.729   2.736   1.00 69.93  ? 59  LEU A N   1 
ATOM   1341 C CA  . LEU B 2 59  ? 4.681   3.787   3.371   1.00 64.11  ? 59  LEU A CA  1 
ATOM   1342 C C   . LEU B 2 59  ? 4.959   2.656   2.406   1.00 68.32  ? 59  LEU A C   1 
ATOM   1343 O O   . LEU B 2 59  ? 6.069   2.520   1.897   1.00 74.47  ? 59  LEU A O   1 
ATOM   1344 C CB  . LEU B 2 59  ? 4.063   3.254   4.658   1.00 71.01  ? 59  LEU A CB  1 
ATOM   1345 C CG  . LEU B 2 59  ? 4.972   2.372   5.536   1.00 72.20  ? 59  LEU A CG  1 
ATOM   1346 C CD1 . LEU B 2 59  ? 6.153   3.158   6.050   1.00 65.94  ? 59  LEU A CD1 1 
ATOM   1347 C CD2 . LEU B 2 59  ? 4.189   1.789   6.690   1.00 67.27  ? 59  LEU A CD2 1 
ATOM   1348 N N   . LEU B 2 60  ? 3.931   1.870   2.113   1.00 67.62  ? 60  LEU A N   1 
ATOM   1349 C CA  . LEU B 2 60  ? 4.080   0.691   1.260   1.00 66.22  ? 60  LEU A CA  1 
ATOM   1350 C C   . LEU B 2 60  ? 4.690   0.982   -0.110  1.00 67.91  ? 60  LEU A C   1 
ATOM   1351 O O   . LEU B 2 60  ? 5.118   0.062   -0.794  1.00 70.47  ? 60  LEU A O   1 
ATOM   1352 C CB  . LEU B 2 60  ? 2.725   0.003   1.070   1.00 61.22  ? 60  LEU A CB  1 
ATOM   1353 C CG  . LEU B 2 60  ? 2.077   -0.554  2.341   1.00 60.46  ? 60  LEU A CG  1 
ATOM   1354 C CD1 . LEU B 2 60  ? 0.827   -1.332  1.989   1.00 61.64  ? 60  LEU A CD1 1 
ATOM   1355 C CD2 . LEU B 2 60  ? 3.057   -1.415  3.164   1.00 60.67  ? 60  LEU A CD2 1 
ATOM   1356 N N   . SER B 2 61  ? 4.744   2.243   -0.521  1.00 66.52  ? 61  SER A N   1 
ATOM   1357 C CA  . SER B 2 61  ? 5.303   2.547   -1.833  1.00 70.77  ? 61  SER A CA  1 
ATOM   1358 C C   . SER B 2 61  ? 6.791   2.825   -1.758  1.00 79.38  ? 61  SER A C   1 
ATOM   1359 O O   . SER B 2 61  ? 7.447   2.994   -2.797  1.00 82.31  ? 61  SER A O   1 
ATOM   1360 C CB  . SER B 2 61  ? 4.612   3.739   -2.454  1.00 68.42  ? 61  SER A CB  1 
ATOM   1361 O OG  . SER B 2 61  ? 4.979   4.885   -1.720  1.00 77.61  ? 61  SER A OG  1 
ATOM   1362 N N   . MET B 2 62  ? 7.311   2.888   -0.531  1.00 79.44  ? 62  MET A N   1 
ATOM   1363 C CA  . MET B 2 62  ? 8.726   3.169   -0.286  1.00 78.15  ? 62  MET A CA  1 
ATOM   1364 C C   . MET B 2 62  ? 9.554   1.903   -0.270  1.00 88.21  ? 62  MET A C   1 
ATOM   1365 O O   . MET B 2 62  ? 9.305   1.004   0.535   1.00 90.62  ? 62  MET A O   1 
ATOM   1366 C CB  . MET B 2 62  ? 8.906   3.923   1.030   1.00 72.78  ? 62  MET A CB  1 
ATOM   1367 C CG  . MET B 2 62  ? 8.718   5.410   0.876   1.00 78.22  ? 62  MET A CG  1 
ATOM   1368 S SD  . MET B 2 62  ? 7.847   6.177   2.232   1.00 81.85  ? 62  MET A SD  1 
ATOM   1369 C CE  . MET B 2 62  ? 9.124   6.220   3.485   1.00 65.33  ? 62  MET A CE  1 
ATOM   1370 N N   . GLN B 2 63  ? 10.563  1.859   -1.141  1.00 86.25  ? 63  GLN A N   1 
ATOM   1371 C CA  . GLN B 2 63  ? 11.235  0.609   -1.470  1.00 84.37  ? 63  GLN A CA  1 
ATOM   1372 C C   . GLN B 2 63  ? 12.121  0.062   -0.357  1.00 89.85  ? 63  GLN A C   1 
ATOM   1373 O O   . GLN B 2 63  ? 11.756  -0.894  0.333   1.00 93.26  ? 63  GLN A O   1 
ATOM   1374 C CB  . GLN B 2 63  ? 12.042  0.795   -2.747  1.00 87.64  ? 63  GLN A CB  1 
ATOM   1375 C CG  . GLN B 2 63  ? 11.233  1.461   -3.846  1.00 89.09  ? 63  GLN A CG  1 
ATOM   1376 C CD  . GLN B 2 63  ? 11.773  1.167   -5.243  1.00 98.75  ? 63  GLN A CD  1 
ATOM   1377 O OE1 . GLN B 2 63  ? 11.028  1.235   -6.232  1.00 97.14  ? 63  GLN A OE1 1 
ATOM   1378 N NE2 . GLN B 2 63  ? 13.072  0.850   -5.334  1.00 86.23  ? 63  GLN A NE2 1 
ATOM   1379 N N   . GLY B 2 64  ? 13.292  0.653   -0.185  1.00 86.05  ? 64  GLY A N   1 
ATOM   1380 C CA  . GLY B 2 64  ? 14.191  0.167   0.835   1.00 96.54  ? 64  GLY A CA  1 
ATOM   1381 C C   . GLY B 2 64  ? 13.577  0.242   2.219   1.00 96.23  ? 64  GLY A C   1 
ATOM   1382 O O   . GLY B 2 64  ? 13.847  -0.613  3.066   1.00 98.33  ? 64  GLY A O   1 
ATOM   1383 N N   . ALA B 2 65  ? 12.724  1.251   2.411   1.00 91.76  ? 65  ALA A N   1 
ATOM   1384 C CA  . ALA B 2 65  ? 12.244  1.705   3.721   1.00 97.91  ? 65  ALA A CA  1 
ATOM   1385 C C   . ALA B 2 65  ? 11.809  0.593   4.658   1.00 99.98  ? 65  ALA A C   1 
ATOM   1386 O O   . ALA B 2 65  ? 12.558  0.188   5.550   1.00 97.88  ? 65  ALA A O   1 
ATOM   1387 C CB  . ALA B 2 65  ? 11.095  2.673   3.534   1.00 92.28  ? 65  ALA A CB  1 
ATOM   1388 N N   . VAL B 2 66  ? 10.586  0.116   4.468   1.00 95.15  ? 66  VAL A N   1 
ATOM   1389 C CA  . VAL B 2 66  ? 10.104  -0.978  5.286   1.00 101.97 ? 66  VAL A CA  1 
ATOM   1390 C C   . VAL B 2 66  ? 10.016  -2.259  4.468   1.00 98.37  ? 66  VAL A C   1 
ATOM   1391 O O   . VAL B 2 66  ? 9.417   -2.265  3.399   1.00 103.01 ? 66  VAL A O   1 
ATOM   1392 C CB  . VAL B 2 66  ? 8.750   -0.638  5.901   1.00 95.60  ? 66  VAL A CB  1 
ATOM   1393 C CG1 . VAL B 2 66  ? 8.424   -1.623  7.000   1.00 99.43  ? 66  VAL A CG1 1 
ATOM   1394 C CG2 . VAL B 2 66  ? 8.765   0.769   6.429   1.00 89.43  ? 66  VAL A CG2 1 
ATOM   1395 N N   . ASP B 2 67  ? 10.640  -3.333  4.949   1.00 96.94  ? 67  ASP A N   1 
ATOM   1396 C CA  . ASP B 2 67  ? 10.321  -4.655  4.426   1.00 101.22 ? 67  ASP A CA  1 
ATOM   1397 C C   . ASP B 2 67  ? 9.336   -5.303  5.388   1.00 100.11 ? 67  ASP A C   1 
ATOM   1398 O O   . ASP B 2 67  ? 9.700   -5.708  6.492   1.00 101.65 ? 67  ASP A O   1 
ATOM   1399 C CB  . ASP B 2 67  ? 11.565  -5.532  4.241   1.00 103.35 ? 67  ASP A CB  1 
ATOM   1400 C CG  . ASP B 2 67  ? 11.253  -6.840  3.503   1.00 107.69 ? 67  ASP A CG  1 
ATOM   1401 O OD1 . ASP B 2 67  ? 10.614  -7.729  4.104   1.00 103.03 ? 67  ASP A OD1 1 
ATOM   1402 O OD2 . ASP B 2 67  ? 11.621  -6.977  2.313   1.00 109.37 ? 67  ASP A OD2 1 
ATOM   1403 N N   . ILE B 2 68  ? 8.082   -5.369  4.956   1.00 104.26 ? 68  ILE A N   1 
ATOM   1404 C CA  . ILE B 2 68  ? 6.984   -5.921  5.735   1.00 98.41  ? 68  ILE A CA  1 
ATOM   1405 C C   . ILE B 2 68  ? 7.237   -7.375  6.071   1.00 97.23  ? 68  ILE A C   1 
ATOM   1406 O O   . ILE B 2 68  ? 6.813   -7.845  7.131   1.00 100.27 ? 68  ILE A O   1 
ATOM   1407 C CB  . ILE B 2 68  ? 5.642   -5.784  4.969   1.00 97.66  ? 68  ILE A CB  1 
ATOM   1408 C CG1 . ILE B 2 68  ? 5.472   -4.366  4.426   1.00 90.44  ? 68  ILE A CG1 1 
ATOM   1409 C CG2 . ILE B 2 68  ? 4.468   -6.151  5.860   1.00 88.73  ? 68  ILE A CG2 1 
ATOM   1410 C CD1 . ILE B 2 68  ? 4.990   -3.402  5.451   1.00 96.15  ? 68  ILE A CD1 1 
ATOM   1411 N N   . ASN B 2 69  ? 7.918   -8.088  5.173   1.00 98.95  ? 69  ASN A N   1 
ATOM   1412 C CA  . ASN B 2 69  ? 8.126   -9.518  5.366   1.00 100.83 ? 69  ASN A CA  1 
ATOM   1413 C C   . ASN B 2 69  ? 9.069   -9.715  6.540   1.00 95.17  ? 69  ASN A C   1 
ATOM   1414 O O   . ASN B 2 69  ? 8.796   -10.522 7.416   1.00 94.38  ? 69  ASN A O   1 
ATOM   1415 C CB  . ASN B 2 69  ? 8.655   -10.161 4.086   1.00 102.60 ? 69  ASN A CB  1 
ATOM   1416 C CG  . ASN B 2 69  ? 7.532   -10.641 3.176   1.00 98.82  ? 69  ASN A CG  1 
ATOM   1417 O OD1 . ASN B 2 69  ? 6.352   -10.415 3.450   1.00 101.92 ? 69  ASN A OD1 1 
ATOM   1418 N ND2 . ASN B 2 69  ? 7.895   -11.300 2.086   1.00 104.64 ? 69  ASN A ND2 1 
ATOM   1419 N N   . LYS B 2 70  ? 10.130  -8.916  6.586   1.00 94.24  ? 70  LYS A N   1 
ATOM   1420 C CA  . LYS B 2 70  ? 11.080  -8.946  7.702   1.00 105.92 ? 70  LYS A CA  1 
ATOM   1421 C C   . LYS B 2 70  ? 10.428  -8.462  9.015   1.00 100.56 ? 70  LYS A C   1 
ATOM   1422 O O   . LYS B 2 70  ? 10.823  -8.859  10.122  1.00 91.76  ? 70  LYS A O   1 
ATOM   1423 C CB  . LYS B 2 70  ? 12.315  -8.091  7.371   1.00 103.05 ? 70  LYS A CB  1 
ATOM   1424 C CG  . LYS B 2 70  ? 12.998  -8.499  6.065   1.00 114.50 ? 70  LYS A CG  1 
ATOM   1425 C CD  . LYS B 2 70  ? 14.516  -8.659  6.188   1.00 123.44 ? 70  LYS A CD  1 
ATOM   1426 C CE  . LYS B 2 70  ? 15.081  -9.562  5.068   1.00 123.66 ? 70  LYS A CE  1 
ATOM   1427 N NZ  . LYS B 2 70  ? 14.921  -9.020  3.669   1.00 103.96 ? 70  LYS A NZ  1 
ATOM   1428 N N   . LEU B 2 71  ? 9.439   -7.587  8.877   1.00 90.72  ? 71  LEU A N   1 
ATOM   1429 C CA  . LEU B 2 71  ? 8.677   -7.109  10.006  1.00 89.13  ? 71  LEU A CA  1 
ATOM   1430 C C   . LEU B 2 71  ? 7.838   -8.230  10.537  1.00 92.42  ? 71  LEU A C   1 
ATOM   1431 O O   . LEU B 2 71  ? 7.861   -8.537  11.722  1.00 100.11 ? 71  LEU A O   1 
ATOM   1432 C CB  . LEU B 2 71  ? 7.786   -5.952  9.604   1.00 89.77  ? 71  LEU A CB  1 
ATOM   1433 C CG  . LEU B 2 71  ? 8.177   -4.614  10.194  1.00 80.82  ? 71  LEU A CG  1 
ATOM   1434 C CD1 . LEU B 2 71  ? 9.608   -4.330  9.821   1.00 92.32  ? 71  LEU A CD1 1 
ATOM   1435 C CD2 . LEU B 2 71  ? 7.252   -3.565  9.628   1.00 84.10  ? 71  LEU A CD2 1 
ATOM   1436 N N   . CYS B 2 72  ? 7.097   -8.853  9.640   1.00 91.77  ? 72  CYS A N   1 
ATOM   1437 C CA  . CYS B 2 72  ? 6.211   -9.930  10.026  1.00 101.56 ? 72  CYS A CA  1 
ATOM   1438 C C   . CYS B 2 72  ? 7.012   -11.125 10.566  1.00 100.76 ? 72  CYS A C   1 
ATOM   1439 O O   . CYS B 2 72  ? 6.489   -11.912 11.356  1.00 99.88  ? 72  CYS A O   1 
ATOM   1440 C CB  . CYS B 2 72  ? 5.310   -10.309 8.847   1.00 99.44  ? 72  CYS A CB  1 
ATOM   1441 S SG  . CYS B 2 72  ? 4.121   -8.970  8.404   1.00 85.26  ? 72  CYS A SG  1 
ATOM   1442 N N   . GLU B 2 73  ? 8.283   -11.226 10.176  1.00 98.29  ? 73  GLU A N   1 
ATOM   1443 C CA  . GLU B 2 73  ? 9.219   -12.195 10.774  1.00 102.08 ? 73  GLU A CA  1 
ATOM   1444 C C   . GLU B 2 73  ? 9.304   -12.068 12.291  1.00 106.68 ? 73  GLU A C   1 
ATOM   1445 O O   . GLU B 2 73  ? 9.082   -13.029 13.023  1.00 101.72 ? 73  GLU A O   1 
ATOM   1446 C CB  . GLU B 2 73  ? 10.622  -12.026 10.181  1.00 102.96 ? 73  GLU A CB  1 
ATOM   1447 C CG  . GLU B 2 73  ? 11.664  -12.976 10.742  1.00 96.23  ? 73  GLU A CG  1 
ATOM   1448 C CD  . GLU B 2 73  ? 11.936  -14.136 9.814   1.00 114.85 ? 73  GLU A CD  1 
ATOM   1449 O OE1 . GLU B 2 73  ? 12.448  -15.172 10.289  1.00 133.57 ? 73  GLU A OE1 1 
ATOM   1450 O OE2 . GLU B 2 73  ? 11.628  -14.022 8.605   1.00 133.57 ? 73  GLU A OE2 1 
ATOM   1451 N N   . GLU B 2 74  ? 9.648   -10.868 12.747  1.00 104.18 ? 74  GLU A N   1 
ATOM   1452 C CA  . GLU B 2 74  ? 9.773   -10.608 14.165  1.00 106.64 ? 74  GLU A CA  1 
ATOM   1453 C C   . GLU B 2 74  ? 8.407   -10.586 14.815  1.00 106.38 ? 74  GLU A C   1 
ATOM   1454 O O   . GLU B 2 74  ? 8.296   -10.841 16.016  1.00 114.84 ? 74  GLU A O   1 
ATOM   1455 C CB  . GLU B 2 74  ? 10.496  -9.297  14.432  1.00 113.19 ? 74  GLU A CB  1 
ATOM   1456 C CG  . GLU B 2 74  ? 11.964  -9.334  14.071  1.00 123.92 ? 74  GLU A CG  1 
ATOM   1457 C CD  . GLU B 2 74  ? 12.668  -8.028  14.394  1.00 129.72 ? 74  GLU A CD  1 
ATOM   1458 O OE1 . GLU B 2 74  ? 13.730  -8.065  15.058  1.00 135.26 ? 74  GLU A OE1 1 
ATOM   1459 O OE2 . GLU B 2 74  ? 12.169  -6.964  13.963  1.00 135.08 ? 74  GLU A OE2 1 
ATOM   1460 N N   . MET B 2 75  ? 7.371   -10.301 14.029  1.00 106.75 ? 75  MET A N   1 
ATOM   1461 C CA  . MET B 2 75  ? 6.005   -10.329 14.539  1.00 112.68 ? 75  MET A CA  1 
ATOM   1462 C C   . MET B 2 75  ? 5.683   -11.698 15.141  1.00 114.50 ? 75  MET A C   1 
ATOM   1463 O O   . MET B 2 75  ? 5.034   -11.796 16.188  1.00 109.71 ? 75  MET A O   1 
ATOM   1464 C CB  . MET B 2 75  ? 5.020   -9.998  13.424  1.00 108.21 ? 75  MET A CB  1 
ATOM   1465 C CG  . MET B 2 75  ? 5.031   -8.545  12.938  1.00 112.11 ? 75  MET A CG  1 
ATOM   1466 S SD  . MET B 2 75  ? 4.475   -7.266  14.085  1.00 114.85 ? 75  MET A SD  1 
ATOM   1467 C CE  . MET B 2 75  ? 2.721   -7.623  14.189  1.00 133.57 ? 75  MET A CE  1 
ATOM   1468 N N   . LEU B 2 76  ? 6.171   -12.745 14.479  1.00 111.73 ? 76  LEU A N   1 
ATOM   1469 C CA  . LEU B 2 76  ? 5.840   -14.113 14.844  1.00 104.07 ? 76  LEU A CA  1 
ATOM   1470 C C   . LEU B 2 76  ? 6.868   -14.752 15.782  1.00 106.11 ? 76  LEU A C   1 
ATOM   1471 O O   . LEU B 2 76  ? 6.550   -15.692 16.504  1.00 106.34 ? 76  LEU A O   1 
ATOM   1472 C CB  . LEU B 2 76  ? 5.682   -14.958 13.582  1.00 103.95 ? 76  LEU A CB  1 
ATOM   1473 C CG  . LEU B 2 76  ? 4.409   -14.792 12.753  1.00 90.31  ? 76  LEU A CG  1 
ATOM   1474 C CD1 . LEU B 2 76  ? 4.644   -15.413 11.395  1.00 92.73  ? 76  LEU A CD1 1 
ATOM   1475 C CD2 . LEU B 2 76  ? 3.204   -15.429 13.433  1.00 73.52  ? 76  LEU A CD2 1 
ATOM   1476 N N   . ASP B 2 77  ? 8.097   -14.249 15.784  1.00 110.07 ? 77  ASP A N   1 
ATOM   1477 C CA  . ASP B 2 77  ? 9.083   -14.724 16.757  1.00 110.06 ? 77  ASP A CA  1 
ATOM   1478 C C   . ASP B 2 77  ? 8.806   -14.170 18.172  1.00 111.12 ? 77  ASP A C   1 
ATOM   1479 O O   . ASP B 2 77  ? 9.154   -14.803 19.179  1.00 108.35 ? 77  ASP A O   1 
ATOM   1480 C CB  . ASP B 2 77  ? 10.499  -14.352 16.311  1.00 111.41 ? 77  ASP A CB  1 
ATOM   1481 C CG  . ASP B 2 77  ? 10.822  -14.845 14.909  1.00 109.75 ? 77  ASP A CG  1 
ATOM   1482 O OD1 . ASP B 2 77  ? 10.342  -15.935 14.523  1.00 98.89  ? 77  ASP A OD1 1 
ATOM   1483 O OD2 . ASP B 2 77  ? 11.564  -14.135 14.192  1.00 115.09 ? 77  ASP A OD2 1 
ATOM   1484 N N   . ASN B 2 78  ? 8.189   -12.989 18.235  1.00 105.84 ? 78  ASN A N   1 
ATOM   1485 C CA  . ASN B 2 78  ? 7.760   -12.395 19.502  1.00 104.85 ? 78  ASN A CA  1 
ATOM   1486 C C   . ASN B 2 78  ? 6.232   -12.290 19.575  1.00 103.66 ? 78  ASN A C   1 
ATOM   1487 O O   . ASN B 2 78  ? 5.693   -11.190 19.685  1.00 99.40  ? 78  ASN A O   1 
ATOM   1488 C CB  . ASN B 2 78  ? 8.376   -11.000 19.692  1.00 116.42 ? 78  ASN A CB  1 
ATOM   1489 C CG  . ASN B 2 78  ? 9.895   -10.999 19.572  1.00 120.73 ? 78  ASN A CG  1 
ATOM   1490 O OD1 . ASN B 2 78  ? 10.440  -10.574 18.547  1.00 120.48 ? 78  ASN A OD1 1 
ATOM   1491 N ND2 . ASN B 2 78  ? 10.585  -11.455 20.623  1.00 109.20 ? 78  ASN A ND2 1 
ATOM   1492 N N   . ARG B 2 79  ? 5.536   -13.427 19.511  1.00 114.90 ? 79  ARG A N   1 
ATOM   1493 C CA  . ARG B 2 79  ? 4.063   -13.441 19.551  1.00 115.41 ? 79  ARG A CA  1 
ATOM   1494 C C   . ARG B 2 79  ? 3.473   -12.994 20.890  1.00 111.04 ? 79  ARG A C   1 
ATOM   1495 O O   . ARG B 2 79  ? 2.364   -12.459 20.927  1.00 115.59 ? 79  ARG A O   1 
ATOM   1496 C CB  . ARG B 2 79  ? 3.529   -14.828 19.212  1.00 101.64 ? 79  ARG A CB  1 
ATOM   1497 C CG  . ARG B 2 79  ? 3.276   -15.032 17.745  1.00 95.50  ? 79  ARG A CG  1 
ATOM   1498 C CD  . ARG B 2 79  ? 2.604   -16.354 17.531  1.00 86.20  ? 79  ARG A CD  1 
ATOM   1499 N NE  . ARG B 2 79  ? 3.206   -17.416 18.332  1.00 78.93  ? 79  ARG A NE  1 
ATOM   1500 C CZ  . ARG B 2 79  ? 4.424   -17.911 18.122  1.00 82.75  ? 79  ARG A CZ  1 
ATOM   1501 N NH1 . ARG B 2 79  ? 5.186   -17.419 17.163  1.00 90.16  ? 79  ARG A NH1 1 
ATOM   1502 N NH2 . ARG B 2 79  ? 4.892   -18.892 18.880  1.00 92.17  ? 79  ARG A NH2 1 
ATOM   1503 N N   . ALA B 2 80  ? 4.183   -13.251 21.986  1.00 103.46 ? 80  ALA A N   1 
ATOM   1504 C CA  . ALA B 2 80  ? 3.905   -12.541 23.226  1.00 110.73 ? 80  ALA A CA  1 
ATOM   1505 C C   . ALA B 2 80  ? 4.093   -11.041 22.930  1.00 117.17 ? 80  ALA A C   1 
ATOM   1506 O O   . ALA B 2 80  ? 3.116   -10.329 22.648  1.00 101.45 ? 80  ALA A O   1 
ATOM   1507 C CB  . ALA B 2 80  ? 4.824   -13.017 24.355  1.00 96.95  ? 80  ALA A CB  1 
ATOM   1508 N N   . THR B 2 81  ? 5.349   -10.586 22.985  1.00 116.39 ? 81  THR A N   1 
ATOM   1509 C CA  . THR B 2 81  ? 5.783   -9.302  22.413  1.00 106.67 ? 81  THR A CA  1 
ATOM   1510 C C   . THR B 2 81  ? 7.306   -9.201  22.443  1.00 104.89 ? 81  THR A C   1 
ATOM   1511 O O   . THR B 2 81  ? 7.965   -9.841  23.264  1.00 97.09  ? 81  THR A O   1 
ATOM   1512 C CB  . THR B 2 81  ? 5.190   -8.078  23.149  1.00 109.84 ? 81  THR A CB  1 
ATOM   1513 O OG1 . THR B 2 81  ? 3.799   -7.947  22.819  1.00 105.31 ? 81  THR A OG1 1 
ATOM   1514 C CG2 . THR B 2 81  ? 5.932   -6.798  22.749  1.00 93.54  ? 81  THR A CG2 1 
HETATM 1515 O O   . HOH C 3 .   ? -4.786  -5.637  -23.970 1.00 74.91  ? 301 HOH B O   1 
HETATM 1516 O O   . HOH C 3 .   ? 1.258   0.989   -16.338 1.00 67.96  ? 302 HOH B O   1 
HETATM 1517 O O   . HOH C 3 .   ? 21.503  9.173   11.594  1.00 72.43  ? 303 HOH B O   1 
HETATM 1518 O O   . HOH C 3 .   ? -9.765  -4.522  -2.596  1.00 73.08  ? 304 HOH B O   1 
HETATM 1519 O O   . HOH C 3 .   ? -10.642 -7.301  -11.282 1.00 77.03  ? 305 HOH B O   1 
HETATM 1520 O O   . HOH C 3 .   ? -10.305 11.796  -10.663 1.00 89.03  ? 306 HOH B O   1 
HETATM 1521 O O   . HOH C 3 .   ? -0.248  -3.030  -1.806  1.00 67.09  ? 307 HOH B O   1 
HETATM 1522 O O   . HOH C 3 .   ? -6.922  -3.327  9.162   1.00 74.40  ? 308 HOH B O   1 
HETATM 1523 O O   . HOH C 3 .   ? 4.306   -11.929 6.123   1.00 70.09  ? 309 HOH B O   1 
HETATM 1524 O O   . HOH C 3 .   ? 14.526  -7.873  -18.673 1.00 71.97  ? 310 HOH B O   1 
HETATM 1525 O O   . HOH C 3 .   ? 1.537   1.565   17.883  1.00 74.15  ? 311 HOH B O   1 
HETATM 1526 O O   . HOH C 3 .   ? -3.645  -19.941 -24.208 1.00 86.81  ? 312 HOH B O   1 
HETATM 1527 O O   . HOH C 3 .   ? 4.841   -14.923 -12.660 1.00 69.24  ? 313 HOH B O   1 
HETATM 1528 O O   . HOH C 3 .   ? -6.113  -7.890  -4.204  1.00 76.34  ? 314 HOH B O   1 
HETATM 1529 O O   . HOH C 3 .   ? 15.235  -5.872  -21.838 1.00 69.88  ? 315 HOH B O   1 
HETATM 1530 O O   . HOH C 3 .   ? -3.540  -25.285 -23.683 1.00 76.62  ? 316 HOH B O   1 
HETATM 1531 O O   . HOH C 3 .   ? -2.470  9.533   -7.032  1.00 75.98  ? 317 HOH B O   1 
HETATM 1532 O O   . HOH C 3 .   ? -14.875 -8.574  6.694   1.00 63.25  ? 318 HOH B O   1 
HETATM 1533 O O   . HOH C 3 .   ? -10.691 -9.725  -9.394  1.00 79.12  ? 319 HOH B O   1 
HETATM 1534 O O   . HOH C 3 .   ? 2.632   -3.349  20.206  1.00 86.64  ? 320 HOH B O   1 
HETATM 1535 O O   . HOH C 3 .   ? -1.345  -4.676  -6.971  1.00 73.66  ? 321 HOH B O   1 
HETATM 1536 O O   . HOH D 3 .   ? 9.011   -0.882  1.320   1.00 86.40  ? 101 HOH A O   1 
HETATM 1537 O O   . HOH D 3 .   ? 17.978  5.939   9.317   1.00 97.67  ? 102 HOH A O   1 
HETATM 1538 O O   . HOH D 3 .   ? 9.185   18.882  3.694   1.00 68.73  ? 103 HOH A O   1 
HETATM 1539 O O   . HOH D 3 .   ? -13.980 4.780   21.036  1.00 78.62  ? 104 HOH A O   1 
HETATM 1540 O O   . HOH D 3 .   ? -14.517 9.138   -0.473  1.00 85.76  ? 105 HOH A O   1 
HETATM 1541 O O   . HOH D 3 .   ? 7.255   -20.016 18.821  1.00 75.37  ? 106 HOH A O   1 
HETATM 1542 O O   . HOH D 3 .   ? 7.042   9.621   17.529  1.00 63.06  ? 107 HOH A O   1 
HETATM 1543 O O   . HOH D 3 .   ? 9.333   -0.984  -6.695  1.00 66.34  ? 108 HOH A O   1 
HETATM 1544 O O   . HOH D 3 .   ? 16.620  -6.763  3.857   1.00 85.66  ? 109 HOH A O   1 
HETATM 1545 O O   . HOH D 3 .   ? 11.340  -16.501 20.143  1.00 84.48  ? 110 HOH A O   1 
HETATM 1546 O O   . HOH D 3 .   ? 12.532  0.585   -8.706  1.00 78.83  ? 111 HOH A O   1 
HETATM 1547 O O   . HOH D 3 .   ? -2.883  12.404  -6.174  1.00 76.46  ? 112 HOH A O   1 
# 
